data_1UU0
#
_entry.id   1UU0
#
_cell.length_a   183.826
_cell.length_b   139.800
_cell.length_c   53.409
_cell.angle_alpha   90.00
_cell.angle_beta   90.00
_cell.angle_gamma   90.00
#
_symmetry.space_group_name_H-M   'P 21 21 2'
#
loop_
_entity.id
_entity.type
_entity.pdbx_description
1 polymer 'HISTIDINOL-PHOSPHATE AMINOTRANSFERASE'
2 non-polymer 'PHOSPHATE ION'
3 water water
#
_entity_poly.entity_id   1
_entity_poly.type   'polypeptide(L)'
_entity_poly.pdbx_seq_one_letter_code
;MNPLDLIAKRAYPYETEKRDKTYLALNENPFPFPEDLVDEVFRRLNSDALRIYYDSPDEELIEKILSYLDTDFLSKNNVS
VGNGADEIIYVMMLMFDRSVFFPPTYSCYRIFAKAVGAKFLEVPLTKDLRIPEVNVGEGDVVFIPNPNNPTGHVFEREEI
ERILKTGAFVALDEAYYEFHGESYVDFLKKYENLAVIRTFSKAFSLAAQRVGYVVASEKFIDAYNRVRLPFNVSYVSQMF
AKVALDHREIFEERTKFIVEERERMKSALREMGYRITDSRGNFVFVFMEKEEKERLLEHLRTKNVAVRSFREGVRITIGK
REENDMILRELEVFK
;
_entity_poly.pdbx_strand_id   A,B,C,D
#
loop_
_chem_comp.id
_chem_comp.type
_chem_comp.name
_chem_comp.formula
PO4 non-polymer 'PHOSPHATE ION' 'O4 P -3'
#
# COMPACT_ATOMS: atom_id res chain seq x y z
N ILE A 7 -10.14 -2.26 -15.76
CA ILE A 7 -10.54 -2.84 -14.45
C ILE A 7 -10.97 -1.76 -13.46
N ALA A 8 -12.12 -1.98 -12.82
CA ALA A 8 -12.65 -1.01 -11.87
C ALA A 8 -13.25 -1.67 -10.63
N LYS A 9 -12.42 -1.85 -9.60
CA LYS A 9 -12.90 -2.44 -8.34
C LYS A 9 -12.09 -1.96 -7.14
N ARG A 10 -12.51 -0.85 -6.55
CA ARG A 10 -11.82 -0.30 -5.40
C ARG A 10 -12.47 -0.78 -4.11
N ALA A 11 -12.44 -2.10 -3.91
CA ALA A 11 -13.00 -2.71 -2.72
C ALA A 11 -12.07 -2.34 -1.58
N TYR A 12 -11.49 -3.33 -0.92
CA TYR A 12 -10.57 -3.06 0.16
C TYR A 12 -9.15 -3.46 -0.26
N PRO A 13 -8.22 -2.51 -0.21
CA PRO A 13 -6.82 -2.75 -0.59
C PRO A 13 -6.11 -3.77 0.28
N TYR A 14 -5.50 -4.75 -0.37
CA TYR A 14 -4.74 -5.79 0.31
C TYR A 14 -3.41 -5.21 0.80
N GLU A 15 -3.20 -5.25 2.12
CA GLU A 15 -1.96 -4.76 2.74
C GLU A 15 -1.37 -5.89 3.57
N THR A 16 -0.76 -5.56 4.71
CA THR A 16 -0.17 -6.59 5.59
C THR A 16 0.00 -6.11 7.03
N GLU A 17 -0.54 -6.87 7.97
CA GLU A 17 -0.47 -6.53 9.39
C GLU A 17 0.97 -6.52 9.89
N LYS A 18 1.43 -5.34 10.32
CA LYS A 18 2.78 -5.22 10.84
C LYS A 18 2.70 -5.58 12.32
N ARG A 19 3.02 -6.83 12.63
CA ARG A 19 2.96 -7.34 13.99
C ARG A 19 3.80 -6.65 15.04
N ASP A 20 3.23 -6.50 16.23
CA ASP A 20 3.92 -5.87 17.35
C ASP A 20 4.50 -6.92 18.30
N LYS A 21 5.19 -6.45 19.34
CA LYS A 21 5.80 -7.33 20.32
C LYS A 21 4.73 -8.25 20.88
N THR A 22 3.54 -7.69 21.01
CA THR A 22 2.40 -8.41 21.54
C THR A 22 1.30 -8.29 20.52
N TYR A 23 0.98 -9.37 19.83
CA TYR A 23 -0.08 -9.31 18.83
C TYR A 23 -1.34 -9.94 19.38
N LEU A 24 -2.40 -9.17 19.43
CA LEU A 24 -3.64 -9.72 19.94
C LEU A 24 -4.80 -9.17 19.10
N ALA A 25 -4.66 -9.26 17.78
CA ALA A 25 -5.67 -8.73 16.88
C ALA A 25 -6.30 -9.74 15.95
N LEU A 26 -5.84 -10.99 15.99
CA LEU A 26 -6.38 -11.97 15.08
C LEU A 26 -6.98 -13.23 15.66
N ASN A 27 -7.14 -13.28 16.95
CA ASN A 27 -7.73 -14.44 17.57
C ASN A 27 -6.95 -15.68 17.20
N GLU A 28 -5.62 -15.57 17.20
CA GLU A 28 -4.79 -16.73 16.91
C GLU A 28 -4.53 -17.34 18.26
N ASN A 29 -4.20 -18.62 18.29
CA ASN A 29 -3.92 -19.25 19.56
C ASN A 29 -2.61 -18.65 20.02
N PRO A 30 -2.46 -18.43 21.34
CA PRO A 30 -1.22 -17.85 21.84
C PRO A 30 -0.06 -18.83 21.72
N PHE A 31 -0.36 -20.10 21.97
CA PHE A 31 0.65 -21.12 21.94
C PHE A 31 0.98 -21.57 20.54
N PRO A 32 2.23 -21.98 20.33
CA PRO A 32 2.67 -22.45 19.01
C PRO A 32 1.97 -23.80 18.76
N PHE A 33 2.27 -24.49 17.67
CA PHE A 33 1.62 -25.77 17.45
C PHE A 33 2.54 -26.78 18.09
N PRO A 34 1.99 -27.70 18.88
CA PRO A 34 2.85 -28.69 19.52
C PRO A 34 4.00 -29.20 18.63
N GLU A 35 5.24 -28.77 18.92
CA GLU A 35 6.40 -29.21 18.15
C GLU A 35 6.33 -30.72 18.09
N ASP A 36 5.96 -31.29 19.24
CA ASP A 36 5.79 -32.71 19.39
C ASP A 36 5.02 -33.24 18.21
N LEU A 37 3.89 -32.57 17.94
CA LEU A 37 2.97 -32.89 16.86
C LEU A 37 3.48 -32.50 15.47
N VAL A 38 4.24 -31.42 15.38
CA VAL A 38 4.79 -31.01 14.10
C VAL A 38 5.64 -32.18 13.62
N ASP A 39 6.49 -32.64 14.53
CA ASP A 39 7.37 -33.75 14.25
C ASP A 39 6.48 -34.94 13.90
N GLU A 40 5.32 -35.03 14.54
CA GLU A 40 4.40 -36.12 14.27
C GLU A 40 3.84 -35.94 12.85
N VAL A 41 3.72 -34.70 12.39
CA VAL A 41 3.21 -34.46 11.06
C VAL A 41 4.25 -34.82 10.02
N PHE A 42 5.49 -34.41 10.25
CA PHE A 42 6.54 -34.70 9.29
C PHE A 42 6.97 -36.15 9.36
N ARG A 43 6.51 -36.84 10.40
CA ARG A 43 6.82 -38.26 10.58
C ARG A 43 5.88 -39.00 9.63
N ARG A 44 4.69 -38.46 9.47
CA ARG A 44 3.69 -39.03 8.60
C ARG A 44 3.89 -38.60 7.15
N LEU A 45 4.27 -37.35 6.96
CA LEU A 45 4.47 -36.78 5.65
C LEU A 45 5.15 -37.70 4.65
N ASN A 46 4.34 -38.24 3.74
CA ASN A 46 4.86 -39.11 2.69
C ASN A 46 5.15 -38.17 1.54
N SER A 47 6.41 -38.01 1.20
CA SER A 47 6.78 -37.10 0.12
C SER A 47 6.14 -37.40 -1.23
N ASP A 48 5.95 -38.69 -1.54
CA ASP A 48 5.36 -39.12 -2.80
C ASP A 48 3.90 -38.70 -2.86
N ALA A 49 3.43 -38.13 -1.76
CA ALA A 49 2.07 -37.68 -1.69
C ALA A 49 2.09 -36.27 -2.24
N LEU A 50 3.15 -35.55 -1.91
CA LEU A 50 3.28 -34.19 -2.36
C LEU A 50 3.21 -34.09 -3.90
N ARG A 51 3.82 -35.04 -4.60
CA ARG A 51 3.79 -34.99 -6.06
C ARG A 51 2.39 -35.19 -6.61
N ILE A 52 1.68 -36.16 -6.08
CA ILE A 52 0.33 -36.40 -6.57
C ILE A 52 -0.63 -35.37 -6.01
N TYR A 53 -1.80 -35.26 -6.64
CA TYR A 53 -2.82 -34.34 -6.18
C TYR A 53 -3.49 -35.08 -5.04
N TYR A 54 -3.22 -34.65 -3.81
CA TYR A 54 -3.82 -35.32 -2.67
C TYR A 54 -5.31 -35.04 -2.69
N ASP A 55 -6.08 -35.99 -2.19
CA ASP A 55 -7.53 -35.87 -2.15
C ASP A 55 -7.92 -34.75 -1.21
N SER A 56 -8.41 -33.64 -1.78
CA SER A 56 -8.85 -32.46 -1.01
C SER A 56 -9.46 -32.93 0.30
N PRO A 57 -10.80 -32.95 0.43
CA PRO A 57 -11.09 -33.47 1.76
C PRO A 57 -10.61 -34.91 1.75
N ASP A 58 -9.51 -35.14 2.45
CA ASP A 58 -8.89 -36.43 2.59
C ASP A 58 -9.78 -37.43 3.37
N GLU A 59 -9.93 -38.65 2.82
CA GLU A 59 -10.78 -39.66 3.45
C GLU A 59 -10.52 -39.74 4.93
N GLU A 60 -9.25 -39.92 5.28
CA GLU A 60 -8.88 -40.03 6.69
C GLU A 60 -9.12 -38.73 7.46
N LEU A 61 -8.96 -37.59 6.81
CA LEU A 61 -9.20 -36.32 7.51
C LEU A 61 -10.66 -36.23 7.91
N ILE A 62 -11.53 -36.57 6.97
CA ILE A 62 -12.95 -36.53 7.22
C ILE A 62 -13.28 -37.42 8.39
N GLU A 63 -12.87 -38.68 8.32
CA GLU A 63 -13.14 -39.61 9.42
C GLU A 63 -12.63 -39.06 10.75
N LYS A 64 -11.52 -38.33 10.73
CA LYS A 64 -10.98 -37.76 11.97
C LYS A 64 -11.94 -36.66 12.41
N ILE A 65 -12.26 -35.79 11.46
CA ILE A 65 -13.17 -34.68 11.71
C ILE A 65 -14.50 -35.19 12.28
N LEU A 66 -14.98 -36.32 11.75
CA LEU A 66 -16.22 -36.89 12.24
C LEU A 66 -16.05 -37.29 13.69
N SER A 67 -14.96 -38.00 13.97
CA SER A 67 -14.69 -38.44 15.35
C SER A 67 -14.59 -37.26 16.32
N TYR A 68 -14.21 -36.09 15.81
CA TYR A 68 -14.09 -34.92 16.66
C TYR A 68 -15.47 -34.31 16.93
N LEU A 69 -16.37 -34.43 15.96
CA LEU A 69 -17.71 -33.91 16.12
C LEU A 69 -18.45 -34.81 17.11
N ASP A 70 -18.03 -36.08 17.13
CA ASP A 70 -18.58 -37.11 18.03
C ASP A 70 -20.08 -37.30 17.91
N THR A 71 -20.55 -37.52 16.69
CA THR A 71 -21.98 -37.72 16.43
C THR A 71 -22.20 -39.06 15.74
N ASP A 72 -23.44 -39.53 15.75
CA ASP A 72 -23.79 -40.81 15.13
C ASP A 72 -24.38 -40.60 13.74
N PHE A 73 -24.97 -39.44 13.51
CA PHE A 73 -25.60 -39.16 12.24
C PHE A 73 -24.72 -38.56 11.14
N LEU A 74 -23.66 -37.85 11.53
CA LEU A 74 -22.82 -37.26 10.50
C LEU A 74 -22.05 -38.33 9.79
N SER A 75 -21.95 -38.21 8.46
CA SER A 75 -21.21 -39.21 7.69
C SER A 75 -20.23 -38.50 6.76
N LYS A 76 -19.37 -39.29 6.14
CA LYS A 76 -18.38 -38.75 5.22
C LYS A 76 -19.01 -37.97 4.09
N ASN A 77 -20.33 -37.81 4.13
CA ASN A 77 -21.04 -37.07 3.10
C ASN A 77 -21.69 -35.79 3.60
N ASN A 78 -21.45 -35.46 4.87
CA ASN A 78 -22.01 -34.25 5.46
C ASN A 78 -20.88 -33.33 5.87
N VAL A 79 -19.66 -33.71 5.51
CA VAL A 79 -18.49 -32.91 5.86
C VAL A 79 -17.60 -32.66 4.66
N SER A 80 -16.90 -31.54 4.71
CA SER A 80 -15.99 -31.16 3.64
C SER A 80 -14.95 -30.22 4.21
N VAL A 81 -13.88 -30.01 3.45
CA VAL A 81 -12.85 -29.15 3.97
C VAL A 81 -12.70 -27.92 3.12
N GLY A 82 -12.22 -26.85 3.74
CA GLY A 82 -11.99 -25.63 3.01
C GLY A 82 -10.55 -25.21 3.31
N ASN A 83 -10.01 -24.38 2.43
CA ASN A 83 -8.66 -23.88 2.62
C ASN A 83 -8.84 -22.75 3.62
N GLY A 84 -9.41 -23.11 4.77
CA GLY A 84 -9.70 -22.16 5.81
C GLY A 84 -11.19 -21.84 5.78
N ALA A 85 -11.77 -21.53 6.94
CA ALA A 85 -13.17 -21.17 6.99
C ALA A 85 -13.27 -20.12 5.91
N ASP A 86 -12.24 -19.30 5.83
CA ASP A 86 -12.19 -18.27 4.83
C ASP A 86 -12.54 -18.87 3.47
N GLU A 87 -11.81 -19.89 3.02
CA GLU A 87 -12.14 -20.47 1.72
C GLU A 87 -13.59 -20.91 1.67
N ILE A 88 -14.08 -21.44 2.78
CA ILE A 88 -15.45 -21.91 2.85
C ILE A 88 -16.46 -20.77 2.85
N ILE A 89 -16.15 -19.71 3.60
CA ILE A 89 -17.04 -18.58 3.64
C ILE A 89 -17.15 -18.03 2.23
N TYR A 90 -16.00 -17.94 1.57
CA TYR A 90 -15.87 -17.41 0.23
C TYR A 90 -16.77 -18.10 -0.78
N VAL A 91 -16.43 -19.32 -1.15
CA VAL A 91 -17.22 -20.02 -2.16
C VAL A 91 -18.72 -20.03 -1.85
N MET A 92 -19.08 -20.36 -0.61
CA MET A 92 -20.50 -20.40 -0.26
C MET A 92 -21.20 -19.16 -0.81
N MET A 93 -20.48 -18.05 -0.86
CA MET A 93 -21.08 -16.82 -1.35
C MET A 93 -21.31 -16.89 -2.83
N LEU A 94 -20.71 -17.89 -3.46
CA LEU A 94 -20.87 -18.09 -4.89
C LEU A 94 -22.06 -19.02 -5.07
N MET A 95 -22.31 -19.85 -4.06
CA MET A 95 -23.39 -20.80 -4.13
C MET A 95 -24.75 -20.20 -3.84
N PHE A 96 -24.79 -18.93 -3.47
CA PHE A 96 -26.05 -18.31 -3.12
C PHE A 96 -26.25 -16.94 -3.73
N ASP A 97 -27.43 -16.69 -4.27
CA ASP A 97 -27.74 -15.41 -4.89
C ASP A 97 -27.36 -14.23 -4.01
N ARG A 98 -27.69 -14.33 -2.73
CA ARG A 98 -27.33 -13.27 -1.79
C ARG A 98 -26.75 -13.90 -0.55
N SER A 99 -25.90 -13.14 0.15
CA SER A 99 -25.29 -13.62 1.39
C SER A 99 -25.66 -12.58 2.42
N VAL A 100 -25.97 -13.00 3.63
CA VAL A 100 -26.35 -12.05 4.66
C VAL A 100 -25.59 -12.29 5.93
N PHE A 101 -25.13 -11.20 6.55
CA PHE A 101 -24.41 -11.30 7.81
C PHE A 101 -24.77 -10.11 8.67
N PHE A 102 -24.42 -10.19 9.95
CA PHE A 102 -24.81 -9.13 10.85
C PHE A 102 -23.74 -8.39 11.63
N PRO A 103 -23.32 -7.23 11.14
CA PRO A 103 -22.30 -6.47 11.84
C PRO A 103 -22.85 -6.10 13.21
N PRO A 104 -22.05 -6.27 14.26
CA PRO A 104 -20.69 -6.79 14.15
C PRO A 104 -20.59 -8.31 13.95
N THR A 105 -20.14 -8.72 12.78
CA THR A 105 -19.91 -10.13 12.45
C THR A 105 -18.45 -10.17 12.08
N TYR A 106 -18.02 -11.24 11.40
CA TYR A 106 -16.63 -11.31 10.97
C TYR A 106 -16.54 -10.17 9.95
N SER A 107 -15.44 -9.42 9.96
CA SER A 107 -15.32 -8.31 9.01
C SER A 107 -15.02 -8.84 7.61
N CYS A 108 -14.31 -9.96 7.55
CA CYS A 108 -13.98 -10.54 6.27
C CYS A 108 -15.22 -10.93 5.46
N TYR A 109 -16.40 -10.97 6.08
CA TYR A 109 -17.60 -11.35 5.34
C TYR A 109 -17.90 -10.36 4.25
N ARG A 110 -18.04 -9.10 4.63
CA ARG A 110 -18.30 -8.02 3.69
C ARG A 110 -17.30 -8.21 2.56
N ILE A 111 -16.03 -8.09 2.93
CA ILE A 111 -14.92 -8.25 2.03
C ILE A 111 -15.03 -9.33 0.98
N PHE A 112 -15.29 -10.56 1.42
CA PHE A 112 -15.38 -11.66 0.49
C PHE A 112 -16.54 -11.52 -0.47
N ALA A 113 -17.71 -11.20 0.05
CA ALA A 113 -18.89 -11.02 -0.78
C ALA A 113 -18.60 -9.94 -1.80
N LYS A 114 -18.21 -8.78 -1.28
CA LYS A 114 -17.90 -7.60 -2.10
C LYS A 114 -16.76 -7.84 -3.08
N ALA A 115 -15.94 -8.85 -2.81
CA ALA A 115 -14.82 -9.17 -3.69
C ALA A 115 -15.31 -10.18 -4.71
N VAL A 116 -16.10 -11.13 -4.23
CA VAL A 116 -16.67 -12.19 -5.06
C VAL A 116 -17.68 -11.66 -6.06
N GLY A 117 -18.42 -10.61 -5.68
CA GLY A 117 -19.43 -10.05 -6.57
C GLY A 117 -20.75 -10.69 -6.25
N ALA A 118 -20.90 -11.00 -4.97
CA ALA A 118 -22.12 -11.61 -4.49
C ALA A 118 -22.99 -10.56 -3.82
N LYS A 119 -24.24 -10.50 -4.21
CA LYS A 119 -25.14 -9.53 -3.61
C LYS A 119 -25.18 -9.82 -2.13
N PHE A 120 -25.09 -8.79 -1.30
CA PHE A 120 -25.15 -8.98 0.14
C PHE A 120 -25.86 -7.85 0.88
N LEU A 121 -26.56 -8.23 1.94
CA LEU A 121 -27.32 -7.30 2.77
C LEU A 121 -26.70 -7.26 4.16
N GLU A 122 -26.26 -6.09 4.60
CA GLU A 122 -25.70 -6.00 5.95
C GLU A 122 -26.76 -5.44 6.89
N VAL A 123 -27.21 -6.27 7.84
CA VAL A 123 -28.22 -5.87 8.83
C VAL A 123 -27.63 -5.92 10.23
N PRO A 124 -27.33 -4.76 10.81
CA PRO A 124 -26.74 -4.76 12.15
C PRO A 124 -27.49 -5.58 13.19
N LEU A 125 -26.73 -6.15 14.13
CA LEU A 125 -27.30 -6.94 15.22
C LEU A 125 -27.82 -5.92 16.23
N THR A 126 -28.90 -6.28 16.92
CA THR A 126 -29.52 -5.40 17.90
C THR A 126 -28.55 -4.95 18.98
N LYS A 127 -28.92 -3.92 19.71
CA LYS A 127 -28.07 -3.39 20.78
C LYS A 127 -27.85 -4.46 21.83
N ASP A 128 -28.64 -5.53 21.77
CA ASP A 128 -28.52 -6.64 22.71
C ASP A 128 -27.68 -7.76 22.08
N LEU A 129 -27.05 -7.44 20.94
CA LEU A 129 -26.19 -8.39 20.23
C LEU A 129 -26.94 -9.58 19.62
N ARG A 130 -28.18 -9.36 19.23
CA ARG A 130 -28.97 -10.44 18.66
C ARG A 130 -29.31 -10.28 17.18
N ILE A 131 -29.62 -11.38 16.54
CA ILE A 131 -29.97 -11.38 15.14
C ILE A 131 -31.29 -10.64 14.93
N PRO A 132 -31.25 -9.55 14.16
CA PRO A 132 -32.39 -8.68 13.82
C PRO A 132 -33.46 -9.43 13.06
N GLU A 133 -34.44 -8.68 12.55
CA GLU A 133 -35.51 -9.29 11.77
C GLU A 133 -35.17 -9.04 10.31
N VAL A 134 -34.89 -10.10 9.57
CA VAL A 134 -34.58 -9.95 8.15
C VAL A 134 -35.40 -10.88 7.29
N ASN A 135 -35.73 -10.36 6.10
CA ASN A 135 -36.53 -11.08 5.12
C ASN A 135 -35.67 -12.04 4.29
N VAL A 136 -35.24 -13.16 4.88
CA VAL A 136 -34.42 -14.08 4.12
C VAL A 136 -35.20 -15.31 3.69
N GLY A 137 -34.68 -16.02 2.67
CA GLY A 137 -35.35 -17.21 2.18
C GLY A 137 -34.44 -18.03 1.28
N GLU A 138 -34.97 -19.10 0.67
CA GLU A 138 -34.16 -19.95 -0.19
C GLU A 138 -33.51 -19.06 -1.25
N GLY A 139 -32.26 -19.39 -1.57
CA GLY A 139 -31.53 -18.62 -2.56
C GLY A 139 -30.59 -17.68 -1.83
N ASP A 140 -30.77 -17.60 -0.50
CA ASP A 140 -29.94 -16.74 0.34
C ASP A 140 -29.14 -17.60 1.28
N VAL A 141 -27.98 -17.09 1.67
CA VAL A 141 -27.10 -17.77 2.62
C VAL A 141 -26.76 -16.69 3.64
N VAL A 142 -27.11 -16.94 4.89
CA VAL A 142 -26.85 -15.98 5.94
C VAL A 142 -25.77 -16.54 6.86
N PHE A 143 -24.71 -15.76 7.02
CA PHE A 143 -23.56 -16.13 7.83
C PHE A 143 -23.69 -15.71 9.28
N ILE A 144 -23.69 -16.70 10.17
CA ILE A 144 -23.85 -16.47 11.59
C ILE A 144 -22.71 -17.09 12.38
N PRO A 145 -21.76 -16.28 12.83
CA PRO A 145 -20.59 -16.67 13.61
C PRO A 145 -20.99 -16.95 15.07
N ASN A 146 -20.92 -18.21 15.48
CA ASN A 146 -21.29 -18.58 16.85
C ASN A 146 -20.21 -19.47 17.48
N PRO A 147 -19.44 -18.94 18.47
CA PRO A 147 -19.47 -17.60 19.05
C PRO A 147 -19.37 -16.54 17.98
N ASN A 148 -19.78 -15.33 18.30
CA ASN A 148 -19.72 -14.24 17.34
C ASN A 148 -18.36 -13.57 17.31
N ASN A 149 -18.11 -12.87 16.21
CA ASN A 149 -16.87 -12.15 16.03
C ASN A 149 -17.27 -10.75 15.61
N PRO A 150 -16.67 -9.73 16.23
CA PRO A 150 -15.65 -9.84 17.27
C PRO A 150 -16.21 -9.76 18.69
N THR A 151 -17.53 -9.77 18.82
CA THR A 151 -18.14 -9.67 20.12
C THR A 151 -17.94 -10.91 20.96
N GLY A 152 -17.86 -12.06 20.32
CA GLY A 152 -17.66 -13.31 21.05
C GLY A 152 -18.91 -13.86 21.71
N HIS A 153 -19.96 -13.04 21.81
CA HIS A 153 -21.21 -13.46 22.43
C HIS A 153 -21.82 -14.61 21.65
N VAL A 154 -22.59 -15.45 22.33
CA VAL A 154 -23.22 -16.59 21.70
C VAL A 154 -24.65 -16.31 21.31
N PHE A 155 -25.06 -16.83 20.16
CA PHE A 155 -26.42 -16.65 19.70
C PHE A 155 -27.22 -17.82 20.27
N GLU A 156 -28.49 -17.60 20.60
CA GLU A 156 -29.31 -18.66 21.17
C GLU A 156 -29.79 -19.63 20.10
N ARG A 157 -29.77 -20.92 20.40
CA ARG A 157 -30.23 -21.93 19.44
C ARG A 157 -31.53 -21.42 18.81
N GLU A 158 -32.31 -20.68 19.59
CA GLU A 158 -33.57 -20.15 19.11
C GLU A 158 -33.35 -19.25 17.88
N GLU A 159 -32.35 -18.38 17.93
CA GLU A 159 -32.06 -17.47 16.83
C GLU A 159 -31.65 -18.20 15.55
N ILE A 160 -30.74 -19.16 15.67
CA ILE A 160 -30.27 -19.93 14.53
C ILE A 160 -31.40 -20.72 13.87
N GLU A 161 -32.38 -21.08 14.70
CA GLU A 161 -33.51 -21.86 14.22
C GLU A 161 -34.56 -20.91 13.62
N ARG A 162 -34.63 -19.69 14.14
CA ARG A 162 -35.59 -18.71 13.64
C ARG A 162 -35.29 -18.38 12.19
N ILE A 163 -34.02 -18.52 11.82
CA ILE A 163 -33.60 -18.24 10.46
C ILE A 163 -33.66 -19.53 9.70
N LEU A 164 -33.31 -20.61 10.38
CA LEU A 164 -33.31 -21.90 9.74
C LEU A 164 -34.70 -22.12 9.14
N LYS A 165 -35.70 -22.24 10.01
CA LYS A 165 -37.08 -22.45 9.58
C LYS A 165 -37.45 -21.48 8.47
N THR A 166 -36.72 -20.38 8.39
CA THR A 166 -36.94 -19.36 7.36
C THR A 166 -36.76 -19.93 5.96
N GLY A 167 -36.06 -21.05 5.87
CA GLY A 167 -35.82 -21.67 4.57
C GLY A 167 -34.56 -21.16 3.90
N ALA A 168 -33.96 -20.14 4.51
CA ALA A 168 -32.74 -19.53 4.00
C ALA A 168 -31.54 -20.30 4.55
N PHE A 169 -30.64 -20.69 3.64
CA PHE A 169 -29.46 -21.45 4.01
C PHE A 169 -28.62 -20.77 5.08
N VAL A 170 -28.25 -21.53 6.10
CA VAL A 170 -27.46 -20.96 7.16
C VAL A 170 -26.05 -21.49 7.26
N ALA A 171 -25.10 -20.59 7.04
CA ALA A 171 -23.69 -20.92 7.16
C ALA A 171 -23.34 -20.53 8.60
N LEU A 172 -23.61 -21.43 9.52
CA LEU A 172 -23.31 -21.20 10.92
C LEU A 172 -21.82 -21.35 11.09
N ASP A 173 -21.13 -20.22 11.11
CA ASP A 173 -19.69 -20.20 11.25
C ASP A 173 -19.25 -20.39 12.68
N GLU A 174 -18.91 -21.62 13.04
CA GLU A 174 -18.45 -21.94 14.39
C GLU A 174 -16.92 -21.97 14.49
N ALA A 175 -16.29 -20.93 13.95
CA ALA A 175 -14.84 -20.84 13.97
C ALA A 175 -14.34 -20.92 15.39
N TYR A 176 -15.11 -20.36 16.31
CA TYR A 176 -14.69 -20.33 17.71
C TYR A 176 -15.33 -21.41 18.56
N TYR A 177 -15.86 -22.44 17.92
CA TYR A 177 -16.51 -23.53 18.64
C TYR A 177 -15.71 -23.90 19.88
N GLU A 178 -14.60 -24.58 19.68
CA GLU A 178 -13.75 -25.01 20.77
C GLU A 178 -13.85 -24.16 22.04
N PHE A 179 -13.60 -22.86 21.89
CA PHE A 179 -13.64 -21.91 23.00
C PHE A 179 -15.02 -21.70 23.62
N HIS A 180 -15.98 -22.44 23.10
CA HIS A 180 -17.36 -22.35 23.57
C HIS A 180 -17.98 -23.74 23.63
N GLY A 181 -18.50 -24.11 24.80
CA GLY A 181 -19.10 -25.43 24.94
C GLY A 181 -19.77 -26.03 23.71
N GLU A 182 -21.04 -25.69 23.52
CA GLU A 182 -21.87 -26.19 22.44
C GLU A 182 -21.45 -25.86 21.02
N SER A 183 -22.27 -26.35 20.10
CA SER A 183 -22.14 -26.18 18.66
C SER A 183 -23.49 -26.63 18.10
N TYR A 184 -23.97 -25.96 17.05
CA TYR A 184 -25.27 -26.29 16.50
C TYR A 184 -25.21 -27.24 15.32
N VAL A 185 -24.31 -28.21 15.38
CA VAL A 185 -24.20 -29.15 14.27
C VAL A 185 -25.37 -30.13 14.25
N ASP A 186 -25.92 -30.42 15.43
CA ASP A 186 -27.03 -31.37 15.49
C ASP A 186 -28.27 -30.82 14.81
N PHE A 187 -28.29 -29.54 14.47
CA PHE A 187 -29.46 -29.01 13.80
C PHE A 187 -29.54 -29.65 12.43
N LEU A 188 -28.43 -30.25 11.98
CA LEU A 188 -28.39 -30.94 10.70
C LEU A 188 -29.23 -32.21 10.77
N LYS A 189 -29.65 -32.58 11.97
CA LYS A 189 -30.47 -33.76 12.15
C LYS A 189 -31.87 -33.44 11.61
N LYS A 190 -32.25 -32.15 11.69
CA LYS A 190 -33.57 -31.72 11.23
C LYS A 190 -33.56 -30.75 10.05
N TYR A 191 -32.55 -29.90 9.94
CA TYR A 191 -32.51 -28.96 8.82
C TYR A 191 -31.47 -29.30 7.75
N GLU A 192 -31.83 -29.15 6.49
CA GLU A 192 -30.92 -29.49 5.40
C GLU A 192 -30.36 -28.26 4.69
N ASN A 193 -30.77 -27.10 5.17
CA ASN A 193 -30.32 -25.84 4.58
C ASN A 193 -29.38 -25.18 5.57
N LEU A 194 -28.74 -26.01 6.38
CA LEU A 194 -27.80 -25.53 7.37
C LEU A 194 -26.42 -26.07 7.07
N ALA A 195 -25.42 -25.36 7.54
CA ALA A 195 -24.04 -25.77 7.34
C ALA A 195 -23.17 -25.18 8.43
N VAL A 196 -22.43 -26.05 9.11
CA VAL A 196 -21.55 -25.61 10.18
C VAL A 196 -20.13 -25.47 9.64
N ILE A 197 -19.57 -24.27 9.77
CA ILE A 197 -18.20 -23.97 9.32
C ILE A 197 -17.21 -24.01 10.49
N ARG A 198 -16.17 -24.82 10.40
CA ARG A 198 -15.21 -24.88 11.50
C ARG A 198 -13.79 -24.53 11.10
N THR A 199 -12.84 -24.70 12.02
CA THR A 199 -11.48 -24.33 11.69
C THR A 199 -10.45 -24.92 12.60
N PHE A 200 -9.20 -24.75 12.21
CA PHE A 200 -8.09 -25.23 13.00
C PHE A 200 -7.24 -24.02 13.38
N SER A 201 -7.42 -22.92 12.63
CA SER A 201 -6.70 -21.68 12.84
C SER A 201 -6.55 -21.26 14.30
N LYS A 202 -7.68 -21.08 14.97
CA LYS A 202 -7.73 -20.60 16.35
C LYS A 202 -7.50 -21.65 17.45
N ALA A 203 -8.36 -22.66 17.53
CA ALA A 203 -8.23 -23.66 18.58
C ALA A 203 -6.98 -24.54 18.49
N PHE A 204 -6.67 -25.03 17.30
CA PHE A 204 -5.53 -25.89 17.08
C PHE A 204 -4.24 -25.19 16.66
N SER A 205 -4.17 -23.89 16.85
CA SER A 205 -2.97 -23.17 16.47
C SER A 205 -2.55 -23.56 15.04
N LEU A 206 -3.48 -23.48 14.09
CA LEU A 206 -3.19 -23.83 12.72
C LEU A 206 -3.62 -22.73 11.76
N ALA A 207 -3.73 -21.50 12.25
CA ALA A 207 -4.13 -20.42 11.39
C ALA A 207 -3.21 -20.31 10.17
N ALA A 208 -1.96 -20.68 10.37
CA ALA A 208 -0.96 -20.60 9.31
C ALA A 208 -1.08 -21.72 8.29
N GLN A 209 -1.98 -22.66 8.54
CA GLN A 209 -2.12 -23.77 7.61
C GLN A 209 -3.38 -23.91 6.79
N ARG A 210 -4.32 -22.98 6.96
CA ARG A 210 -5.57 -22.99 6.20
C ARG A 210 -6.16 -24.39 6.05
N VAL A 211 -6.95 -24.77 7.04
CA VAL A 211 -7.61 -26.06 7.06
C VAL A 211 -8.88 -25.83 7.85
N GLY A 212 -9.99 -25.70 7.15
CA GLY A 212 -11.26 -25.49 7.81
C GLY A 212 -12.24 -26.53 7.31
N TYR A 213 -13.27 -26.86 8.08
CA TYR A 213 -14.22 -27.84 7.60
C TYR A 213 -15.64 -27.36 7.66
N VAL A 214 -16.45 -27.89 6.74
CA VAL A 214 -17.87 -27.57 6.66
C VAL A 214 -18.61 -28.85 6.94
N VAL A 215 -19.62 -28.77 7.79
CA VAL A 215 -20.42 -29.94 8.11
C VAL A 215 -21.81 -29.55 7.64
N ALA A 216 -22.26 -30.11 6.52
CA ALA A 216 -23.58 -29.78 6.00
C ALA A 216 -24.38 -30.98 5.51
N SER A 217 -25.55 -30.70 4.95
CA SER A 217 -26.41 -31.78 4.43
C SER A 217 -25.63 -32.45 3.31
N GLU A 218 -26.04 -33.66 2.94
CA GLU A 218 -25.36 -34.39 1.88
C GLU A 218 -25.52 -33.66 0.55
N LYS A 219 -26.74 -33.21 0.25
CA LYS A 219 -26.97 -32.49 -1.00
C LYS A 219 -26.09 -31.26 -1.12
N PHE A 220 -25.79 -30.63 0.00
CA PHE A 220 -24.96 -29.43 -0.02
C PHE A 220 -23.48 -29.70 -0.21
N ILE A 221 -22.84 -30.41 0.72
CA ILE A 221 -21.43 -30.71 0.54
C ILE A 221 -21.25 -31.06 -0.92
N ASP A 222 -22.19 -31.83 -1.48
CA ASP A 222 -22.14 -32.20 -2.89
C ASP A 222 -22.05 -30.93 -3.72
N ALA A 223 -23.05 -30.07 -3.62
CA ALA A 223 -23.04 -28.81 -4.36
C ALA A 223 -21.75 -28.08 -4.01
N TYR A 224 -21.50 -27.94 -2.71
CA TYR A 224 -20.30 -27.29 -2.22
C TYR A 224 -19.02 -27.78 -2.89
N ASN A 225 -18.87 -29.10 -2.97
CA ASN A 225 -17.68 -29.70 -3.57
C ASN A 225 -17.53 -29.48 -5.08
N ARG A 226 -18.58 -28.94 -5.72
CA ARG A 226 -18.55 -28.67 -7.15
C ARG A 226 -18.16 -27.21 -7.44
N VAL A 227 -18.49 -26.32 -6.51
CA VAL A 227 -18.19 -24.93 -6.68
C VAL A 227 -16.80 -24.55 -6.21
N ARG A 228 -16.37 -25.12 -5.08
CA ARG A 228 -15.04 -24.82 -4.51
C ARG A 228 -13.96 -25.47 -5.33
N LEU A 229 -12.71 -25.18 -4.97
CA LEU A 229 -11.56 -25.76 -5.68
C LEU A 229 -11.37 -27.27 -5.38
N PRO A 230 -11.15 -28.06 -6.42
CA PRO A 230 -10.98 -29.49 -6.25
C PRO A 230 -9.94 -29.93 -5.22
N PHE A 231 -8.83 -29.21 -5.15
CA PHE A 231 -7.76 -29.52 -4.23
C PHE A 231 -7.46 -28.26 -3.44
N ASN A 232 -8.40 -27.93 -2.57
CA ASN A 232 -8.32 -26.74 -1.75
C ASN A 232 -7.34 -26.87 -0.61
N VAL A 233 -7.14 -28.09 -0.11
CA VAL A 233 -6.23 -28.24 1.03
C VAL A 233 -4.96 -29.07 0.90
N SER A 234 -3.85 -28.47 1.31
CA SER A 234 -2.54 -29.10 1.27
C SER A 234 -2.59 -30.46 1.90
N TYR A 235 -1.64 -31.30 1.49
CA TYR A 235 -1.49 -32.63 2.03
C TYR A 235 -0.96 -32.38 3.43
N VAL A 236 -0.06 -31.40 3.53
CA VAL A 236 0.56 -31.08 4.80
C VAL A 236 -0.37 -30.30 5.73
N SER A 237 -1.33 -29.59 5.15
CA SER A 237 -2.32 -28.87 5.95
C SER A 237 -3.24 -29.95 6.48
N GLN A 238 -3.54 -30.93 5.64
CA GLN A 238 -4.41 -31.98 6.10
C GLN A 238 -3.73 -32.84 7.15
N MET A 239 -2.44 -33.08 6.96
CA MET A 239 -1.67 -33.89 7.90
C MET A 239 -1.62 -33.19 9.26
N PHE A 240 -1.59 -31.87 9.27
CA PHE A 240 -1.58 -31.15 10.53
C PHE A 240 -2.93 -31.29 11.24
N ALA A 241 -4.01 -31.31 10.49
CA ALA A 241 -5.34 -31.43 11.08
C ALA A 241 -5.49 -32.79 11.73
N LYS A 242 -5.16 -33.82 10.97
CA LYS A 242 -5.24 -35.16 11.51
C LYS A 242 -4.42 -35.22 12.80
N VAL A 243 -3.10 -35.03 12.72
CA VAL A 243 -2.28 -35.09 13.91
C VAL A 243 -2.88 -34.25 15.01
N ALA A 244 -3.57 -33.19 14.61
CA ALA A 244 -4.19 -32.30 15.59
C ALA A 244 -5.34 -33.00 16.29
N LEU A 245 -6.22 -33.60 15.51
CA LEU A 245 -7.38 -34.28 16.07
C LEU A 245 -6.99 -35.56 16.81
N ASP A 246 -5.85 -36.12 16.43
CA ASP A 246 -5.36 -37.34 17.05
C ASP A 246 -4.78 -37.04 18.42
N HIS A 247 -4.60 -35.75 18.70
CA HIS A 247 -4.07 -35.32 19.99
C HIS A 247 -4.87 -34.18 20.59
N ARG A 248 -6.17 -34.12 20.32
CA ARG A 248 -6.96 -33.02 20.83
C ARG A 248 -6.88 -32.82 22.34
N GLU A 249 -6.49 -33.87 23.05
CA GLU A 249 -6.35 -33.76 24.49
C GLU A 249 -5.41 -32.62 24.84
N ILE A 250 -4.54 -32.25 23.91
CA ILE A 250 -3.58 -31.17 24.18
C ILE A 250 -4.24 -29.84 23.91
N PHE A 251 -5.00 -29.81 22.82
CA PHE A 251 -5.65 -28.58 22.45
C PHE A 251 -6.81 -28.26 23.36
N GLU A 252 -7.29 -29.27 24.06
CA GLU A 252 -8.39 -29.04 24.98
C GLU A 252 -7.81 -28.37 26.21
N GLU A 253 -6.53 -28.64 26.46
CA GLU A 253 -5.81 -28.06 27.60
C GLU A 253 -5.53 -26.61 27.28
N ARG A 254 -5.28 -26.32 26.02
CA ARG A 254 -5.00 -24.96 25.58
C ARG A 254 -6.30 -24.20 25.51
N THR A 255 -7.34 -24.85 25.02
CA THR A 255 -8.63 -24.20 24.94
C THR A 255 -9.10 -23.91 26.36
N LYS A 256 -8.79 -24.84 27.26
CA LYS A 256 -9.17 -24.70 28.65
C LYS A 256 -8.46 -23.48 29.21
N PHE A 257 -7.14 -23.44 29.07
CA PHE A 257 -6.36 -22.31 29.59
C PHE A 257 -6.72 -20.98 28.95
N ILE A 258 -7.13 -21.02 27.69
CA ILE A 258 -7.52 -19.79 27.01
C ILE A 258 -8.83 -19.26 27.59
N VAL A 259 -9.76 -20.14 27.96
CA VAL A 259 -11.01 -19.63 28.52
C VAL A 259 -10.81 -19.23 29.97
N GLU A 260 -10.15 -20.08 30.74
CA GLU A 260 -9.88 -19.76 32.13
C GLU A 260 -9.23 -18.37 32.11
N GLU A 261 -8.19 -18.23 31.29
CA GLU A 261 -7.46 -16.98 31.16
C GLU A 261 -8.33 -15.86 30.58
N ARG A 262 -9.35 -16.24 29.80
CA ARG A 262 -10.26 -15.26 29.21
C ARG A 262 -11.28 -14.84 30.28
N GLU A 263 -11.66 -15.79 31.14
CA GLU A 263 -12.63 -15.50 32.17
C GLU A 263 -12.01 -14.66 33.26
N ARG A 264 -10.69 -14.72 33.35
CA ARG A 264 -9.98 -13.95 34.36
C ARG A 264 -9.97 -12.47 33.93
N MET A 265 -9.83 -12.22 32.63
CA MET A 265 -9.80 -10.86 32.11
C MET A 265 -11.19 -10.28 32.09
N LYS A 266 -12.13 -11.00 31.50
CA LYS A 266 -13.50 -10.52 31.44
C LYS A 266 -13.91 -10.12 32.84
N SER A 267 -13.45 -10.89 33.82
CA SER A 267 -13.77 -10.56 35.20
C SER A 267 -12.95 -9.33 35.59
N ALA A 268 -11.67 -9.38 35.31
CA ALA A 268 -10.80 -8.26 35.61
C ALA A 268 -11.32 -6.94 35.03
N LEU A 269 -11.96 -7.00 33.86
CA LEU A 269 -12.50 -5.81 33.20
C LEU A 269 -13.80 -5.28 33.81
N ARG A 270 -14.69 -6.17 34.21
CA ARG A 270 -15.94 -5.69 34.81
C ARG A 270 -15.55 -4.94 36.09
N GLU A 271 -14.49 -5.44 36.72
CA GLU A 271 -13.97 -4.87 37.96
C GLU A 271 -13.37 -3.46 37.77
N MET A 272 -12.88 -3.20 36.57
CA MET A 272 -12.30 -1.91 36.26
C MET A 272 -13.35 -1.03 35.60
N GLY A 273 -14.60 -1.51 35.64
CA GLY A 273 -15.71 -0.77 35.07
C GLY A 273 -15.87 -0.83 33.57
N TYR A 274 -15.00 -1.57 32.89
CA TYR A 274 -15.09 -1.69 31.45
C TYR A 274 -16.33 -2.43 30.98
N ARG A 275 -17.00 -1.89 29.96
CA ARG A 275 -18.19 -2.50 29.41
C ARG A 275 -17.74 -3.60 28.47
N ILE A 276 -17.87 -4.85 28.90
CA ILE A 276 -17.45 -5.96 28.05
C ILE A 276 -18.55 -6.94 27.64
N THR A 277 -18.36 -7.59 26.50
CA THR A 277 -19.31 -8.59 25.99
C THR A 277 -19.12 -9.90 26.76
N ASP A 278 -20.01 -10.87 26.52
CA ASP A 278 -19.90 -12.16 27.20
C ASP A 278 -19.22 -13.11 26.23
N SER A 279 -18.14 -12.64 25.64
CA SER A 279 -17.37 -13.40 24.66
C SER A 279 -16.97 -14.82 25.07
N ARG A 280 -17.26 -15.77 24.19
CA ARG A 280 -16.89 -17.15 24.44
C ARG A 280 -15.84 -17.57 23.44
N GLY A 281 -15.27 -16.58 22.76
CA GLY A 281 -14.22 -16.86 21.80
C GLY A 281 -12.89 -16.74 22.49
N ASN A 282 -11.80 -17.07 21.82
CA ASN A 282 -10.49 -16.99 22.42
C ASN A 282 -10.02 -15.55 22.51
N PHE A 283 -10.95 -14.63 22.69
CA PHE A 283 -10.63 -13.21 22.75
C PHE A 283 -11.71 -12.53 23.56
N VAL A 284 -11.51 -11.26 23.86
CA VAL A 284 -12.54 -10.54 24.59
C VAL A 284 -12.79 -9.19 23.95
N PHE A 285 -14.05 -8.81 23.82
CA PHE A 285 -14.36 -7.52 23.24
C PHE A 285 -14.60 -6.54 24.36
N VAL A 286 -14.05 -5.34 24.24
CA VAL A 286 -14.25 -4.31 25.25
C VAL A 286 -14.79 -3.11 24.49
N PHE A 287 -15.94 -2.58 24.91
CA PHE A 287 -16.50 -1.43 24.22
C PHE A 287 -15.77 -0.15 24.63
N MET A 288 -15.73 0.81 23.73
CA MET A 288 -15.10 2.08 24.02
C MET A 288 -15.56 3.10 23.01
N GLU A 289 -15.50 4.37 23.38
CA GLU A 289 -15.93 5.43 22.49
C GLU A 289 -14.73 5.94 21.70
N LYS A 290 -15.00 6.63 20.58
CA LYS A 290 -13.95 7.16 19.71
C LYS A 290 -12.74 7.68 20.47
N GLU A 291 -12.82 8.93 20.93
CA GLU A 291 -11.71 9.57 21.64
C GLU A 291 -11.53 9.10 23.07
N GLU A 292 -11.14 7.85 23.21
CA GLU A 292 -10.89 7.23 24.51
C GLU A 292 -10.30 5.87 24.21
N LYS A 293 -10.67 5.33 23.07
CA LYS A 293 -10.18 4.04 22.61
C LYS A 293 -8.84 4.26 21.93
N GLU A 294 -8.77 5.32 21.14
CA GLU A 294 -7.55 5.66 20.43
C GLU A 294 -6.49 6.14 21.39
N ARG A 295 -6.90 6.52 22.60
CA ARG A 295 -5.93 6.92 23.60
C ARG A 295 -5.31 5.59 23.98
N LEU A 296 -6.17 4.59 24.14
CA LEU A 296 -5.74 3.25 24.48
C LEU A 296 -4.88 2.78 23.33
N LEU A 297 -5.47 2.79 22.14
CA LEU A 297 -4.76 2.38 20.95
C LEU A 297 -3.37 3.00 20.93
N GLU A 298 -3.30 4.27 21.32
CA GLU A 298 -2.03 4.97 21.35
C GLU A 298 -1.17 4.52 22.53
N HIS A 299 -1.82 4.18 23.63
CA HIS A 299 -1.07 3.71 24.79
C HIS A 299 -0.41 2.44 24.30
N LEU A 300 -1.25 1.50 23.90
CA LEU A 300 -0.80 0.21 23.38
C LEU A 300 0.24 0.33 22.28
N ARG A 301 -0.10 1.01 21.19
CA ARG A 301 0.85 1.16 20.09
C ARG A 301 2.23 1.59 20.57
N THR A 302 2.25 2.34 21.65
CA THR A 302 3.48 2.82 22.24
C THR A 302 4.23 1.68 22.92
N LYS A 303 3.51 0.79 23.60
CA LYS A 303 4.19 -0.33 24.24
C LYS A 303 4.11 -1.57 23.36
N ASN A 304 4.16 -1.36 22.04
CA ASN A 304 4.08 -2.44 21.06
C ASN A 304 3.00 -3.47 21.38
N VAL A 305 1.75 -3.02 21.42
CA VAL A 305 0.64 -3.92 21.71
C VAL A 305 -0.41 -3.70 20.65
N ALA A 306 -0.62 -4.73 19.82
CA ALA A 306 -1.58 -4.65 18.73
C ALA A 306 -2.90 -5.34 19.02
N VAL A 307 -3.98 -4.57 18.96
CA VAL A 307 -5.31 -5.10 19.16
C VAL A 307 -6.14 -4.67 17.94
N ARG A 308 -7.24 -5.37 17.69
CA ARG A 308 -8.10 -5.03 16.57
C ARG A 308 -9.11 -4.02 17.04
N SER A 309 -8.98 -2.78 16.57
CA SER A 309 -9.93 -1.76 16.94
C SER A 309 -11.09 -1.91 16.01
N PHE A 310 -12.29 -1.92 16.57
CA PHE A 310 -13.49 -2.04 15.77
C PHE A 310 -14.30 -0.77 15.90
N ARG A 311 -15.54 -0.83 15.41
CA ARG A 311 -16.41 0.33 15.48
C ARG A 311 -16.62 0.73 16.94
N GLU A 312 -17.42 -0.06 17.65
CA GLU A 312 -17.75 0.25 19.03
C GLU A 312 -16.70 -0.14 20.08
N GLY A 313 -15.53 -0.62 19.65
CA GLY A 313 -14.50 -0.95 20.63
C GLY A 313 -13.30 -1.73 20.12
N VAL A 314 -12.70 -2.55 20.97
CA VAL A 314 -11.55 -3.36 20.59
C VAL A 314 -11.80 -4.85 20.84
N ARG A 315 -11.06 -5.69 20.14
CA ARG A 315 -11.22 -7.12 20.30
C ARG A 315 -9.86 -7.73 20.63
N ILE A 316 -9.52 -7.72 21.92
CA ILE A 316 -8.26 -8.27 22.40
C ILE A 316 -8.33 -9.78 22.28
N THR A 317 -7.26 -10.39 21.77
CA THR A 317 -7.26 -11.85 21.66
C THR A 317 -6.58 -12.43 22.90
N ILE A 318 -7.06 -13.58 23.35
CA ILE A 318 -6.41 -14.16 24.50
C ILE A 318 -4.96 -14.43 24.08
N GLY A 319 -4.04 -14.26 25.03
CA GLY A 319 -2.64 -14.52 24.77
C GLY A 319 -2.09 -15.43 25.86
N LYS A 320 -0.80 -15.32 26.15
CA LYS A 320 -0.22 -16.12 27.21
C LYS A 320 -0.29 -15.29 28.50
N ARG A 321 -0.31 -15.96 29.65
CA ARG A 321 -0.38 -15.27 30.94
C ARG A 321 0.19 -13.85 30.87
N GLU A 322 1.52 -13.75 30.78
CA GLU A 322 2.18 -12.44 30.73
C GLU A 322 1.48 -11.45 29.81
N GLU A 323 1.27 -11.84 28.55
CA GLU A 323 0.62 -10.99 27.55
C GLU A 323 -0.74 -10.50 28.02
N ASN A 324 -1.46 -11.37 28.71
CA ASN A 324 -2.77 -11.00 29.16
C ASN A 324 -2.69 -10.01 30.31
N ASP A 325 -1.79 -10.27 31.25
CA ASP A 325 -1.63 -9.36 32.39
C ASP A 325 -1.28 -7.98 31.86
N MET A 326 -0.45 -7.94 30.82
CA MET A 326 -0.04 -6.69 30.21
C MET A 326 -1.24 -5.85 29.83
N ILE A 327 -2.15 -6.42 29.05
CA ILE A 327 -3.34 -5.68 28.62
C ILE A 327 -4.04 -5.11 29.83
N LEU A 328 -4.16 -5.91 30.88
CA LEU A 328 -4.80 -5.47 32.10
C LEU A 328 -4.07 -4.25 32.63
N ARG A 329 -2.75 -4.37 32.79
CA ARG A 329 -1.93 -3.27 33.27
C ARG A 329 -2.10 -2.04 32.37
N GLU A 330 -2.10 -2.27 31.06
CA GLU A 330 -2.27 -1.18 30.09
C GLU A 330 -3.73 -0.73 30.06
N LEU A 331 -4.50 -1.24 31.02
CA LEU A 331 -5.91 -0.89 31.14
C LEU A 331 -6.29 -0.50 32.55
N GLU A 332 -5.31 -0.46 33.46
CA GLU A 332 -5.57 -0.05 34.84
C GLU A 332 -5.17 1.41 34.94
N VAL A 333 -4.24 1.81 34.07
CA VAL A 333 -3.78 3.19 34.04
C VAL A 333 -4.92 4.04 33.50
N PHE A 334 -5.91 3.38 32.90
CA PHE A 334 -7.09 4.05 32.36
C PHE A 334 -8.27 3.85 33.31
N LYS A 335 -8.47 2.70 33.79
N LYS B 21 -1.36 -48.51 -8.22
CA LYS B 21 -1.77 -48.50 -9.65
C LYS B 21 -0.89 -47.53 -10.41
N THR B 22 -0.54 -47.88 -11.64
CA THR B 22 0.29 -47.00 -12.45
C THR B 22 -0.56 -45.80 -12.89
N TYR B 23 -0.48 -44.73 -12.12
CA TYR B 23 -1.25 -43.52 -12.38
C TYR B 23 -0.50 -42.53 -13.26
N LEU B 24 -1.10 -42.22 -14.40
CA LEU B 24 -0.50 -41.30 -15.38
C LEU B 24 -1.60 -40.42 -15.96
N ALA B 25 -2.52 -39.96 -15.13
CA ALA B 25 -3.65 -39.18 -15.64
C ALA B 25 -3.77 -37.69 -15.33
N LEU B 26 -3.22 -37.22 -14.21
CA LEU B 26 -3.36 -35.81 -13.88
C LEU B 26 -2.14 -34.95 -14.18
N ASN B 27 -1.12 -35.55 -14.79
CA ASN B 27 0.11 -34.83 -15.13
C ASN B 27 0.92 -34.52 -13.87
N GLU B 28 0.84 -35.42 -12.91
CA GLU B 28 1.57 -35.29 -11.66
C GLU B 28 3.05 -35.57 -11.95
N ASN B 29 3.95 -34.91 -11.24
CA ASN B 29 5.35 -35.16 -11.46
C ASN B 29 5.54 -36.58 -10.96
N PRO B 30 6.39 -37.38 -11.62
CA PRO B 30 6.59 -38.74 -11.16
C PRO B 30 7.37 -38.78 -9.85
N PHE B 31 8.40 -37.95 -9.79
CA PHE B 31 9.24 -37.92 -8.61
C PHE B 31 8.58 -37.35 -7.39
N PRO B 32 8.78 -37.99 -6.23
CA PRO B 32 8.19 -37.49 -4.99
C PRO B 32 8.94 -36.20 -4.62
N PHE B 33 8.40 -35.41 -3.71
CA PHE B 33 9.12 -34.20 -3.32
C PHE B 33 10.35 -34.67 -2.54
N PRO B 34 11.55 -34.30 -2.98
CA PRO B 34 12.80 -34.67 -2.34
C PRO B 34 12.69 -34.78 -0.82
N GLU B 35 12.90 -35.98 -0.30
CA GLU B 35 12.83 -36.19 1.14
C GLU B 35 13.75 -35.18 1.79
N ASP B 36 14.90 -34.93 1.14
CA ASP B 36 15.84 -33.97 1.69
C ASP B 36 15.16 -32.64 1.99
N LEU B 37 14.65 -32.00 0.94
CA LEU B 37 13.98 -30.72 1.08
C LEU B 37 12.91 -30.73 2.17
N VAL B 38 12.16 -31.83 2.26
CA VAL B 38 11.11 -31.93 3.25
C VAL B 38 11.74 -31.63 4.61
N ASP B 39 12.89 -32.23 4.86
CA ASP B 39 13.58 -32.01 6.12
C ASP B 39 13.86 -30.51 6.32
N GLU B 40 14.23 -29.83 5.23
CA GLU B 40 14.52 -28.41 5.33
C GLU B 40 13.27 -27.71 5.78
N VAL B 41 12.19 -27.92 5.05
CA VAL B 41 10.91 -27.32 5.39
C VAL B 41 10.60 -27.60 6.87
N PHE B 42 10.98 -28.78 7.32
CA PHE B 42 10.76 -29.17 8.70
C PHE B 42 11.56 -28.24 9.60
N ARG B 43 12.86 -28.15 9.33
CA ARG B 43 13.76 -27.34 10.11
C ARG B 43 13.66 -25.85 9.84
N ARG B 44 12.93 -25.47 8.79
CA ARG B 44 12.76 -24.07 8.47
C ARG B 44 11.43 -23.57 8.98
N LEU B 45 10.57 -24.49 9.44
CA LEU B 45 9.28 -24.03 9.93
C LEU B 45 9.25 -23.89 11.43
N ASN B 46 8.94 -22.68 11.89
CA ASN B 46 8.85 -22.32 13.31
C ASN B 46 7.45 -22.67 13.80
N SER B 47 7.39 -23.42 14.88
CA SER B 47 6.14 -23.83 15.47
C SER B 47 5.26 -22.63 15.75
N ASP B 48 5.81 -21.68 16.50
CA ASP B 48 5.12 -20.47 16.88
C ASP B 48 4.60 -19.73 15.65
N ALA B 49 4.87 -20.29 14.48
CA ALA B 49 4.45 -19.67 13.24
C ALA B 49 3.10 -20.19 12.81
N LEU B 50 2.90 -21.49 13.03
CA LEU B 50 1.67 -22.13 12.65
C LEU B 50 0.48 -21.47 13.31
N ARG B 51 0.69 -20.92 14.51
CA ARG B 51 -0.38 -20.26 15.25
C ARG B 51 -0.91 -19.03 14.55
N ILE B 52 -0.01 -18.14 14.13
CA ILE B 52 -0.40 -16.89 13.46
C ILE B 52 -0.92 -17.05 12.04
N TYR B 53 -1.53 -15.99 11.54
CA TYR B 53 -2.02 -15.99 10.19
C TYR B 53 -0.83 -15.54 9.38
N TYR B 54 -0.11 -16.51 8.84
CA TYR B 54 1.09 -16.20 8.06
C TYR B 54 0.66 -15.52 6.78
N ASP B 55 1.54 -14.66 6.26
CA ASP B 55 1.29 -13.92 5.01
C ASP B 55 1.11 -14.85 3.80
N SER B 56 0.21 -14.45 2.91
CA SER B 56 -0.07 -15.23 1.72
C SER B 56 1.22 -15.10 0.93
N PRO B 57 1.31 -14.17 -0.03
CA PRO B 57 2.64 -14.21 -0.63
C PRO B 57 3.67 -13.61 0.32
N ASP B 58 4.45 -14.50 0.93
CA ASP B 58 5.55 -14.19 1.85
C ASP B 58 6.51 -13.27 1.09
N GLU B 59 7.07 -12.25 1.74
CA GLU B 59 7.99 -11.38 1.03
C GLU B 59 9.11 -12.27 0.48
N GLU B 60 9.62 -13.14 1.34
CA GLU B 60 10.67 -14.05 0.94
C GLU B 60 10.25 -14.97 -0.20
N LEU B 61 9.00 -15.40 -0.17
CA LEU B 61 8.50 -16.27 -1.23
C LEU B 61 8.54 -15.56 -2.59
N ILE B 62 8.20 -14.28 -2.62
CA ILE B 62 8.19 -13.53 -3.86
C ILE B 62 9.59 -13.24 -4.37
N GLU B 63 10.50 -12.94 -3.45
CA GLU B 63 11.89 -12.67 -3.84
C GLU B 63 12.42 -13.88 -4.59
N LYS B 64 12.10 -15.06 -4.07
CA LYS B 64 12.54 -16.29 -4.70
C LYS B 64 11.81 -16.60 -6.00
N ILE B 65 10.59 -16.06 -6.18
CA ILE B 65 9.87 -16.32 -7.44
C ILE B 65 10.46 -15.44 -8.51
N LEU B 66 10.69 -14.19 -8.16
CA LEU B 66 11.24 -13.22 -9.09
C LEU B 66 12.60 -13.65 -9.58
N SER B 67 13.38 -14.29 -8.72
CA SER B 67 14.69 -14.74 -9.15
C SER B 67 14.42 -15.87 -10.13
N TYR B 68 13.35 -16.63 -9.85
CA TYR B 68 12.96 -17.75 -10.69
C TYR B 68 12.37 -17.22 -11.98
N LEU B 69 11.88 -15.99 -11.96
CA LEU B 69 11.33 -15.42 -13.17
C LEU B 69 12.47 -14.84 -13.99
N ASP B 70 13.60 -14.61 -13.31
CA ASP B 70 14.83 -14.11 -13.91
C ASP B 70 14.54 -13.01 -14.93
N THR B 71 13.72 -12.06 -14.51
CA THR B 71 13.36 -10.92 -15.36
C THR B 71 14.13 -9.69 -14.94
N ASP B 72 13.96 -8.62 -15.70
CA ASP B 72 14.66 -7.37 -15.45
C ASP B 72 13.67 -6.24 -15.43
N PHE B 73 12.39 -6.59 -15.41
CA PHE B 73 11.35 -5.58 -15.38
C PHE B 73 10.33 -5.81 -14.25
N LEU B 74 10.22 -7.06 -13.82
CA LEU B 74 9.30 -7.49 -12.76
C LEU B 74 9.78 -7.15 -11.36
N SER B 75 8.83 -6.89 -10.46
CA SER B 75 9.16 -6.58 -9.08
C SER B 75 8.10 -7.19 -8.17
N LYS B 76 8.26 -7.00 -6.86
CA LYS B 76 7.33 -7.54 -5.88
C LYS B 76 5.89 -7.30 -6.29
N ASN B 77 5.54 -6.04 -6.49
CA ASN B 77 4.16 -5.72 -6.83
C ASN B 77 3.77 -6.28 -8.19
N ASN B 78 4.66 -7.06 -8.78
CA ASN B 78 4.38 -7.63 -10.09
C ASN B 78 4.05 -9.11 -10.06
N VAL B 79 4.00 -9.67 -8.86
CA VAL B 79 3.73 -11.09 -8.69
C VAL B 79 2.83 -11.32 -7.49
N SER B 80 2.10 -12.43 -7.53
CA SER B 80 1.22 -12.81 -6.45
C SER B 80 1.11 -14.32 -6.50
N VAL B 81 0.66 -14.91 -5.40
CA VAL B 81 0.55 -16.34 -5.31
C VAL B 81 -0.92 -16.77 -5.23
N GLY B 82 -1.16 -18.06 -5.35
CA GLY B 82 -2.51 -18.57 -5.29
C GLY B 82 -2.48 -20.01 -4.82
N ASN B 83 -3.54 -20.42 -4.13
CA ASN B 83 -3.72 -21.79 -3.62
C ASN B 83 -3.69 -22.71 -4.82
N GLY B 84 -2.49 -22.96 -5.35
CA GLY B 84 -2.38 -23.81 -6.51
C GLY B 84 -2.76 -22.90 -7.67
N ALA B 85 -2.25 -23.19 -8.86
CA ALA B 85 -2.57 -22.36 -10.00
C ALA B 85 -4.10 -22.31 -10.18
N ASP B 86 -4.79 -23.37 -9.77
CA ASP B 86 -6.23 -23.38 -9.91
C ASP B 86 -6.78 -22.12 -9.29
N GLU B 87 -6.46 -21.88 -8.02
CA GLU B 87 -6.96 -20.71 -7.33
C GLU B 87 -6.90 -19.43 -8.15
N ILE B 88 -5.74 -19.16 -8.73
CA ILE B 88 -5.63 -17.95 -9.53
C ILE B 88 -6.60 -18.06 -10.69
N ILE B 89 -6.54 -19.18 -11.40
CA ILE B 89 -7.56 -19.39 -12.40
C ILE B 89 -8.93 -19.09 -11.86
N TYR B 90 -9.22 -19.68 -10.69
CA TYR B 90 -10.48 -19.59 -9.92
C TYR B 90 -10.83 -18.18 -9.44
N VAL B 91 -9.84 -17.43 -8.94
CA VAL B 91 -10.13 -16.08 -8.49
C VAL B 91 -10.12 -15.10 -9.66
N MET B 92 -9.40 -15.43 -10.73
CA MET B 92 -9.37 -14.52 -11.87
C MET B 92 -10.70 -14.42 -12.57
N MET B 93 -11.39 -15.55 -12.76
CA MET B 93 -12.69 -15.51 -13.44
C MET B 93 -13.68 -14.68 -12.63
N LEU B 94 -13.33 -14.41 -11.38
CA LEU B 94 -14.15 -13.61 -10.47
C LEU B 94 -14.00 -12.12 -10.70
N MET B 95 -12.91 -11.75 -11.36
CA MET B 95 -12.63 -10.35 -11.59
C MET B 95 -12.69 -9.94 -13.04
N PHE B 96 -13.41 -10.70 -13.86
CA PHE B 96 -13.56 -10.35 -15.26
C PHE B 96 -14.99 -10.61 -15.74
N ASP B 97 -15.49 -9.75 -16.62
CA ASP B 97 -16.85 -9.88 -17.12
C ASP B 97 -17.07 -11.27 -17.76
N ARG B 98 -16.15 -11.68 -18.61
CA ARG B 98 -16.30 -12.95 -19.27
C ARG B 98 -15.00 -13.70 -19.41
N SER B 99 -15.08 -15.01 -19.20
CA SER B 99 -13.91 -15.87 -19.33
C SER B 99 -14.04 -16.55 -20.67
N VAL B 100 -12.94 -16.62 -21.39
CA VAL B 100 -12.96 -17.24 -22.72
C VAL B 100 -11.82 -18.23 -22.93
N PHE B 101 -12.14 -19.49 -23.16
CA PHE B 101 -11.11 -20.48 -23.39
C PHE B 101 -11.46 -21.27 -24.64
N PHE B 102 -10.58 -22.20 -25.02
CA PHE B 102 -10.83 -22.95 -26.25
C PHE B 102 -10.66 -24.44 -26.21
N PRO B 103 -11.75 -25.16 -26.01
CA PRO B 103 -11.60 -26.61 -25.96
C PRO B 103 -10.87 -27.11 -27.21
N PRO B 104 -10.04 -28.14 -27.07
CA PRO B 104 -9.77 -28.83 -25.80
C PRO B 104 -8.68 -28.09 -25.03
N THR B 105 -9.00 -27.67 -23.81
CA THR B 105 -8.04 -27.00 -22.94
C THR B 105 -8.14 -27.63 -21.58
N TYR B 106 -7.67 -26.89 -20.59
CA TYR B 106 -7.69 -27.37 -19.23
C TYR B 106 -9.11 -27.64 -18.80
N SER B 107 -9.38 -28.91 -18.55
CA SER B 107 -10.69 -29.40 -18.12
C SER B 107 -11.38 -28.57 -17.02
N CYS B 108 -10.60 -27.86 -16.23
CA CYS B 108 -11.16 -27.08 -15.12
C CYS B 108 -11.58 -25.63 -15.41
N TYR B 109 -11.22 -25.11 -16.58
CA TYR B 109 -11.61 -23.74 -16.90
C TYR B 109 -13.10 -23.70 -16.95
N ARG B 110 -13.68 -24.73 -17.54
CA ARG B 110 -15.11 -24.84 -17.69
C ARG B 110 -15.78 -25.06 -16.33
N ILE B 111 -15.30 -26.05 -15.59
CA ILE B 111 -15.88 -26.36 -14.30
C ILE B 111 -15.80 -25.19 -13.32
N PHE B 112 -14.64 -24.56 -13.23
CA PHE B 112 -14.50 -23.47 -12.30
C PHE B 112 -15.41 -22.30 -12.70
N ALA B 113 -15.36 -21.92 -13.96
CA ALA B 113 -16.19 -20.81 -14.45
C ALA B 113 -17.62 -21.01 -14.07
N LYS B 114 -18.11 -22.22 -14.27
CA LYS B 114 -19.47 -22.56 -13.92
C LYS B 114 -19.68 -22.51 -12.40
N ALA B 115 -18.71 -23.02 -11.63
CA ALA B 115 -18.87 -23.04 -10.20
C ALA B 115 -18.90 -21.58 -9.79
N VAL B 116 -18.09 -20.77 -10.43
CA VAL B 116 -17.95 -19.37 -10.15
C VAL B 116 -19.10 -18.57 -10.62
N GLY B 117 -19.57 -18.80 -11.85
CA GLY B 117 -20.69 -18.02 -12.34
C GLY B 117 -20.11 -17.09 -13.36
N ALA B 118 -18.86 -17.35 -13.70
CA ALA B 118 -18.18 -16.54 -14.70
C ALA B 118 -18.87 -16.85 -15.99
N LYS B 119 -19.16 -15.80 -16.75
CA LYS B 119 -19.78 -15.94 -18.07
C LYS B 119 -18.59 -16.39 -18.90
N PHE B 120 -18.74 -17.46 -19.64
CA PHE B 120 -17.59 -17.86 -20.42
C PHE B 120 -17.95 -18.17 -21.83
N LEU B 121 -16.94 -18.24 -22.68
CA LEU B 121 -17.16 -18.55 -24.07
C LEU B 121 -16.22 -19.66 -24.42
N GLU B 122 -16.74 -20.74 -25.01
CA GLU B 122 -15.90 -21.85 -25.43
C GLU B 122 -15.87 -21.91 -26.97
N VAL B 123 -14.84 -21.31 -27.54
CA VAL B 123 -14.65 -21.31 -28.98
C VAL B 123 -13.52 -22.29 -29.20
N PRO B 124 -13.79 -23.43 -29.84
CA PRO B 124 -12.81 -24.49 -30.13
C PRO B 124 -11.62 -24.07 -30.96
N LEU B 125 -10.44 -24.62 -30.66
CA LEU B 125 -9.25 -24.29 -31.44
C LEU B 125 -9.51 -24.68 -32.91
N THR B 126 -8.82 -24.05 -33.85
CA THR B 126 -9.06 -24.39 -35.25
C THR B 126 -8.66 -25.81 -35.49
N LYS B 127 -9.05 -26.32 -36.65
CA LYS B 127 -8.70 -27.68 -37.02
C LYS B 127 -7.25 -27.90 -36.67
N ASP B 128 -6.43 -26.88 -36.90
CA ASP B 128 -5.01 -26.95 -36.63
C ASP B 128 -4.59 -26.34 -35.30
N LEU B 129 -5.26 -26.75 -34.22
CA LEU B 129 -5.00 -26.31 -32.85
C LEU B 129 -4.59 -24.86 -32.59
N ARG B 130 -5.04 -23.95 -33.44
CA ARG B 130 -4.69 -22.53 -33.29
C ARG B 130 -5.83 -21.79 -32.60
N ILE B 131 -5.51 -20.63 -32.02
CA ILE B 131 -6.51 -19.82 -31.35
C ILE B 131 -7.45 -19.31 -32.43
N PRO B 132 -8.76 -19.53 -32.29
CA PRO B 132 -9.75 -19.10 -33.28
C PRO B 132 -10.06 -17.61 -33.14
N GLU B 133 -10.62 -17.02 -34.19
CA GLU B 133 -10.97 -15.60 -34.13
C GLU B 133 -12.12 -15.48 -33.16
N VAL B 134 -12.08 -14.53 -32.25
CA VAL B 134 -13.17 -14.37 -31.31
C VAL B 134 -13.39 -12.89 -30.99
N ASN B 135 -14.64 -12.47 -31.03
CA ASN B 135 -14.95 -11.09 -30.72
C ASN B 135 -14.75 -11.02 -29.22
N VAL B 136 -13.52 -10.71 -28.84
CA VAL B 136 -13.11 -10.60 -27.46
C VAL B 136 -12.41 -9.27 -27.33
N GLY B 137 -12.69 -8.56 -26.24
CA GLY B 137 -12.06 -7.28 -26.04
C GLY B 137 -11.83 -7.04 -24.56
N GLU B 138 -11.56 -5.80 -24.17
CA GLU B 138 -11.34 -5.48 -22.76
C GLU B 138 -12.61 -5.89 -22.04
N GLY B 139 -12.47 -6.43 -20.84
CA GLY B 139 -13.65 -6.86 -20.11
C GLY B 139 -13.71 -8.37 -20.17
N ASP B 140 -12.90 -8.94 -21.07
CA ASP B 140 -12.84 -10.38 -21.22
C ASP B 140 -11.47 -10.84 -20.75
N VAL B 141 -11.40 -12.11 -20.34
CA VAL B 141 -10.13 -12.71 -19.93
C VAL B 141 -10.07 -14.00 -20.70
N VAL B 142 -9.08 -14.12 -21.60
CA VAL B 142 -8.96 -15.33 -22.39
C VAL B 142 -7.92 -16.29 -21.81
N PHE B 143 -8.40 -17.32 -21.11
CA PHE B 143 -7.48 -18.27 -20.53
C PHE B 143 -6.83 -19.13 -21.59
N ILE B 144 -5.57 -18.79 -21.89
CA ILE B 144 -4.80 -19.52 -22.88
C ILE B 144 -3.69 -20.23 -22.15
N PRO B 145 -3.82 -21.55 -21.94
CA PRO B 145 -2.85 -22.40 -21.26
C PRO B 145 -1.75 -22.86 -22.18
N ASN B 146 -0.67 -22.09 -22.30
CA ASN B 146 0.45 -22.48 -23.18
C ASN B 146 1.59 -22.95 -22.29
N PRO B 147 2.06 -24.18 -22.47
CA PRO B 147 1.61 -25.24 -23.37
C PRO B 147 0.16 -25.55 -23.11
N ASN B 148 -0.59 -25.82 -24.15
CA ASN B 148 -1.99 -26.10 -23.99
C ASN B 148 -2.29 -27.50 -23.49
N ASN B 149 -2.87 -27.64 -22.31
CA ASN B 149 -3.22 -29.00 -21.93
C ASN B 149 -4.67 -29.04 -22.34
N PRO B 150 -5.16 -30.20 -22.74
CA PRO B 150 -4.47 -31.49 -22.79
C PRO B 150 -3.49 -31.76 -23.94
N THR B 151 -3.56 -31.00 -25.03
CA THR B 151 -2.67 -31.30 -26.16
C THR B 151 -1.21 -30.99 -25.94
N GLY B 152 -0.92 -30.29 -24.87
CA GLY B 152 0.45 -29.93 -24.57
C GLY B 152 1.13 -29.22 -25.72
N HIS B 153 0.37 -28.81 -26.72
CA HIS B 153 0.99 -28.10 -27.84
C HIS B 153 1.17 -26.63 -27.46
N VAL B 154 2.00 -25.90 -28.21
CA VAL B 154 2.22 -24.50 -27.89
C VAL B 154 1.82 -23.58 -29.02
N PHE B 155 1.13 -22.50 -28.66
CA PHE B 155 0.73 -21.51 -29.65
C PHE B 155 1.92 -20.57 -29.67
N GLU B 156 2.44 -20.25 -30.86
CA GLU B 156 3.58 -19.35 -30.93
C GLU B 156 3.10 -18.02 -30.38
N ARG B 157 4.04 -17.18 -29.96
CA ARG B 157 3.69 -15.90 -29.39
C ARG B 157 2.88 -14.99 -30.31
N GLU B 158 2.81 -15.31 -31.59
CA GLU B 158 2.04 -14.48 -32.54
C GLU B 158 0.55 -14.60 -32.24
N GLU B 159 0.13 -15.77 -31.78
CA GLU B 159 -1.26 -16.03 -31.48
C GLU B 159 -1.73 -15.36 -30.19
N ILE B 160 -0.85 -15.27 -29.21
CA ILE B 160 -1.20 -14.63 -27.94
C ILE B 160 -1.31 -13.12 -28.14
N GLU B 161 -0.38 -12.55 -28.88
CA GLU B 161 -0.42 -11.11 -29.12
C GLU B 161 -1.70 -10.75 -29.86
N ARG B 162 -2.07 -11.56 -30.85
CA ARG B 162 -3.28 -11.32 -31.64
C ARG B 162 -4.45 -11.02 -30.72
N ILE B 163 -4.54 -11.76 -29.63
CA ILE B 163 -5.61 -11.53 -28.68
C ILE B 163 -5.27 -10.34 -27.82
N LEU B 164 -4.02 -10.23 -27.40
CA LEU B 164 -3.67 -9.11 -26.57
C LEU B 164 -3.95 -7.80 -27.24
N LYS B 165 -3.79 -7.77 -28.56
CA LYS B 165 -4.05 -6.53 -29.30
C LYS B 165 -5.53 -6.17 -29.29
N THR B 166 -6.37 -7.14 -28.92
CA THR B 166 -7.81 -6.89 -28.87
C THR B 166 -8.17 -6.16 -27.60
N GLY B 167 -7.25 -6.14 -26.63
CA GLY B 167 -7.51 -5.45 -25.37
C GLY B 167 -7.89 -6.38 -24.25
N ALA B 168 -8.55 -7.48 -24.60
CA ALA B 168 -8.96 -8.48 -23.63
C ALA B 168 -7.80 -8.79 -22.70
N PHE B 169 -8.11 -9.17 -21.48
CA PHE B 169 -7.06 -9.52 -20.56
C PHE B 169 -6.81 -10.98 -20.88
N VAL B 170 -5.54 -11.36 -20.94
CA VAL B 170 -5.25 -12.74 -21.25
C VAL B 170 -4.59 -13.41 -20.07
N ALA B 171 -5.15 -14.55 -19.68
CA ALA B 171 -4.61 -15.30 -18.57
C ALA B 171 -3.77 -16.38 -19.20
N LEU B 172 -2.46 -16.15 -19.29
CA LEU B 172 -1.54 -17.12 -19.89
C LEU B 172 -1.23 -18.21 -18.88
N ASP B 173 -1.88 -19.37 -19.00
CA ASP B 173 -1.64 -20.43 -18.05
C ASP B 173 -0.37 -21.21 -18.37
N GLU B 174 0.73 -20.78 -17.76
CA GLU B 174 2.00 -21.46 -17.98
C GLU B 174 2.25 -22.53 -16.92
N ALA B 175 1.32 -23.46 -16.82
CA ALA B 175 1.41 -24.54 -15.84
C ALA B 175 2.51 -25.50 -16.26
N TYR B 176 2.80 -25.50 -17.56
CA TYR B 176 3.81 -26.37 -18.13
C TYR B 176 5.00 -25.63 -18.69
N TYR B 177 5.23 -24.40 -18.20
CA TYR B 177 6.38 -23.62 -18.64
C TYR B 177 7.71 -24.39 -18.48
N GLU B 178 7.99 -24.82 -17.25
CA GLU B 178 9.22 -25.54 -16.94
C GLU B 178 9.43 -26.71 -17.92
N PHE B 179 8.36 -27.24 -18.48
CA PHE B 179 8.48 -28.36 -19.44
C PHE B 179 8.64 -27.90 -20.89
N HIS B 180 8.24 -26.67 -21.18
CA HIS B 180 8.35 -26.15 -22.53
C HIS B 180 9.67 -25.45 -22.70
N GLY B 181 9.80 -24.28 -22.08
CA GLY B 181 11.04 -23.58 -22.21
C GLY B 181 10.79 -22.09 -22.22
N GLU B 182 10.40 -21.54 -23.36
CA GLU B 182 10.14 -20.12 -23.37
C GLU B 182 8.76 -19.82 -22.79
N SER B 183 8.66 -18.65 -22.19
CA SER B 183 7.42 -18.18 -21.57
C SER B 183 7.15 -16.81 -22.16
N TYR B 184 5.91 -16.35 -22.10
CA TYR B 184 5.61 -15.06 -22.67
C TYR B 184 5.54 -13.96 -21.63
N VAL B 185 6.04 -14.26 -20.43
CA VAL B 185 6.05 -13.28 -19.36
C VAL B 185 6.70 -11.98 -19.82
N ASP B 186 7.69 -12.06 -20.70
CA ASP B 186 8.32 -10.83 -21.19
C ASP B 186 7.28 -9.91 -21.81
N PHE B 187 6.14 -10.49 -22.20
CA PHE B 187 5.06 -9.71 -22.78
C PHE B 187 4.54 -8.64 -21.83
N LEU B 188 4.74 -8.87 -20.54
CA LEU B 188 4.29 -7.91 -19.54
C LEU B 188 5.01 -6.59 -19.74
N LYS B 189 6.10 -6.61 -20.49
CA LYS B 189 6.87 -5.40 -20.75
C LYS B 189 6.03 -4.42 -21.53
N LYS B 190 5.39 -4.93 -22.57
CA LYS B 190 4.59 -4.11 -23.46
C LYS B 190 3.09 -4.24 -23.33
N TYR B 191 2.62 -5.31 -22.68
CA TYR B 191 1.18 -5.49 -22.50
C TYR B 191 0.80 -5.55 -21.03
N GLU B 192 -0.13 -4.69 -20.63
CA GLU B 192 -0.56 -4.64 -19.25
C GLU B 192 -1.76 -5.54 -19.04
N ASN B 193 -2.34 -6.00 -20.14
CA ASN B 193 -3.52 -6.85 -20.08
C ASN B 193 -3.18 -8.32 -20.11
N LEU B 194 -2.07 -8.68 -19.50
CA LEU B 194 -1.65 -10.07 -19.45
C LEU B 194 -1.28 -10.47 -18.03
N ALA B 195 -1.46 -11.74 -17.71
CA ALA B 195 -1.10 -12.26 -16.40
C ALA B 195 -0.68 -13.69 -16.69
N VAL B 196 0.36 -14.15 -16.01
CA VAL B 196 0.83 -15.49 -16.27
C VAL B 196 0.75 -16.35 -15.04
N ILE B 197 0.16 -17.53 -15.17
CA ILE B 197 0.01 -18.43 -14.03
C ILE B 197 0.98 -19.57 -14.16
N ARG B 198 1.88 -19.67 -13.19
CA ARG B 198 2.82 -20.77 -13.16
C ARG B 198 2.48 -21.45 -11.85
N THR B 199 3.08 -22.60 -11.59
CA THR B 199 2.77 -23.31 -10.38
C THR B 199 3.85 -24.29 -10.03
N PHE B 200 3.84 -24.73 -8.78
CA PHE B 200 4.82 -25.68 -8.31
C PHE B 200 4.27 -27.10 -8.36
N SER B 201 3.00 -27.21 -8.73
CA SER B 201 2.32 -28.50 -8.81
C SER B 201 2.91 -29.47 -9.82
N LYS B 202 3.53 -28.96 -10.86
CA LYS B 202 4.10 -29.86 -11.86
C LYS B 202 5.61 -30.05 -11.76
N ALA B 203 6.35 -29.01 -12.13
CA ALA B 203 7.80 -29.10 -12.10
C ALA B 203 8.37 -29.35 -10.71
N PHE B 204 7.58 -29.07 -9.67
CA PHE B 204 8.03 -29.19 -8.28
C PHE B 204 7.37 -30.23 -7.39
N SER B 205 6.69 -31.20 -8.00
CA SER B 205 6.04 -32.24 -7.24
C SER B 205 5.37 -31.73 -5.97
N LEU B 206 4.74 -30.56 -6.07
CA LEU B 206 4.05 -29.95 -4.94
C LEU B 206 2.59 -29.73 -5.25
N ALA B 207 2.02 -30.62 -6.06
CA ALA B 207 0.62 -30.52 -6.42
C ALA B 207 -0.25 -30.77 -5.21
N ALA B 208 0.38 -31.23 -4.13
CA ALA B 208 -0.34 -31.53 -2.92
C ALA B 208 -0.28 -30.35 -1.99
N GLN B 209 0.68 -29.46 -2.24
CA GLN B 209 0.83 -28.30 -1.38
C GLN B 209 0.07 -27.09 -1.87
N ARG B 210 -0.46 -27.18 -3.09
CA ARG B 210 -1.25 -26.09 -3.67
C ARG B 210 -0.53 -24.75 -3.61
N VAL B 211 0.39 -24.53 -4.54
CA VAL B 211 1.12 -23.27 -4.58
C VAL B 211 1.30 -22.84 -6.02
N GLY B 212 0.57 -21.81 -6.40
CA GLY B 212 0.66 -21.30 -7.76
C GLY B 212 0.90 -19.83 -7.59
N TYR B 213 1.41 -19.17 -8.62
CA TYR B 213 1.66 -17.73 -8.52
C TYR B 213 1.36 -17.10 -9.87
N VAL B 214 1.19 -15.79 -9.86
CA VAL B 214 0.88 -15.10 -11.09
C VAL B 214 1.76 -13.87 -11.21
N VAL B 215 2.11 -13.55 -12.45
CA VAL B 215 2.93 -12.39 -12.74
C VAL B 215 2.12 -11.55 -13.69
N ALA B 216 1.86 -10.31 -13.30
CA ALA B 216 1.09 -9.41 -14.12
C ALA B 216 1.40 -7.97 -13.78
N SER B 217 0.61 -7.05 -14.33
CA SER B 217 0.80 -5.63 -14.06
C SER B 217 0.43 -5.42 -12.62
N GLU B 218 1.00 -4.40 -11.99
CA GLU B 218 0.67 -4.14 -10.59
C GLU B 218 -0.83 -4.00 -10.56
N LYS B 219 -1.31 -3.13 -11.44
CA LYS B 219 -2.72 -2.84 -11.57
C LYS B 219 -3.51 -4.14 -11.38
N PHE B 220 -3.13 -5.16 -12.14
CA PHE B 220 -3.79 -6.45 -12.06
C PHE B 220 -3.58 -7.10 -10.71
N ILE B 221 -2.31 -7.42 -10.42
CA ILE B 221 -1.94 -8.06 -9.17
C ILE B 221 -2.66 -7.46 -7.97
N ASP B 222 -2.73 -6.14 -7.91
CA ASP B 222 -3.42 -5.47 -6.81
C ASP B 222 -4.87 -5.90 -6.75
N ALA B 223 -5.59 -5.78 -7.86
CA ALA B 223 -7.00 -6.17 -7.86
C ALA B 223 -7.08 -7.66 -7.51
N TYR B 224 -6.12 -8.41 -8.00
CA TYR B 224 -6.08 -9.83 -7.72
C TYR B 224 -6.05 -10.08 -6.22
N ASN B 225 -5.18 -9.37 -5.53
CA ASN B 225 -5.07 -9.56 -4.10
C ASN B 225 -6.26 -9.09 -3.32
N ARG B 226 -7.18 -8.41 -4.00
CA ARG B 226 -8.39 -7.91 -3.37
C ARG B 226 -9.46 -8.99 -3.50
N VAL B 227 -9.25 -9.89 -4.46
CA VAL B 227 -10.21 -10.96 -4.70
C VAL B 227 -9.75 -12.29 -4.13
N ARG B 228 -8.50 -12.65 -4.36
CA ARG B 228 -8.01 -13.91 -3.84
C ARG B 228 -8.20 -13.94 -2.35
N LEU B 229 -7.97 -15.09 -1.74
CA LEU B 229 -8.10 -15.20 -0.31
C LEU B 229 -6.87 -14.53 0.30
N PRO B 230 -7.06 -13.75 1.36
CA PRO B 230 -5.92 -13.08 1.97
C PRO B 230 -4.80 -14.02 2.36
N PHE B 231 -5.15 -15.26 2.70
CA PHE B 231 -4.16 -16.28 3.10
C PHE B 231 -4.38 -17.62 2.41
N ASN B 232 -4.42 -17.58 1.09
CA ASN B 232 -4.65 -18.79 0.30
C ASN B 232 -3.53 -19.82 0.32
N VAL B 233 -2.30 -19.39 0.60
CA VAL B 233 -1.20 -20.33 0.64
C VAL B 233 -0.74 -20.62 2.05
N SER B 234 -0.93 -21.86 2.46
CA SER B 234 -0.53 -22.31 3.77
C SER B 234 0.95 -22.04 4.02
N TYR B 235 1.25 -21.50 5.19
CA TYR B 235 2.62 -21.22 5.62
C TYR B 235 3.61 -22.32 5.28
N VAL B 236 3.23 -23.57 5.50
CA VAL B 236 4.12 -24.67 5.20
C VAL B 236 4.25 -24.95 3.69
N SER B 237 3.29 -24.47 2.90
CA SER B 237 3.34 -24.69 1.46
C SER B 237 4.32 -23.73 0.83
N GLN B 238 4.31 -22.49 1.28
CA GLN B 238 5.24 -21.50 0.72
C GLN B 238 6.62 -21.91 1.10
N MET B 239 6.74 -22.48 2.30
CA MET B 239 8.03 -22.93 2.77
C MET B 239 8.51 -23.94 1.75
N PHE B 240 7.60 -24.79 1.31
CA PHE B 240 7.90 -25.78 0.31
C PHE B 240 8.29 -25.15 -1.01
N ALA B 241 7.56 -24.11 -1.42
CA ALA B 241 7.85 -23.50 -2.70
C ALA B 241 9.13 -22.68 -2.63
N LYS B 242 9.36 -22.07 -1.47
CA LYS B 242 10.55 -21.25 -1.28
C LYS B 242 11.74 -22.17 -1.35
N VAL B 243 11.64 -23.28 -0.64
CA VAL B 243 12.70 -24.26 -0.60
C VAL B 243 12.87 -24.84 -1.97
N ALA B 244 11.78 -25.36 -2.53
CA ALA B 244 11.84 -25.92 -3.86
C ALA B 244 12.60 -24.93 -4.73
N LEU B 245 12.31 -23.65 -4.53
CA LEU B 245 12.95 -22.60 -5.30
C LEU B 245 14.41 -22.32 -4.94
N ASP B 246 14.84 -22.78 -3.76
CA ASP B 246 16.23 -22.61 -3.35
C ASP B 246 17.05 -23.65 -4.09
N HIS B 247 16.45 -24.83 -4.24
CA HIS B 247 17.08 -25.93 -4.94
C HIS B 247 16.36 -26.09 -6.26
N ARG B 248 16.58 -25.19 -7.20
CA ARG B 248 15.91 -25.32 -8.48
C ARG B 248 16.55 -26.41 -9.33
N GLU B 249 17.87 -26.49 -9.27
CA GLU B 249 18.61 -27.49 -10.06
C GLU B 249 18.10 -28.91 -9.93
N ILE B 250 17.66 -29.27 -8.74
CA ILE B 250 17.15 -30.63 -8.59
C ILE B 250 16.02 -30.86 -9.61
N PHE B 251 14.93 -30.10 -9.46
CA PHE B 251 13.76 -30.22 -10.30
C PHE B 251 14.04 -30.04 -11.78
N GLU B 252 14.86 -29.07 -12.13
CA GLU B 252 15.16 -28.82 -13.53
C GLU B 252 15.66 -30.09 -14.16
N GLU B 253 16.39 -30.86 -13.35
CA GLU B 253 16.97 -32.11 -13.79
C GLU B 253 15.88 -33.15 -13.91
N ARG B 254 14.88 -33.05 -13.05
CA ARG B 254 13.73 -33.96 -13.06
C ARG B 254 12.93 -33.65 -14.29
N THR B 255 12.88 -32.36 -14.61
CA THR B 255 12.17 -31.87 -15.78
C THR B 255 12.91 -32.41 -16.99
N LYS B 256 14.23 -32.27 -16.97
CA LYS B 256 15.04 -32.77 -18.07
C LYS B 256 14.68 -34.22 -18.34
N PHE B 257 14.14 -34.88 -17.31
CA PHE B 257 13.77 -36.27 -17.45
C PHE B 257 12.35 -36.46 -17.94
N ILE B 258 11.46 -35.58 -17.51
CA ILE B 258 10.09 -35.65 -17.91
C ILE B 258 10.06 -35.42 -19.42
N VAL B 259 10.77 -34.38 -19.87
CA VAL B 259 10.79 -34.03 -21.30
C VAL B 259 11.43 -35.10 -22.17
N GLU B 260 12.64 -35.51 -21.80
CA GLU B 260 13.32 -36.52 -22.57
C GLU B 260 12.36 -37.67 -22.74
N GLU B 261 11.80 -38.12 -21.63
CA GLU B 261 10.88 -39.23 -21.66
C GLU B 261 9.61 -38.93 -22.48
N ARG B 262 9.16 -37.68 -22.47
CA ARG B 262 7.97 -37.35 -23.23
C ARG B 262 8.33 -37.44 -24.70
N GLU B 263 9.40 -36.76 -25.07
CA GLU B 263 9.81 -36.76 -26.45
C GLU B 263 10.17 -38.18 -26.85
N ARG B 264 10.79 -38.93 -25.95
CA ARG B 264 11.17 -40.30 -26.25
C ARG B 264 9.96 -41.08 -26.72
N MET B 265 8.83 -40.89 -26.04
CA MET B 265 7.61 -41.61 -26.38
C MET B 265 6.67 -40.95 -27.35
N LYS B 266 6.97 -39.72 -27.75
CA LYS B 266 6.14 -39.01 -28.72
C LYS B 266 6.52 -39.48 -30.10
N SER B 267 7.81 -39.76 -30.26
CA SER B 267 8.36 -40.25 -31.51
C SER B 267 8.03 -41.73 -31.59
N ALA B 268 7.74 -42.31 -30.43
CA ALA B 268 7.40 -43.71 -30.34
C ALA B 268 5.94 -43.93 -30.68
N LEU B 269 5.08 -43.09 -30.13
CA LEU B 269 3.65 -43.22 -30.43
C LEU B 269 3.50 -42.92 -31.91
N ARG B 270 4.27 -41.96 -32.41
CA ARG B 270 4.19 -41.64 -33.82
C ARG B 270 4.63 -42.84 -34.60
N GLU B 271 5.80 -43.36 -34.28
CA GLU B 271 6.31 -44.52 -34.97
C GLU B 271 5.28 -45.67 -34.97
N MET B 272 4.47 -45.75 -33.90
CA MET B 272 3.46 -46.80 -33.76
C MET B 272 2.15 -46.60 -34.50
N GLY B 273 2.12 -45.60 -35.39
CA GLY B 273 0.92 -45.33 -36.17
C GLY B 273 -0.13 -44.55 -35.40
N TYR B 274 0.32 -43.64 -34.55
CA TYR B 274 -0.60 -42.84 -33.76
C TYR B 274 -0.55 -41.38 -34.13
N ARG B 275 -1.72 -40.75 -34.11
CA ARG B 275 -1.84 -39.33 -34.41
C ARG B 275 -1.78 -38.61 -33.08
N ILE B 276 -0.62 -38.04 -32.75
CA ILE B 276 -0.45 -37.36 -31.49
C ILE B 276 -0.21 -35.89 -31.70
N THR B 277 0.03 -35.16 -30.62
CA THR B 277 0.28 -33.74 -30.72
C THR B 277 1.69 -33.37 -30.29
N ASP B 278 2.34 -32.49 -31.03
CA ASP B 278 3.67 -32.05 -30.69
C ASP B 278 3.52 -31.36 -29.34
N SER B 279 3.36 -32.16 -28.30
CA SER B 279 3.18 -31.67 -26.95
C SER B 279 4.47 -31.30 -26.25
N ARG B 280 4.48 -30.14 -25.63
CA ARG B 280 5.64 -29.68 -24.92
C ARG B 280 5.25 -29.52 -23.46
N GLY B 281 4.59 -30.52 -22.92
CA GLY B 281 4.20 -30.46 -21.52
C GLY B 281 4.83 -31.64 -20.80
N ASN B 282 4.28 -32.06 -19.67
CA ASN B 282 4.86 -33.22 -19.01
C ASN B 282 3.91 -34.38 -19.26
N PHE B 283 3.37 -34.40 -20.47
CA PHE B 283 2.41 -35.42 -20.92
C PHE B 283 2.35 -35.41 -22.43
N VAL B 284 1.84 -36.49 -23.01
CA VAL B 284 1.71 -36.55 -24.47
C VAL B 284 0.25 -36.84 -24.74
N PHE B 285 -0.26 -36.29 -25.83
CA PHE B 285 -1.66 -36.51 -26.17
C PHE B 285 -1.78 -37.41 -27.40
N VAL B 286 -2.68 -38.36 -27.36
CA VAL B 286 -2.88 -39.26 -28.48
C VAL B 286 -4.34 -39.27 -28.94
N PHE B 287 -4.57 -38.96 -30.21
CA PHE B 287 -5.93 -38.95 -30.73
C PHE B 287 -6.44 -40.36 -30.94
N MET B 288 -7.75 -40.48 -31.17
CA MET B 288 -8.42 -41.76 -31.46
C MET B 288 -9.90 -41.71 -31.13
N GLU B 289 -10.73 -42.01 -32.13
CA GLU B 289 -12.18 -41.98 -31.99
C GLU B 289 -12.71 -42.77 -30.78
N LYS B 290 -13.91 -42.39 -30.35
CA LYS B 290 -14.56 -43.03 -29.21
C LYS B 290 -14.34 -44.52 -29.24
N GLU B 291 -14.62 -45.15 -30.37
CA GLU B 291 -14.46 -46.59 -30.51
C GLU B 291 -13.17 -47.14 -29.90
N GLU B 292 -12.07 -47.02 -30.63
CA GLU B 292 -10.81 -47.55 -30.14
C GLU B 292 -10.45 -46.93 -28.79
N LYS B 293 -10.43 -45.61 -28.74
CA LYS B 293 -10.12 -44.89 -27.51
C LYS B 293 -10.75 -45.59 -26.31
N GLU B 294 -12.07 -45.72 -26.33
CA GLU B 294 -12.81 -46.36 -25.26
C GLU B 294 -12.28 -47.75 -25.01
N ARG B 295 -11.83 -48.40 -26.08
CA ARG B 295 -11.29 -49.74 -25.98
C ARG B 295 -10.05 -49.83 -25.09
N LEU B 296 -9.00 -49.08 -25.43
CA LEU B 296 -7.78 -49.15 -24.61
C LEU B 296 -7.99 -48.60 -23.22
N LEU B 297 -9.07 -47.86 -23.03
CA LEU B 297 -9.33 -47.29 -21.73
C LEU B 297 -9.75 -48.41 -20.78
N GLU B 298 -10.53 -49.37 -21.28
CA GLU B 298 -10.96 -50.51 -20.47
C GLU B 298 -9.83 -51.54 -20.37
N HIS B 299 -9.05 -51.67 -21.43
CA HIS B 299 -7.94 -52.61 -21.44
C HIS B 299 -6.88 -52.14 -20.47
N LEU B 300 -6.68 -50.83 -20.39
CA LEU B 300 -5.70 -50.27 -19.46
C LEU B 300 -6.25 -50.43 -18.06
N ARG B 301 -7.56 -50.30 -17.92
CA ARG B 301 -8.22 -50.43 -16.63
C ARG B 301 -7.88 -51.80 -16.03
N THR B 302 -7.64 -52.80 -16.88
CA THR B 302 -7.32 -54.14 -16.41
C THR B 302 -5.85 -54.27 -16.02
N LYS B 303 -4.96 -53.59 -16.76
CA LYS B 303 -3.53 -53.64 -16.48
C LYS B 303 -3.18 -52.72 -15.32
N ASN B 304 -4.22 -52.20 -14.67
CA ASN B 304 -4.04 -51.30 -13.52
C ASN B 304 -3.50 -49.92 -13.91
N VAL B 305 -3.39 -49.66 -15.20
CA VAL B 305 -2.89 -48.37 -15.67
C VAL B 305 -4.00 -47.33 -15.72
N ALA B 306 -3.67 -46.08 -15.44
CA ALA B 306 -4.67 -45.04 -15.46
C ALA B 306 -4.15 -43.80 -16.19
N VAL B 307 -4.72 -43.54 -17.37
CA VAL B 307 -4.33 -42.39 -18.14
C VAL B 307 -5.53 -41.44 -18.07
N ARG B 308 -5.53 -40.35 -18.83
CA ARG B 308 -6.65 -39.42 -18.83
C ARG B 308 -7.29 -39.28 -20.21
N SER B 309 -8.57 -39.66 -20.27
CA SER B 309 -9.37 -39.62 -21.48
C SER B 309 -9.99 -38.24 -21.64
N PHE B 310 -9.92 -37.68 -22.84
CA PHE B 310 -10.48 -36.36 -23.07
C PHE B 310 -11.61 -36.25 -24.07
N ARG B 311 -11.28 -36.10 -25.35
CA ARG B 311 -12.31 -35.99 -26.36
C ARG B 311 -11.80 -36.75 -27.55
N GLU B 312 -11.07 -36.02 -28.37
CA GLU B 312 -10.51 -36.57 -29.58
C GLU B 312 -9.42 -37.58 -29.31
N GLY B 313 -8.97 -37.69 -28.06
CA GLY B 313 -7.93 -38.66 -27.74
C GLY B 313 -7.69 -38.90 -26.25
N VAL B 314 -6.49 -39.34 -25.91
CA VAL B 314 -6.13 -39.60 -24.50
C VAL B 314 -4.86 -38.86 -24.12
N ARG B 315 -4.75 -38.47 -22.86
CA ARG B 315 -3.59 -37.73 -22.39
C ARG B 315 -2.83 -38.52 -21.32
N ILE B 316 -1.83 -39.28 -21.74
CA ILE B 316 -1.06 -40.05 -20.76
C ILE B 316 0.04 -39.16 -20.21
N THR B 317 0.09 -39.06 -18.88
CA THR B 317 1.09 -38.26 -18.21
C THR B 317 2.42 -39.02 -18.25
N ILE B 318 3.52 -38.27 -18.16
CA ILE B 318 4.83 -38.87 -18.17
C ILE B 318 5.20 -39.27 -16.74
N GLY B 319 5.58 -40.53 -16.55
CA GLY B 319 5.97 -40.99 -15.23
C GLY B 319 7.40 -41.47 -15.29
N LYS B 320 7.80 -42.32 -14.35
CA LYS B 320 9.15 -42.84 -14.41
C LYS B 320 9.19 -43.65 -15.70
N ARG B 321 10.33 -44.26 -16.02
CA ARG B 321 10.46 -45.05 -17.25
C ARG B 321 9.53 -46.24 -17.32
N GLU B 322 9.55 -47.04 -16.26
CA GLU B 322 8.72 -48.22 -16.19
C GLU B 322 7.28 -47.86 -16.53
N GLU B 323 6.67 -46.98 -15.73
CA GLU B 323 5.30 -46.55 -15.94
C GLU B 323 5.07 -46.13 -17.39
N ASN B 324 6.00 -45.37 -17.93
CA ASN B 324 5.91 -44.92 -19.31
C ASN B 324 6.00 -46.12 -20.25
N ASP B 325 7.14 -46.79 -20.21
CA ASP B 325 7.41 -47.95 -21.02
C ASP B 325 6.18 -48.84 -21.10
N MET B 326 5.48 -48.98 -19.98
CA MET B 326 4.29 -49.83 -19.93
C MET B 326 3.27 -49.29 -20.91
N ILE B 327 2.98 -48.01 -20.78
CA ILE B 327 2.02 -47.40 -21.66
C ILE B 327 2.34 -47.80 -23.08
N LEU B 328 3.57 -47.49 -23.52
CA LEU B 328 3.98 -47.80 -24.87
C LEU B 328 3.66 -49.23 -25.33
N ARG B 329 3.83 -50.18 -24.41
CA ARG B 329 3.59 -51.59 -24.69
C ARG B 329 2.13 -51.97 -24.89
N GLU B 330 1.23 -51.33 -24.15
CA GLU B 330 -0.19 -51.65 -24.26
C GLU B 330 -0.78 -51.04 -25.51
N LEU B 331 -0.05 -50.12 -26.11
CA LEU B 331 -0.51 -49.46 -27.32
C LEU B 331 -0.09 -50.19 -28.58
N GLU B 332 0.89 -51.07 -28.44
CA GLU B 332 1.40 -51.83 -29.58
C GLU B 332 0.53 -53.06 -29.83
N VAL B 333 0.12 -53.70 -28.73
CA VAL B 333 -0.73 -54.89 -28.81
C VAL B 333 -2.16 -54.47 -29.14
N PHE B 334 -2.46 -53.20 -28.89
CA PHE B 334 -3.77 -52.65 -29.18
C PHE B 334 -3.86 -52.43 -30.70
N LYS B 335 -3.21 -51.37 -31.16
CA LYS B 335 -3.18 -51.04 -32.58
C LYS B 335 -1.82 -51.40 -33.18
N LYS C 21 -0.03 25.83 29.24
CA LYS C 21 0.02 26.37 27.85
C LYS C 21 -1.18 25.82 27.07
N THR C 22 -2.02 25.09 27.79
CA THR C 22 -3.23 24.50 27.22
C THR C 22 -4.12 25.62 26.65
N TYR C 23 -4.00 25.86 25.34
CA TYR C 23 -4.73 26.94 24.68
C TYR C 23 -5.54 26.61 23.43
N LEU C 24 -5.98 27.68 22.76
CA LEU C 24 -6.76 27.62 21.52
C LEU C 24 -6.45 28.86 20.67
N ALA C 25 -5.18 29.00 20.31
CA ALA C 25 -4.68 30.12 19.53
C ALA C 25 -4.85 29.85 18.03
N LEU C 26 -3.90 29.13 17.44
CA LEU C 26 -3.97 28.78 16.02
C LEU C 26 -5.28 28.04 15.76
N ASN C 27 -5.69 27.96 14.50
CA ASN C 27 -6.94 27.27 14.21
C ASN C 27 -6.78 25.77 14.23
N GLU C 28 -5.87 25.31 15.07
CA GLU C 28 -5.59 23.90 15.19
C GLU C 28 -6.87 23.17 15.58
N ASN C 29 -7.09 22.00 14.97
CA ASN C 29 -8.25 21.19 15.31
C ASN C 29 -8.01 20.67 16.73
N PRO C 30 -9.04 20.63 17.57
CA PRO C 30 -8.94 20.16 18.96
C PRO C 30 -8.66 18.68 19.14
N PHE C 31 -9.24 17.87 18.27
CA PHE C 31 -9.09 16.41 18.34
C PHE C 31 -7.80 15.86 17.75
N PRO C 32 -7.05 15.08 18.53
CA PRO C 32 -5.80 14.50 18.06
C PRO C 32 -6.08 13.58 16.89
N PHE C 33 -5.20 13.57 15.90
CA PHE C 33 -5.41 12.72 14.74
C PHE C 33 -5.73 11.31 15.21
N PRO C 34 -6.82 10.73 14.69
CA PRO C 34 -7.21 9.37 15.08
C PRO C 34 -6.06 8.38 15.05
N GLU C 35 -5.90 7.65 16.15
CA GLU C 35 -4.84 6.66 16.25
C GLU C 35 -5.14 5.53 15.27
N ASP C 36 -6.42 5.22 15.11
CA ASP C 36 -6.84 4.16 14.22
C ASP C 36 -6.18 4.30 12.85
N LEU C 37 -6.25 5.49 12.26
CA LEU C 37 -5.66 5.72 10.94
C LEU C 37 -4.14 5.88 11.02
N VAL C 38 -3.64 6.38 12.14
CA VAL C 38 -2.21 6.52 12.26
C VAL C 38 -1.63 5.12 12.12
N ASP C 39 -2.31 4.16 12.73
CA ASP C 39 -1.91 2.76 12.66
C ASP C 39 -1.96 2.35 11.18
N GLU C 40 -3.06 2.71 10.52
CA GLU C 40 -3.27 2.38 9.13
C GLU C 40 -2.16 2.95 8.28
N VAL C 41 -1.93 4.25 8.44
CA VAL C 41 -0.92 4.92 7.68
C VAL C 41 0.44 4.23 7.74
N PHE C 42 0.89 3.88 8.94
CA PHE C 42 2.17 3.21 9.05
C PHE C 42 2.09 1.80 8.49
N ARG C 43 0.91 1.20 8.54
CA ARG C 43 0.72 -0.15 8.01
C ARG C 43 0.78 -0.14 6.50
N ARG C 44 0.20 0.90 5.90
CA ARG C 44 0.18 1.03 4.45
C ARG C 44 1.43 1.76 3.98
N LEU C 45 2.28 2.14 4.94
CA LEU C 45 3.52 2.83 4.61
C LEU C 45 4.63 1.85 4.29
N ASN C 46 5.16 1.93 3.07
CA ASN C 46 6.23 1.05 2.61
C ASN C 46 7.60 1.73 2.69
N SER C 47 8.48 1.18 3.52
CA SER C 47 9.82 1.75 3.70
C SER C 47 10.56 2.09 2.42
N ASP C 48 10.49 1.20 1.44
CA ASP C 48 11.17 1.42 0.18
C ASP C 48 10.66 2.70 -0.48
N ALA C 49 9.43 3.08 -0.18
CA ALA C 49 8.86 4.30 -0.76
C ALA C 49 9.41 5.54 -0.07
N LEU C 50 9.97 5.37 1.12
CA LEU C 50 10.53 6.52 1.85
C LEU C 50 11.75 7.06 1.12
N ARG C 51 12.67 6.15 0.80
CA ARG C 51 13.92 6.49 0.11
C ARG C 51 13.66 7.18 -1.21
N ILE C 52 12.61 6.75 -1.87
CA ILE C 52 12.23 7.26 -3.18
C ILE C 52 11.69 8.68 -3.12
N TYR C 53 11.70 9.33 -4.27
CA TYR C 53 11.15 10.68 -4.37
C TYR C 53 9.68 10.55 -4.69
N TYR C 54 8.84 10.51 -3.66
CA TYR C 54 7.40 10.38 -3.90
C TYR C 54 6.89 11.63 -4.61
N ASP C 55 6.23 11.44 -5.76
CA ASP C 55 5.70 12.60 -6.46
C ASP C 55 4.54 13.16 -5.64
N SER C 56 4.23 14.46 -5.80
CA SER C 56 3.15 15.08 -5.04
C SER C 56 1.73 14.72 -5.44
N PRO C 57 1.30 15.06 -6.65
CA PRO C 57 -0.07 14.67 -6.97
C PRO C 57 -0.16 13.14 -7.08
N ASP C 58 0.08 12.43 -5.98
CA ASP C 58 0.03 10.97 -5.98
C ASP C 58 -1.29 10.48 -6.58
N GLU C 59 -1.18 9.72 -7.66
CA GLU C 59 -2.35 9.17 -8.36
C GLU C 59 -3.48 8.83 -7.41
N GLU C 60 -3.13 8.20 -6.29
CA GLU C 60 -4.11 7.80 -5.28
C GLU C 60 -4.63 9.04 -4.53
N LEU C 61 -3.73 9.92 -4.08
CA LEU C 61 -4.13 11.12 -3.34
C LEU C 61 -5.17 11.92 -4.14
N ILE C 62 -4.95 12.04 -5.44
CA ILE C 62 -5.86 12.79 -6.28
C ILE C 62 -7.26 12.18 -6.17
N GLU C 63 -7.45 11.03 -6.81
CA GLU C 63 -8.73 10.33 -6.77
C GLU C 63 -9.44 10.49 -5.43
N LYS C 64 -8.72 10.22 -4.35
CA LYS C 64 -9.30 10.33 -3.03
C LYS C 64 -9.88 11.70 -2.72
N ILE C 65 -9.21 12.77 -3.17
CA ILE C 65 -9.74 14.11 -2.91
C ILE C 65 -10.76 14.46 -4.00
N LEU C 66 -10.57 13.87 -5.17
CA LEU C 66 -11.42 14.11 -6.30
C LEU C 66 -12.81 13.52 -6.04
N SER C 67 -12.86 12.48 -5.21
CA SER C 67 -14.15 11.86 -4.90
C SER C 67 -14.71 12.51 -3.63
N TYR C 68 -13.84 13.21 -2.91
CA TYR C 68 -14.22 13.90 -1.67
C TYR C 68 -15.04 15.11 -2.09
N LEU C 69 -14.62 15.73 -3.19
CA LEU C 69 -15.31 16.90 -3.71
C LEU C 69 -16.63 16.44 -4.30
N ASP C 70 -16.67 15.19 -4.75
CA ASP C 70 -17.87 14.57 -5.31
C ASP C 70 -18.41 15.21 -6.59
N THR C 71 -17.66 16.12 -7.20
CA THR C 71 -18.13 16.77 -8.44
C THR C 71 -17.86 15.83 -9.59
N ASP C 72 -18.28 16.19 -10.79
CA ASP C 72 -18.04 15.32 -11.94
C ASP C 72 -17.59 16.05 -13.19
N PHE C 73 -17.21 17.32 -13.05
CA PHE C 73 -16.73 18.10 -14.18
C PHE C 73 -15.21 18.18 -14.09
N LEU C 74 -14.71 17.66 -12.98
CA LEU C 74 -13.29 17.65 -12.70
C LEU C 74 -12.62 16.40 -13.23
N SER C 75 -11.29 16.33 -13.02
CA SER C 75 -10.47 15.21 -13.44
C SER C 75 -9.20 15.25 -12.61
N LYS C 76 -8.21 14.46 -12.98
CA LYS C 76 -6.96 14.48 -12.24
C LYS C 76 -6.26 15.83 -12.37
N ASN C 77 -6.10 16.29 -13.61
CA ASN C 77 -5.41 17.56 -13.84
C ASN C 77 -6.14 18.83 -13.40
N ASN C 78 -7.27 18.68 -12.73
CA ASN C 78 -7.99 19.85 -12.25
C ASN C 78 -7.68 20.04 -10.78
N VAL C 79 -6.69 19.31 -10.29
CA VAL C 79 -6.29 19.44 -8.88
C VAL C 79 -4.81 19.17 -8.65
N SER C 80 -4.31 19.69 -7.54
CA SER C 80 -2.92 19.52 -7.16
C SER C 80 -2.80 19.74 -5.64
N VAL C 81 -1.60 19.61 -5.10
CA VAL C 81 -1.43 19.80 -3.67
C VAL C 81 -0.29 20.75 -3.32
N GLY C 82 -0.27 21.21 -2.08
CA GLY C 82 0.78 22.11 -1.64
C GLY C 82 1.31 21.62 -0.31
N ASN C 83 2.50 22.07 0.05
CA ASN C 83 3.12 21.72 1.32
C ASN C 83 2.23 22.38 2.36
N GLY C 84 0.94 22.07 2.27
CA GLY C 84 -0.04 22.67 3.14
C GLY C 84 -0.62 23.82 2.34
N ALA C 85 -1.80 24.29 2.73
CA ALA C 85 -2.42 25.40 2.00
C ALA C 85 -1.40 26.53 1.86
N ASP C 86 -0.65 26.79 2.92
CA ASP C 86 0.32 27.86 2.88
C ASP C 86 1.24 27.78 1.68
N GLU C 87 1.59 26.59 1.20
CA GLU C 87 2.48 26.56 0.06
C GLU C 87 1.71 27.00 -1.17
N ILE C 88 0.41 26.72 -1.20
CA ILE C 88 -0.43 27.09 -2.34
C ILE C 88 -0.62 28.61 -2.32
N ILE C 89 -0.93 29.13 -1.12
CA ILE C 89 -1.12 30.57 -0.91
C ILE C 89 0.18 31.34 -1.16
N TYR C 90 1.31 30.63 -1.06
CA TYR C 90 2.65 31.17 -1.21
C TYR C 90 3.13 31.06 -2.64
N VAL C 91 2.72 29.99 -3.31
CA VAL C 91 3.12 29.76 -4.69
C VAL C 91 2.33 30.57 -5.71
N MET C 92 1.09 30.91 -5.38
CA MET C 92 0.32 31.68 -6.32
C MET C 92 0.91 33.09 -6.43
N MET C 93 1.21 33.71 -5.29
CA MET C 93 1.78 35.05 -5.26
C MET C 93 3.00 35.15 -6.20
N LEU C 94 3.59 34.01 -6.51
CA LEU C 94 4.76 33.96 -7.38
C LEU C 94 4.39 33.80 -8.84
N MET C 95 3.12 33.55 -9.11
CA MET C 95 2.67 33.36 -10.47
C MET C 95 1.64 34.38 -10.92
N PHE C 96 1.68 35.57 -10.30
CA PHE C 96 0.77 36.65 -10.65
C PHE C 96 1.53 37.96 -10.47
N ASP C 97 1.40 38.86 -11.45
CA ASP C 97 2.08 40.15 -11.40
C ASP C 97 1.89 40.85 -10.06
N ARG C 98 0.71 40.66 -9.47
CA ARG C 98 0.39 41.26 -8.18
C ARG C 98 -0.67 40.43 -7.46
N SER C 99 -0.61 40.41 -6.13
CA SER C 99 -1.60 39.67 -5.35
C SER C 99 -2.27 40.68 -4.44
N VAL C 100 -3.59 40.58 -4.30
CA VAL C 100 -4.33 41.49 -3.44
C VAL C 100 -5.35 40.75 -2.60
N PHE C 101 -5.33 41.03 -1.30
CA PHE C 101 -6.26 40.40 -0.38
C PHE C 101 -7.00 41.46 0.43
N PHE C 102 -7.95 41.02 1.26
CA PHE C 102 -8.73 41.96 2.03
C PHE C 102 -8.83 41.72 3.54
N PRO C 103 -8.04 42.48 4.32
CA PRO C 103 -8.08 42.32 5.77
C PRO C 103 -9.38 42.90 6.32
N PRO C 104 -9.85 42.40 7.47
CA PRO C 104 -9.18 41.38 8.26
C PRO C 104 -9.17 40.05 7.51
N THR C 105 -8.00 39.59 7.10
CA THR C 105 -7.87 38.34 6.38
C THR C 105 -6.74 37.52 6.98
N TYR C 106 -6.62 36.25 6.57
CA TYR C 106 -5.58 35.36 7.11
C TYR C 106 -4.18 36.01 7.17
N SER C 107 -3.64 36.05 8.38
CA SER C 107 -2.35 36.66 8.64
C SER C 107 -1.30 36.47 7.55
N CYS C 108 -0.99 35.23 7.24
CA CYS C 108 0.03 34.89 6.25
C CYS C 108 -0.16 35.46 4.84
N TYR C 109 -1.37 35.88 4.49
CA TYR C 109 -1.56 36.45 3.16
C TYR C 109 -0.58 37.61 3.04
N ARG C 110 -0.53 38.43 4.08
CA ARG C 110 0.36 39.59 4.11
C ARG C 110 1.79 39.10 4.27
N ILE C 111 2.02 38.30 5.30
CA ILE C 111 3.33 37.75 5.59
C ILE C 111 3.98 37.18 4.33
N PHE C 112 3.20 36.41 3.57
CA PHE C 112 3.69 35.79 2.34
C PHE C 112 3.87 36.83 1.23
N ALA C 113 3.20 37.96 1.38
CA ALA C 113 3.27 39.01 0.38
C ALA C 113 4.61 39.71 0.41
N LYS C 114 5.04 40.13 1.60
CA LYS C 114 6.31 40.84 1.72
C LYS C 114 7.49 39.88 1.55
N ALA C 115 7.29 38.62 1.93
CA ALA C 115 8.35 37.63 1.81
C ALA C 115 8.77 37.42 0.37
N VAL C 116 7.88 36.81 -0.39
CA VAL C 116 8.11 36.49 -1.80
C VAL C 116 8.47 37.73 -2.64
N GLY C 117 8.05 38.90 -2.18
CA GLY C 117 8.33 40.12 -2.91
C GLY C 117 7.28 40.33 -3.99
N ALA C 118 6.07 39.89 -3.69
CA ALA C 118 4.98 40.04 -4.63
C ALA C 118 4.43 41.44 -4.49
N LYS C 119 3.92 41.99 -5.58
CA LYS C 119 3.35 43.33 -5.55
C LYS C 119 1.98 43.17 -4.89
N PHE C 120 1.72 43.96 -3.85
CA PHE C 120 0.43 43.87 -3.19
C PHE C 120 -0.06 45.20 -2.63
N LEU C 121 -1.38 45.36 -2.67
CA LEU C 121 -2.05 46.56 -2.16
C LEU C 121 -3.31 46.01 -1.53
N GLU C 122 -3.28 45.84 -0.22
CA GLU C 122 -4.40 45.30 0.51
C GLU C 122 -5.46 46.34 0.87
N VAL C 123 -6.67 46.13 0.37
CA VAL C 123 -7.80 47.03 0.63
C VAL C 123 -8.69 46.41 1.71
N PRO C 124 -8.82 47.09 2.86
CA PRO C 124 -9.66 46.57 3.94
C PRO C 124 -11.10 46.27 3.56
N LEU C 125 -11.74 45.43 4.36
CA LEU C 125 -13.13 45.04 4.14
C LEU C 125 -14.10 46.04 4.76
N THR C 126 -15.25 46.22 4.11
CA THR C 126 -16.28 47.14 4.57
C THR C 126 -16.80 46.81 5.97
N LYS C 127 -17.64 47.68 6.51
CA LYS C 127 -18.23 47.48 7.84
C LYS C 127 -19.33 46.43 7.69
N ASP C 128 -19.52 45.99 6.46
CA ASP C 128 -20.53 44.99 6.09
C ASP C 128 -19.84 43.62 6.16
N LEU C 129 -18.53 43.65 6.42
CA LEU C 129 -17.72 42.44 6.50
C LEU C 129 -17.85 41.65 5.21
N ARG C 130 -17.65 42.34 4.08
CA ARG C 130 -17.73 41.69 2.79
C ARG C 130 -16.86 42.36 1.74
N ILE C 131 -16.45 41.54 0.77
CA ILE C 131 -15.58 41.96 -0.34
C ILE C 131 -15.93 43.33 -0.93
N PRO C 132 -15.01 44.30 -0.80
CA PRO C 132 -15.35 45.60 -1.40
C PRO C 132 -15.11 45.46 -2.90
N GLU C 133 -14.36 46.41 -3.46
CA GLU C 133 -14.07 46.37 -4.88
C GLU C 133 -12.93 47.34 -5.16
N VAL C 134 -11.86 46.82 -5.75
CA VAL C 134 -10.73 47.66 -6.06
C VAL C 134 -10.94 48.29 -7.43
N ASN C 135 -9.87 48.81 -8.00
CA ASN C 135 -9.95 49.46 -9.29
C ASN C 135 -9.87 48.44 -10.41
N VAL C 136 -8.81 47.63 -10.39
CA VAL C 136 -8.61 46.65 -11.45
C VAL C 136 -8.48 45.18 -11.03
N GLY C 137 -8.13 44.37 -12.02
CA GLY C 137 -7.96 42.93 -11.82
C GLY C 137 -7.98 42.20 -13.15
N GLU C 138 -6.82 41.72 -13.60
CA GLU C 138 -6.70 40.98 -14.84
C GLU C 138 -5.67 39.88 -14.66
N GLY C 139 -4.40 40.28 -14.61
CA GLY C 139 -3.33 39.34 -14.43
C GLY C 139 -2.86 39.37 -12.98
N ASP C 140 -3.77 39.04 -12.07
CA ASP C 140 -3.44 39.02 -10.66
C ASP C 140 -4.35 38.05 -9.90
N VAL C 141 -4.18 37.99 -8.59
CA VAL C 141 -4.98 37.10 -7.77
C VAL C 141 -5.51 37.82 -6.55
N VAL C 142 -6.69 37.36 -6.11
CA VAL C 142 -7.34 37.90 -4.94
C VAL C 142 -7.54 36.77 -3.93
N PHE C 143 -6.62 36.69 -2.98
CA PHE C 143 -6.68 35.67 -1.94
C PHE C 143 -7.78 36.00 -0.95
N ILE C 144 -8.95 35.41 -1.18
CA ILE C 144 -10.10 35.64 -0.32
C ILE C 144 -10.55 34.34 0.37
N PRO C 145 -10.16 34.18 1.64
CA PRO C 145 -10.49 32.99 2.43
C PRO C 145 -12.00 32.82 2.64
N ASN C 146 -12.53 31.67 2.21
CA ASN C 146 -13.96 31.41 2.34
C ASN C 146 -14.23 30.03 2.93
N PRO C 147 -14.70 29.95 4.19
CA PRO C 147 -14.98 31.05 5.13
C PRO C 147 -13.75 31.91 5.39
N ASN C 148 -13.99 33.19 5.68
CA ASN C 148 -12.90 34.14 5.93
C ASN C 148 -12.20 33.95 7.28
N ASN C 149 -11.01 34.53 7.38
CA ASN C 149 -10.19 34.47 8.58
C ASN C 149 -9.71 35.90 8.84
N PRO C 150 -9.53 36.30 10.11
CA PRO C 150 -9.73 35.54 11.35
C PRO C 150 -11.11 35.77 11.93
N THR C 151 -11.94 36.52 11.22
CA THR C 151 -13.27 36.79 11.71
C THR C 151 -14.17 35.59 11.46
N GLY C 152 -13.82 34.82 10.44
CA GLY C 152 -14.57 33.61 10.13
C GLY C 152 -15.95 33.72 9.51
N HIS C 153 -16.22 34.79 8.77
CA HIS C 153 -17.52 34.93 8.13
C HIS C 153 -17.53 34.23 6.79
N VAL C 154 -18.56 34.48 5.99
CA VAL C 154 -18.66 33.85 4.68
C VAL C 154 -19.05 34.86 3.62
N PHE C 155 -18.32 34.86 2.50
CA PHE C 155 -18.61 35.77 1.40
C PHE C 155 -19.58 35.05 0.45
N GLU C 156 -20.68 35.71 0.12
CA GLU C 156 -21.68 35.13 -0.76
C GLU C 156 -21.18 35.14 -2.19
N ARG C 157 -22.00 34.58 -3.09
CA ARG C 157 -21.68 34.51 -4.50
C ARG C 157 -21.47 35.87 -5.13
N GLU C 158 -22.17 36.88 -4.62
CA GLU C 158 -22.06 38.23 -5.16
C GLU C 158 -20.61 38.75 -5.14
N GLU C 159 -19.92 38.56 -4.02
CA GLU C 159 -18.55 39.01 -3.86
C GLU C 159 -17.63 38.39 -4.92
N ILE C 160 -17.71 37.08 -5.08
CA ILE C 160 -16.88 36.39 -6.04
C ILE C 160 -17.15 36.86 -7.45
N GLU C 161 -18.38 36.68 -7.91
CA GLU C 161 -18.81 37.08 -9.25
C GLU C 161 -18.30 38.46 -9.65
N ARG C 162 -18.46 39.43 -8.74
CA ARG C 162 -18.03 40.81 -9.01
C ARG C 162 -16.56 40.89 -9.39
N ILE C 163 -15.72 40.28 -8.56
CA ILE C 163 -14.29 40.27 -8.78
C ILE C 163 -13.87 39.04 -9.56
N LEU C 164 -14.85 38.23 -9.94
CA LEU C 164 -14.58 37.01 -10.67
C LEU C 164 -14.35 37.30 -12.14
N LYS C 165 -15.36 37.83 -12.81
CA LYS C 165 -15.22 38.12 -14.23
C LYS C 165 -14.58 39.48 -14.44
N THR C 166 -13.97 40.01 -13.38
CA THR C 166 -13.30 41.28 -13.50
C THR C 166 -12.02 41.00 -14.27
N GLY C 167 -11.78 39.72 -14.56
CA GLY C 167 -10.61 39.31 -15.30
C GLY C 167 -9.51 38.76 -14.41
N ALA C 168 -9.56 39.11 -13.13
CA ALA C 168 -8.56 38.67 -12.16
C ALA C 168 -8.76 37.22 -11.74
N PHE C 169 -7.66 36.53 -11.48
CA PHE C 169 -7.74 35.15 -11.04
C PHE C 169 -8.14 35.17 -9.58
N VAL C 170 -9.25 34.54 -9.27
CA VAL C 170 -9.75 34.49 -7.91
C VAL C 170 -9.25 33.26 -7.16
N ALA C 171 -8.82 33.48 -5.93
CA ALA C 171 -8.32 32.36 -5.13
C ALA C 171 -9.05 32.30 -3.79
N LEU C 172 -10.08 31.45 -3.71
CA LEU C 172 -10.81 31.33 -2.45
C LEU C 172 -10.25 30.20 -1.60
N ASP C 173 -9.47 30.58 -0.59
CA ASP C 173 -8.83 29.66 0.34
C ASP C 173 -9.88 29.07 1.30
N GLU C 174 -10.48 27.97 0.87
CA GLU C 174 -11.52 27.29 1.66
C GLU C 174 -10.97 26.47 2.81
N ALA C 175 -9.91 26.97 3.45
CA ALA C 175 -9.28 26.30 4.56
C ALA C 175 -10.26 25.92 5.66
N TYR C 176 -11.52 26.28 5.49
CA TYR C 176 -12.49 25.95 6.52
C TYR C 176 -13.78 25.38 5.95
N TYR C 177 -13.74 24.94 4.69
CA TYR C 177 -14.92 24.36 4.04
C TYR C 177 -15.58 23.24 4.81
N GLU C 178 -14.78 22.38 5.40
CA GLU C 178 -15.31 21.24 6.14
C GLU C 178 -16.23 21.68 7.29
N PHE C 179 -16.05 22.90 7.75
CA PHE C 179 -16.88 23.38 8.83
C PHE C 179 -18.07 24.16 8.30
N HIS C 180 -17.86 24.93 7.24
CA HIS C 180 -18.95 25.72 6.67
C HIS C 180 -20.04 24.83 6.10
N GLY C 181 -19.66 23.88 5.26
CA GLY C 181 -20.63 22.98 4.68
C GLY C 181 -20.73 23.12 3.18
N GLU C 182 -20.66 24.35 2.69
CA GLU C 182 -20.77 24.57 1.25
C GLU C 182 -19.45 25.06 0.68
N SER C 183 -19.26 24.81 -0.61
CA SER C 183 -18.06 25.22 -1.31
C SER C 183 -18.43 25.79 -2.67
N TYR C 184 -17.66 26.75 -3.16
CA TYR C 184 -17.96 27.35 -4.44
C TYR C 184 -17.09 26.78 -5.55
N VAL C 185 -16.94 25.46 -5.55
CA VAL C 185 -16.16 24.82 -6.59
C VAL C 185 -17.01 24.86 -7.85
N ASP C 186 -18.33 24.90 -7.66
CA ASP C 186 -19.26 24.98 -8.78
C ASP C 186 -18.75 26.06 -9.74
N PHE C 187 -18.45 27.23 -9.18
CA PHE C 187 -17.94 28.37 -9.93
C PHE C 187 -16.84 27.97 -10.93
N LEU C 188 -16.20 26.85 -10.67
CA LEU C 188 -15.13 26.39 -11.54
C LEU C 188 -15.70 25.81 -12.84
N LYS C 189 -16.99 25.53 -12.82
CA LYS C 189 -17.67 24.97 -13.99
C LYS C 189 -17.61 25.88 -15.21
N LYS C 190 -17.93 27.16 -15.01
CA LYS C 190 -17.93 28.13 -16.09
C LYS C 190 -16.73 29.06 -16.16
N TYR C 191 -16.13 29.36 -15.01
CA TYR C 191 -14.99 30.27 -14.96
C TYR C 191 -13.64 29.55 -14.83
N GLU C 192 -12.64 30.03 -15.57
CA GLU C 192 -11.28 29.46 -15.56
C GLU C 192 -10.33 30.29 -14.69
N ASN C 193 -10.74 31.50 -14.34
CA ASN C 193 -9.93 32.39 -13.52
C ASN C 193 -10.19 32.18 -12.03
N LEU C 194 -10.30 30.91 -11.63
CA LEU C 194 -10.57 30.54 -10.24
C LEU C 194 -9.72 29.39 -9.73
N ALA C 195 -9.64 29.29 -8.41
CA ALA C 195 -8.88 28.22 -7.76
C ALA C 195 -9.42 28.08 -6.35
N VAL C 196 -9.43 26.85 -5.85
CA VAL C 196 -9.93 26.60 -4.51
C VAL C 196 -8.85 25.99 -3.64
N ILE C 197 -8.37 26.74 -2.66
CA ILE C 197 -7.34 26.23 -1.76
C ILE C 197 -8.02 25.47 -0.62
N ARG C 198 -7.51 24.27 -0.33
CA ARG C 198 -8.06 23.41 0.73
C ARG C 198 -6.96 22.88 1.64
N THR C 199 -7.35 22.18 2.70
CA THR C 199 -6.39 21.65 3.67
C THR C 199 -6.94 20.53 4.55
N PHE C 200 -6.03 19.81 5.20
CA PHE C 200 -6.36 18.73 6.12
C PHE C 200 -6.05 19.21 7.55
N SER C 201 -5.35 20.32 7.67
CA SER C 201 -4.98 20.85 8.97
C SER C 201 -6.12 21.08 9.94
N LYS C 202 -7.27 21.49 9.41
CA LYS C 202 -8.41 21.75 10.27
C LYS C 202 -9.24 20.49 10.52
N ALA C 203 -10.19 20.22 9.64
CA ALA C 203 -11.06 19.06 9.79
C ALA C 203 -10.32 17.74 9.98
N PHE C 204 -9.25 17.54 9.24
CA PHE C 204 -8.50 16.30 9.28
C PHE C 204 -7.30 16.27 10.26
N SER C 205 -7.24 17.25 11.14
CA SER C 205 -6.16 17.34 12.13
C SER C 205 -4.76 17.06 11.58
N LEU C 206 -4.48 17.54 10.38
CA LEU C 206 -3.18 17.33 9.78
C LEU C 206 -2.39 18.62 9.58
N ALA C 207 -2.55 19.56 10.51
CA ALA C 207 -1.84 20.82 10.41
C ALA C 207 -0.35 20.56 10.36
N ALA C 208 0.09 19.63 11.19
CA ALA C 208 1.49 19.26 11.27
C ALA C 208 1.96 18.45 10.08
N GLN C 209 1.05 17.81 9.38
CA GLN C 209 1.45 17.02 8.22
C GLN C 209 1.50 17.84 6.96
N ARG C 210 1.01 19.06 7.04
CA ARG C 210 1.05 19.97 5.91
C ARG C 210 0.69 19.28 4.62
N VAL C 211 -0.60 19.26 4.27
CA VAL C 211 -1.06 18.65 3.04
C VAL C 211 -2.28 19.42 2.58
N GLY C 212 -2.11 20.37 1.67
CA GLY C 212 -3.26 21.11 1.19
C GLY C 212 -3.40 20.90 -0.30
N TYR C 213 -4.64 20.88 -0.79
CA TYR C 213 -4.86 20.68 -2.22
C TYR C 213 -5.50 21.89 -2.89
N VAL C 214 -5.52 21.89 -4.21
CA VAL C 214 -6.08 23.01 -4.96
C VAL C 214 -6.91 22.54 -6.15
N VAL C 215 -8.12 23.05 -6.22
CA VAL C 215 -9.03 22.72 -7.31
C VAL C 215 -9.15 23.99 -8.13
N ALA C 216 -8.60 23.95 -9.34
CA ALA C 216 -8.65 25.11 -10.22
C ALA C 216 -8.57 24.62 -11.64
N SER C 217 -8.81 25.53 -12.59
CA SER C 217 -8.79 25.16 -14.00
C SER C 217 -7.60 24.29 -14.34
N GLU C 218 -7.77 23.52 -15.42
CA GLU C 218 -6.73 22.63 -15.92
C GLU C 218 -5.58 23.50 -16.41
N LYS C 219 -5.93 24.62 -17.02
CA LYS C 219 -4.93 25.54 -17.53
C LYS C 219 -4.04 26.01 -16.38
N PHE C 220 -4.66 26.36 -15.27
CA PHE C 220 -3.95 26.86 -14.08
C PHE C 220 -3.14 25.78 -13.38
N ILE C 221 -3.82 24.71 -12.98
CA ILE C 221 -3.14 23.63 -12.29
C ILE C 221 -1.83 23.30 -13.01
N ASP C 222 -1.87 23.28 -14.34
CA ASP C 222 -0.68 23.00 -15.13
C ASP C 222 0.41 23.97 -14.72
N ALA C 223 0.11 25.25 -14.85
CA ALA C 223 1.05 26.29 -14.51
C ALA C 223 1.47 26.09 -13.07
N TYR C 224 0.49 25.94 -12.18
CA TYR C 224 0.76 25.78 -10.76
C TYR C 224 1.72 24.65 -10.39
N ASN C 225 1.67 23.55 -11.14
CA ASN C 225 2.56 22.44 -10.86
C ASN C 225 3.98 22.77 -11.30
N ARG C 226 4.14 23.80 -12.12
CA ARG C 226 5.44 24.21 -12.65
C ARG C 226 6.15 25.20 -11.74
N VAL C 227 5.37 26.07 -11.13
CA VAL C 227 5.93 27.06 -10.24
C VAL C 227 6.23 26.43 -8.89
N ARG C 228 5.30 25.60 -8.40
CA ARG C 228 5.47 24.95 -7.11
C ARG C 228 6.60 23.92 -7.14
N LEU C 229 6.85 23.29 -6.01
CA LEU C 229 7.93 22.30 -5.92
C LEU C 229 7.49 20.97 -6.49
N PRO C 230 8.42 20.19 -7.04
CA PRO C 230 7.97 18.91 -7.58
C PRO C 230 7.40 18.05 -6.47
N PHE C 231 8.13 17.99 -5.36
CA PHE C 231 7.74 17.17 -4.23
C PHE C 231 7.55 18.00 -2.96
N ASN C 232 6.44 18.71 -2.92
CA ASN C 232 6.12 19.57 -1.80
C ASN C 232 5.33 18.86 -0.70
N VAL C 233 4.93 17.62 -0.97
CA VAL C 233 4.17 16.84 0.00
C VAL C 233 4.92 15.56 0.33
N SER C 234 5.00 15.22 1.61
CA SER C 234 5.72 14.03 2.03
C SER C 234 4.88 12.78 1.97
N TYR C 235 5.46 11.71 1.42
CA TYR C 235 4.81 10.42 1.29
C TYR C 235 3.99 10.13 2.53
N VAL C 236 4.64 10.21 3.69
CA VAL C 236 3.95 9.92 4.92
C VAL C 236 2.74 10.82 4.99
N SER C 237 2.97 12.10 4.75
CA SER C 237 1.88 13.08 4.76
C SER C 237 0.79 12.68 3.79
N GLN C 238 1.14 12.56 2.51
CA GLN C 238 0.16 12.17 1.50
C GLN C 238 -0.59 10.91 1.90
N MET C 239 0.07 10.08 2.71
CA MET C 239 -0.57 8.86 3.18
C MET C 239 -1.59 9.24 4.26
N PHE C 240 -1.17 10.09 5.19
CA PHE C 240 -2.07 10.53 6.26
C PHE C 240 -3.27 11.15 5.58
N ALA C 241 -3.01 11.89 4.52
CA ALA C 241 -4.06 12.54 3.76
C ALA C 241 -4.98 11.51 3.13
N LYS C 242 -4.42 10.48 2.52
CA LYS C 242 -5.25 9.46 1.88
C LYS C 242 -6.11 8.63 2.86
N VAL C 243 -5.55 8.25 4.01
CA VAL C 243 -6.33 7.48 4.97
C VAL C 243 -7.37 8.40 5.59
N ALA C 244 -7.07 9.69 5.56
CA ALA C 244 -7.97 10.69 6.13
C ALA C 244 -9.20 10.82 5.25
N LEU C 245 -9.02 10.61 3.95
CA LEU C 245 -10.14 10.71 3.05
C LEU C 245 -10.86 9.38 2.94
N ASP C 246 -10.24 8.33 3.47
CA ASP C 246 -10.85 7.00 3.44
C ASP C 246 -11.62 6.77 4.74
N HIS C 247 -11.76 7.82 5.53
CA HIS C 247 -12.47 7.76 6.80
C HIS C 247 -13.16 9.10 7.12
N ARG C 248 -13.85 9.63 6.12
CA ARG C 248 -14.56 10.90 6.23
C ARG C 248 -15.76 10.78 7.15
N GLU C 249 -15.81 9.73 7.94
CA GLU C 249 -16.94 9.52 8.85
C GLU C 249 -16.63 9.97 10.27
N ILE C 250 -15.40 9.74 10.73
CA ILE C 250 -15.03 10.17 12.08
C ILE C 250 -14.32 11.50 11.97
N PHE C 251 -14.42 12.11 10.78
CA PHE C 251 -13.83 13.41 10.54
C PHE C 251 -14.98 14.31 10.17
N GLU C 252 -16.11 13.70 9.91
CA GLU C 252 -17.31 14.45 9.57
C GLU C 252 -18.12 14.48 10.85
N GLU C 253 -17.81 13.54 11.73
CA GLU C 253 -18.47 13.43 13.03
C GLU C 253 -17.74 14.36 13.98
N ARG C 254 -16.43 14.43 13.84
CA ARG C 254 -15.65 15.29 14.70
C ARG C 254 -15.74 16.74 14.21
N THR C 255 -16.25 16.91 12.98
CA THR C 255 -16.42 18.24 12.43
C THR C 255 -17.81 18.71 12.88
N LYS C 256 -18.73 17.76 12.96
CA LYS C 256 -20.09 18.07 13.41
C LYS C 256 -20.01 18.56 14.85
N PHE C 257 -19.06 18.04 15.60
CA PHE C 257 -18.89 18.45 16.99
C PHE C 257 -18.38 19.87 17.02
N ILE C 258 -17.68 20.26 15.96
CA ILE C 258 -17.15 21.60 15.88
C ILE C 258 -18.24 22.53 15.39
N VAL C 259 -18.82 22.22 14.23
CA VAL C 259 -19.86 23.05 13.64
C VAL C 259 -21.04 23.36 14.54
N GLU C 260 -21.34 22.46 15.48
CA GLU C 260 -22.49 22.67 16.36
C GLU C 260 -22.10 23.22 17.74
N GLU C 261 -20.89 22.91 18.20
CA GLU C 261 -20.49 23.39 19.51
C GLU C 261 -19.75 24.73 19.47
N ARG C 262 -19.77 25.37 18.30
CA ARG C 262 -19.18 26.71 18.14
C ARG C 262 -20.41 27.58 18.02
N GLU C 263 -21.41 27.00 17.38
CA GLU C 263 -22.69 27.64 17.18
C GLU C 263 -23.28 27.73 18.57
N ARG C 264 -22.84 26.82 19.44
CA ARG C 264 -23.32 26.77 20.82
C ARG C 264 -22.76 27.91 21.66
N MET C 265 -21.48 28.24 21.48
CA MET C 265 -20.93 29.34 22.23
C MET C 265 -20.82 30.60 21.39
N LYS C 266 -21.65 30.68 20.36
CA LYS C 266 -21.73 31.84 19.48
C LYS C 266 -22.98 32.61 19.86
N SER C 267 -24.07 31.86 20.07
CA SER C 267 -25.35 32.44 20.47
C SER C 267 -25.32 32.58 21.99
N ALA C 268 -24.28 31.98 22.60
CA ALA C 268 -24.11 32.06 24.05
C ALA C 268 -23.39 33.35 24.31
N LEU C 269 -22.30 33.56 23.57
CA LEU C 269 -21.50 34.75 23.72
C LEU C 269 -22.28 35.99 23.28
N ARG C 270 -22.85 35.93 22.09
CA ARG C 270 -23.59 37.06 21.55
C ARG C 270 -24.61 37.68 22.51
N GLU C 271 -25.06 36.92 23.50
CA GLU C 271 -26.04 37.47 24.44
C GLU C 271 -25.44 37.75 25.82
N MET C 272 -24.25 37.23 26.08
CA MET C 272 -23.65 37.48 27.38
C MET C 272 -22.97 38.85 27.39
N GLY C 273 -23.00 39.53 26.25
CA GLY C 273 -22.39 40.85 26.17
C GLY C 273 -21.56 41.16 24.95
N TYR C 274 -20.63 40.27 24.61
CA TYR C 274 -19.75 40.47 23.46
C TYR C 274 -20.47 40.41 22.12
N ARG C 275 -19.78 40.83 21.07
CA ARG C 275 -20.34 40.81 19.73
C ARG C 275 -19.43 39.95 18.87
N ILE C 276 -19.99 38.89 18.30
CA ILE C 276 -19.22 37.96 17.46
C ILE C 276 -19.53 38.08 15.97
N THR C 277 -18.95 37.18 15.19
CA THR C 277 -19.14 37.16 13.75
C THR C 277 -19.98 35.94 13.38
N ASP C 278 -20.52 35.92 12.17
CA ASP C 278 -21.32 34.78 11.73
C ASP C 278 -20.35 33.70 11.30
N SER C 279 -19.44 33.35 12.20
CA SER C 279 -18.42 32.35 11.92
C SER C 279 -18.97 31.04 11.37
N ARG C 280 -18.20 30.42 10.49
CA ARG C 280 -18.57 29.14 9.89
C ARG C 280 -17.28 28.36 9.67
N GLY C 281 -16.39 28.45 10.67
CA GLY C 281 -15.11 27.74 10.61
C GLY C 281 -14.88 27.04 11.94
N ASN C 282 -13.63 26.74 12.28
CA ASN C 282 -13.38 26.08 13.55
C ASN C 282 -12.96 27.11 14.60
N PHE C 283 -13.66 28.24 14.61
CA PHE C 283 -13.33 29.31 15.55
C PHE C 283 -14.42 30.37 15.57
N VAL C 284 -14.27 31.34 16.47
CA VAL C 284 -15.20 32.44 16.63
C VAL C 284 -14.40 33.74 16.77
N PHE C 285 -14.99 34.88 16.41
CA PHE C 285 -14.29 36.15 16.54
C PHE C 285 -15.10 37.19 17.31
N VAL C 286 -14.47 37.78 18.32
CA VAL C 286 -15.10 38.79 19.15
C VAL C 286 -14.45 40.14 18.86
N PHE C 287 -15.13 41.23 19.20
CA PHE C 287 -14.57 42.56 18.96
C PHE C 287 -14.30 43.34 20.24
N MET C 288 -13.19 44.06 20.21
CA MET C 288 -12.77 44.90 21.32
C MET C 288 -11.54 45.66 20.88
N GLU C 289 -11.02 46.52 21.75
CA GLU C 289 -9.84 47.29 21.38
C GLU C 289 -9.17 47.94 22.59
N LYS C 290 -8.41 49.00 22.30
CA LYS C 290 -7.69 49.76 23.32
C LYS C 290 -7.05 48.85 24.36
N GLU C 291 -7.44 49.00 25.62
CA GLU C 291 -6.86 48.21 26.69
C GLU C 291 -7.84 47.27 27.38
N GLU C 292 -8.88 46.84 26.68
CA GLU C 292 -9.84 45.90 27.26
C GLU C 292 -9.50 44.56 26.64
N LYS C 293 -8.98 44.63 25.42
CA LYS C 293 -8.56 43.44 24.71
C LYS C 293 -7.34 42.90 25.45
N GLU C 294 -6.59 43.82 26.06
CA GLU C 294 -5.41 43.47 26.83
C GLU C 294 -5.83 42.94 28.19
N ARG C 295 -6.91 43.53 28.72
CA ARG C 295 -7.42 43.13 30.02
C ARG C 295 -7.83 41.66 29.97
N LEU C 296 -7.65 41.08 28.78
CA LEU C 296 -7.95 39.67 28.57
C LEU C 296 -6.66 38.87 28.65
N LEU C 297 -5.67 39.26 27.85
CA LEU C 297 -4.38 38.57 27.83
C LEU C 297 -3.80 38.33 29.22
N GLU C 298 -3.98 39.29 30.12
CA GLU C 298 -3.43 39.13 31.48
C GLU C 298 -4.20 38.07 32.27
N HIS C 299 -5.52 38.03 32.08
CA HIS C 299 -6.34 37.05 32.79
C HIS C 299 -6.25 35.72 32.07
N LEU C 300 -5.82 35.76 30.82
CA LEU C 300 -5.66 34.57 30.00
C LEU C 300 -4.28 33.98 30.30
N ARG C 301 -3.33 34.87 30.51
CA ARG C 301 -1.96 34.47 30.82
C ARG C 301 -1.96 33.62 32.08
N THR C 302 -2.73 34.03 33.09
CA THR C 302 -2.77 33.27 34.32
C THR C 302 -3.63 32.04 34.11
N LYS C 303 -4.42 32.05 33.04
CA LYS C 303 -5.30 30.93 32.71
C LYS C 303 -4.57 29.88 31.89
N ASN C 304 -3.44 30.27 31.31
CA ASN C 304 -2.66 29.37 30.50
C ASN C 304 -3.43 29.09 29.20
N VAL C 305 -4.27 30.04 28.81
CA VAL C 305 -5.07 29.91 27.59
C VAL C 305 -4.69 31.04 26.60
N ALA C 306 -4.80 30.79 25.30
CA ALA C 306 -4.40 31.80 24.31
C ALA C 306 -5.38 32.06 23.17
N VAL C 307 -5.14 33.15 22.45
CA VAL C 307 -5.97 33.57 21.32
C VAL C 307 -5.07 34.08 20.18
N ARG C 308 -5.64 34.86 19.25
CA ARG C 308 -4.86 35.40 18.12
C ARG C 308 -4.90 36.92 17.97
N SER C 309 -6.10 37.43 17.67
CA SER C 309 -6.35 38.85 17.49
C SER C 309 -6.05 39.41 16.09
N PHE C 310 -5.97 40.74 16.02
CA PHE C 310 -5.67 41.52 14.83
C PHE C 310 -6.45 42.82 14.86
N ARG C 311 -6.12 43.68 15.83
CA ARG C 311 -6.78 44.97 15.98
C ARG C 311 -8.25 44.79 16.37
N GLU C 312 -9.09 44.60 15.36
CA GLU C 312 -10.52 44.41 15.54
C GLU C 312 -10.94 43.69 16.81
N GLY C 313 -10.28 42.58 17.10
CA GLY C 313 -10.60 41.81 18.28
C GLY C 313 -9.70 40.60 18.43
N VAL C 314 -10.14 39.63 19.23
CA VAL C 314 -9.36 38.42 19.46
C VAL C 314 -10.08 37.24 18.83
N ARG C 315 -9.30 36.33 18.24
CA ARG C 315 -9.86 35.13 17.60
C ARG C 315 -9.63 33.91 18.46
N ILE C 316 -10.72 33.25 18.81
CA ILE C 316 -10.66 32.05 19.63
C ILE C 316 -10.99 30.83 18.80
N THR C 317 -10.08 29.87 18.82
CA THR C 317 -10.27 28.66 18.06
C THR C 317 -11.11 27.70 18.92
N ILE C 318 -11.88 26.83 18.27
CA ILE C 318 -12.72 25.88 18.99
C ILE C 318 -11.94 24.71 19.56
N GLY C 319 -12.14 24.45 20.85
CA GLY C 319 -11.43 23.37 21.50
C GLY C 319 -12.38 22.31 21.98
N LYS C 320 -11.90 21.44 22.86
CA LYS C 320 -12.72 20.37 23.42
C LYS C 320 -13.78 20.93 24.38
N ARG C 321 -14.67 20.05 24.85
CA ARG C 321 -15.74 20.45 25.76
C ARG C 321 -15.28 21.31 26.95
N GLU C 322 -14.26 20.84 27.67
CA GLU C 322 -13.75 21.55 28.83
C GLU C 322 -12.86 22.72 28.40
N GLU C 323 -12.37 22.65 27.18
CA GLU C 323 -11.51 23.69 26.62
C GLU C 323 -12.29 25.00 26.59
N ASN C 324 -13.40 24.98 25.88
CA ASN C 324 -14.24 26.15 25.72
C ASN C 324 -14.75 26.68 27.05
N ASP C 325 -15.14 25.77 27.94
CA ASP C 325 -15.63 26.18 29.25
C ASP C 325 -14.51 26.92 29.99
N MET C 326 -13.37 27.05 29.32
CA MET C 326 -12.20 27.75 29.89
C MET C 326 -12.13 29.18 29.37
N ILE C 327 -13.07 29.55 28.51
CA ILE C 327 -13.11 30.91 27.95
C ILE C 327 -14.49 31.51 28.12
N LEU C 328 -15.48 30.88 27.50
CA LEU C 328 -16.85 31.34 27.58
C LEU C 328 -17.25 31.40 29.04
N ARG C 329 -16.67 30.52 29.85
CA ARG C 329 -16.98 30.51 31.26
C ARG C 329 -16.36 31.74 31.92
N GLU C 330 -15.10 31.64 32.32
CA GLU C 330 -14.47 32.81 32.96
C GLU C 330 -14.25 33.92 31.93
N LEU C 331 -15.25 34.79 31.85
CA LEU C 331 -15.29 35.93 30.95
C LEU C 331 -15.88 37.08 31.76
N GLU C 332 -16.82 36.81 32.54
N ILE D 7 -1.15 33.38 -18.90
CA ILE D 7 -0.27 32.18 -18.99
C ILE D 7 1.19 32.62 -19.14
N ALA D 8 1.61 33.52 -18.26
CA ALA D 8 2.98 34.06 -18.29
C ALA D 8 4.07 33.02 -18.06
N LYS D 9 3.70 31.75 -17.91
CA LYS D 9 4.67 30.70 -17.68
C LYS D 9 5.02 29.94 -18.95
N ARG D 10 5.95 30.49 -19.72
CA ARG D 10 6.43 29.93 -20.98
C ARG D 10 6.32 28.42 -21.06
N ALA D 11 7.31 27.74 -20.49
CA ALA D 11 7.35 26.28 -20.50
C ALA D 11 7.80 25.62 -19.18
N TYR D 12 8.53 24.51 -19.33
CA TYR D 12 9.04 23.72 -18.21
C TYR D 12 7.87 23.13 -17.44
N PRO D 13 7.17 22.15 -18.04
CA PRO D 13 6.01 21.43 -17.53
C PRO D 13 6.28 20.37 -16.46
N TYR D 14 5.31 20.19 -15.55
CA TYR D 14 5.42 19.22 -14.47
C TYR D 14 5.04 17.83 -14.94
N GLU D 15 5.96 16.89 -14.77
CA GLU D 15 5.70 15.52 -15.19
C GLU D 15 6.40 14.55 -14.24
N THR D 16 5.67 13.55 -13.78
CA THR D 16 6.25 12.54 -12.90
C THR D 16 6.62 11.38 -13.82
N GLU D 17 7.91 11.07 -13.88
CA GLU D 17 8.37 10.01 -14.75
C GLU D 17 7.90 8.61 -14.35
N LYS D 18 7.59 7.80 -15.36
CA LYS D 18 7.15 6.43 -15.15
C LYS D 18 8.42 5.60 -14.97
N ARG D 19 8.81 5.41 -13.72
CA ARG D 19 10.02 4.67 -13.39
C ARG D 19 9.99 3.18 -13.67
N ASP D 20 11.17 2.61 -13.92
CA ASP D 20 11.31 1.19 -14.21
C ASP D 20 11.66 0.40 -12.97
N LYS D 21 12.09 -0.83 -13.21
CA LYS D 21 12.46 -1.74 -12.13
C LYS D 21 13.76 -1.28 -11.50
N THR D 22 14.74 -0.94 -12.33
CA THR D 22 16.06 -0.50 -11.88
C THR D 22 16.19 1.01 -12.10
N TYR D 23 15.79 1.80 -11.09
CA TYR D 23 15.80 3.25 -11.18
C TYR D 23 17.01 3.93 -10.55
N LEU D 24 17.86 4.49 -11.40
CA LEU D 24 19.05 5.19 -10.94
C LEU D 24 19.12 6.53 -11.63
N ALA D 25 17.97 7.17 -11.78
CA ALA D 25 17.91 8.44 -12.45
C ALA D 25 17.49 9.56 -11.52
N LEU D 26 17.53 9.32 -10.22
CA LEU D 26 17.11 10.37 -9.30
C LEU D 26 17.96 10.49 -8.06
N ASN D 27 19.13 9.89 -8.07
CA ASN D 27 20.03 9.93 -6.94
C ASN D 27 19.31 9.64 -5.64
N GLU D 28 18.54 8.57 -5.62
CA GLU D 28 17.86 8.21 -4.39
C GLU D 28 18.66 7.13 -3.71
N ASN D 29 18.65 7.12 -2.39
CA ASN D 29 19.38 6.09 -1.66
C ASN D 29 18.85 4.74 -2.12
N PRO D 30 19.74 3.79 -2.41
CA PRO D 30 19.34 2.44 -2.87
C PRO D 30 18.58 1.68 -1.79
N PHE D 31 19.02 1.88 -0.56
CA PHE D 31 18.45 1.22 0.61
C PHE D 31 17.23 1.95 1.16
N PRO D 32 16.16 1.22 1.45
CA PRO D 32 14.96 1.87 2.00
C PRO D 32 15.28 2.40 3.39
N PHE D 33 14.32 3.02 4.05
CA PHE D 33 14.58 3.54 5.38
C PHE D 33 14.44 2.38 6.36
N PRO D 34 15.48 2.16 7.19
CA PRO D 34 15.49 1.09 8.18
C PRO D 34 14.13 0.83 8.81
N GLU D 35 13.48 -0.26 8.39
CA GLU D 35 12.18 -0.64 8.89
C GLU D 35 12.12 -0.52 10.43
N ASP D 36 13.26 -0.68 11.09
CA ASP D 36 13.30 -0.57 12.53
C ASP D 36 13.20 0.88 12.97
N LEU D 37 13.53 1.80 12.08
CA LEU D 37 13.47 3.21 12.40
C LEU D 37 12.09 3.78 12.04
N VAL D 38 11.40 3.10 11.14
CA VAL D 38 10.08 3.50 10.72
C VAL D 38 9.21 3.23 11.92
N ASP D 39 9.47 2.08 12.53
CA ASP D 39 8.77 1.65 13.72
C ASP D 39 9.10 2.67 14.82
N GLU D 40 10.38 2.98 15.01
CA GLU D 40 10.76 3.89 16.08
C GLU D 40 10.05 5.23 16.04
N VAL D 41 9.88 5.82 14.86
CA VAL D 41 9.18 7.09 14.80
C VAL D 41 7.73 6.80 15.12
N PHE D 42 7.25 5.68 14.61
CA PHE D 42 5.88 5.28 14.85
C PHE D 42 5.64 5.32 16.35
N ARG D 43 6.54 4.68 17.10
CA ARG D 43 6.41 4.64 18.55
C ARG D 43 6.38 6.06 19.09
N ARG D 44 7.47 6.77 18.88
CA ARG D 44 7.62 8.15 19.36
C ARG D 44 6.53 9.08 18.83
N LEU D 45 5.78 8.61 17.85
CA LEU D 45 4.73 9.44 17.29
C LEU D 45 3.63 9.68 18.30
N ASN D 46 3.19 10.93 18.37
CA ASN D 46 2.11 11.32 19.28
C ASN D 46 0.98 11.89 18.42
N SER D 47 -0.10 11.14 18.29
CA SER D 47 -1.24 11.55 17.46
C SER D 47 -1.70 12.97 17.73
N ASP D 48 -1.80 13.34 18.99
CA ASP D 48 -2.22 14.68 19.38
C ASP D 48 -1.26 15.76 18.86
N ALA D 49 -0.21 15.33 18.15
CA ALA D 49 0.78 16.27 17.61
C ALA D 49 0.51 16.50 16.14
N LEU D 50 -0.19 15.56 15.53
CA LEU D 50 -0.51 15.69 14.15
C LEU D 50 -1.56 16.78 14.06
N ARG D 51 -2.36 16.91 15.11
CA ARG D 51 -3.40 17.91 15.13
C ARG D 51 -2.82 19.32 15.09
N ILE D 52 -1.82 19.58 15.92
CA ILE D 52 -1.24 20.91 16.01
C ILE D 52 -0.23 21.31 14.94
N TYR D 53 -0.05 22.62 14.76
CA TYR D 53 0.90 23.18 13.81
C TYR D 53 2.28 22.97 14.40
N TYR D 54 2.94 21.90 13.99
CA TYR D 54 4.24 21.59 14.54
C TYR D 54 5.34 22.49 14.04
N ASP D 55 6.05 23.13 14.97
CA ASP D 55 7.14 24.03 14.64
C ASP D 55 8.06 23.39 13.61
N SER D 56 7.99 23.86 12.37
CA SER D 56 8.83 23.29 11.31
C SER D 56 10.21 23.01 11.86
N PRO D 57 10.90 24.02 12.38
CA PRO D 57 12.21 23.59 12.88
C PRO D 57 12.10 23.38 14.38
N ASP D 58 11.67 22.21 14.81
CA ASP D 58 11.51 21.98 16.23
C ASP D 58 12.86 21.90 16.94
N GLU D 59 12.90 22.37 18.19
CA GLU D 59 14.13 22.39 18.96
C GLU D 59 14.89 21.07 18.85
N GLU D 60 14.24 19.98 19.20
CA GLU D 60 14.87 18.66 19.17
C GLU D 60 15.61 18.41 17.88
N LEU D 61 14.92 18.64 16.77
CA LEU D 61 15.52 18.43 15.47
C LEU D 61 16.77 19.27 15.26
N ILE D 62 16.66 20.55 15.58
CA ILE D 62 17.81 21.44 15.40
C ILE D 62 18.96 20.88 16.22
N GLU D 63 18.64 20.33 17.37
CA GLU D 63 19.65 19.77 18.24
C GLU D 63 20.40 18.67 17.48
N LYS D 64 19.72 17.57 17.20
CA LYS D 64 20.35 16.46 16.49
C LYS D 64 21.04 16.88 15.18
N ILE D 65 20.47 17.88 14.49
CA ILE D 65 21.08 18.38 13.26
C ILE D 65 22.43 18.98 13.64
N LEU D 66 22.41 19.83 14.65
CA LEU D 66 23.61 20.51 15.15
C LEU D 66 24.72 19.50 15.45
N SER D 67 24.40 18.50 16.27
CA SER D 67 25.37 17.49 16.63
C SER D 67 25.80 16.67 15.41
N TYR D 68 24.99 16.68 14.36
CA TYR D 68 25.35 15.94 13.15
C TYR D 68 26.41 16.74 12.47
N LEU D 69 26.26 18.06 12.51
CA LEU D 69 27.22 18.94 11.89
C LEU D 69 28.48 18.95 12.74
N ASP D 70 28.38 18.41 13.96
CA ASP D 70 29.52 18.32 14.90
C ASP D 70 30.51 19.49 14.82
N THR D 71 30.10 20.65 15.31
CA THR D 71 30.96 21.84 15.29
C THR D 71 30.95 22.49 16.67
N ASP D 72 31.48 23.71 16.76
CA ASP D 72 31.53 24.42 18.03
C ASP D 72 31.07 25.86 17.89
N PHE D 73 30.97 26.32 16.66
CA PHE D 73 30.56 27.68 16.41
C PHE D 73 29.11 27.83 15.96
N LEU D 74 28.46 26.73 15.67
CA LEU D 74 27.06 26.79 15.25
C LEU D 74 26.16 26.81 16.47
N SER D 75 24.86 26.95 16.21
CA SER D 75 23.84 27.00 17.25
C SER D 75 22.48 26.96 16.56
N LYS D 76 21.40 26.90 17.32
CA LYS D 76 20.07 26.85 16.71
C LYS D 76 19.82 27.96 15.71
N ASN D 77 20.41 29.13 15.96
CA ASN D 77 20.23 30.29 15.11
C ASN D 77 21.11 30.27 13.87
N ASN D 78 21.91 29.23 13.71
CA ASN D 78 22.78 29.11 12.55
C ASN D 78 22.22 28.05 11.60
N VAL D 79 21.22 27.32 12.08
CA VAL D 79 20.58 26.27 11.28
C VAL D 79 19.06 26.44 11.22
N SER D 80 18.52 26.03 10.08
CA SER D 80 17.10 26.10 9.81
C SER D 80 16.82 24.90 8.94
N VAL D 81 15.56 24.66 8.60
CA VAL D 81 15.24 23.52 7.74
C VAL D 81 14.30 23.94 6.63
N GLY D 82 13.99 23.00 5.74
CA GLY D 82 13.10 23.31 4.64
C GLY D 82 12.56 22.01 4.05
N ASN D 83 11.38 22.06 3.45
CA ASN D 83 10.74 20.90 2.84
C ASN D 83 11.64 20.37 1.73
N GLY D 84 12.61 19.53 2.11
CA GLY D 84 13.54 19.00 1.14
C GLY D 84 14.56 20.11 0.93
N ALA D 85 15.77 19.79 0.46
CA ALA D 85 16.77 20.84 0.26
C ALA D 85 16.28 21.76 -0.85
N ASP D 86 15.38 21.23 -1.68
CA ASP D 86 14.80 21.98 -2.78
C ASP D 86 14.18 23.28 -2.29
N GLU D 87 13.28 23.19 -1.32
CA GLU D 87 12.66 24.43 -0.83
C GLU D 87 13.72 25.46 -0.49
N ILE D 88 14.64 25.08 0.40
CA ILE D 88 15.70 25.99 0.80
C ILE D 88 16.24 26.70 -0.43
N ILE D 89 16.42 25.95 -1.52
CA ILE D 89 16.91 26.49 -2.77
C ILE D 89 15.85 27.43 -3.33
N TYR D 90 14.65 26.88 -3.47
CA TYR D 90 13.52 27.60 -4.02
C TYR D 90 13.21 28.92 -3.33
N VAL D 91 13.51 29.05 -2.04
CA VAL D 91 13.23 30.31 -1.38
C VAL D 91 14.38 31.28 -1.46
N MET D 92 15.59 30.76 -1.66
CA MET D 92 16.76 31.63 -1.76
C MET D 92 16.70 32.43 -3.06
N MET D 93 16.03 31.88 -4.05
CA MET D 93 15.93 32.53 -5.34
C MET D 93 14.79 33.52 -5.30
N LEU D 94 14.27 33.72 -4.11
CA LEU D 94 13.21 34.68 -3.89
C LEU D 94 13.83 35.80 -3.05
N MET D 95 14.73 35.41 -2.14
CA MET D 95 15.41 36.34 -1.25
C MET D 95 16.39 37.17 -2.06
N PHE D 96 17.32 36.47 -2.70
CA PHE D 96 18.34 37.11 -3.50
C PHE D 96 17.76 37.61 -4.80
N ASP D 97 18.14 38.80 -5.21
CA ASP D 97 17.61 39.35 -6.44
C ASP D 97 17.98 38.56 -7.68
N ARG D 98 19.16 37.96 -7.68
CA ARG D 98 19.57 37.16 -8.82
C ARG D 98 20.19 35.88 -8.32
N SER D 99 19.95 34.79 -9.03
CA SER D 99 20.52 33.48 -8.70
C SER D 99 21.58 33.27 -9.77
N VAL D 100 22.60 32.52 -9.44
CA VAL D 100 23.63 32.28 -10.40
C VAL D 100 24.22 30.94 -10.15
N PHE D 101 23.96 30.04 -11.08
CA PHE D 101 24.47 28.70 -11.05
C PHE D 101 25.33 28.47 -12.29
N PHE D 102 25.91 27.28 -12.44
CA PHE D 102 26.76 27.01 -13.58
C PHE D 102 26.61 25.62 -14.15
N PRO D 103 25.69 25.45 -15.11
CA PRO D 103 25.54 24.11 -15.67
C PRO D 103 26.87 23.60 -16.23
N PRO D 104 27.08 22.28 -16.24
CA PRO D 104 26.08 21.34 -15.75
C PRO D 104 25.93 21.51 -14.23
N THR D 105 24.69 21.58 -13.77
CA THR D 105 24.44 21.75 -12.36
C THR D 105 23.11 21.12 -12.00
N TYR D 106 22.67 21.34 -10.75
CA TYR D 106 21.40 20.77 -10.31
C TYR D 106 20.31 21.31 -11.22
N SER D 107 19.84 20.42 -12.09
CA SER D 107 18.82 20.72 -13.08
C SER D 107 17.65 21.55 -12.57
N CYS D 108 17.41 21.53 -11.26
CA CYS D 108 16.29 22.29 -10.70
C CYS D 108 16.61 23.75 -10.34
N TYR D 109 17.86 24.16 -10.55
CA TYR D 109 18.22 25.54 -10.26
C TYR D 109 17.53 26.42 -11.29
N ARG D 110 17.61 25.98 -12.54
CA ARG D 110 17.03 26.69 -13.64
C ARG D 110 15.51 26.71 -13.59
N ILE D 111 14.89 25.52 -13.43
CA ILE D 111 13.42 25.46 -13.41
C ILE D 111 12.86 26.18 -12.20
N PHE D 112 13.51 26.03 -11.05
CA PHE D 112 13.00 26.72 -9.88
C PHE D 112 13.11 28.22 -10.09
N ALA D 113 14.18 28.64 -10.75
CA ALA D 113 14.40 30.06 -11.01
C ALA D 113 13.37 30.55 -12.03
N LYS D 114 13.21 29.80 -13.12
CA LYS D 114 12.25 30.16 -14.16
C LYS D 114 10.86 30.16 -13.52
N ALA D 115 10.61 29.15 -12.71
CA ALA D 115 9.34 28.98 -12.02
C ALA D 115 8.94 30.18 -11.18
N VAL D 116 9.89 30.73 -10.44
CA VAL D 116 9.62 31.86 -9.58
C VAL D 116 9.87 33.21 -10.25
N GLY D 117 10.32 33.17 -11.51
CA GLY D 117 10.59 34.39 -12.24
C GLY D 117 11.87 35.08 -11.81
N ALA D 118 12.67 34.36 -11.04
CA ALA D 118 13.94 34.90 -10.55
C ALA D 118 14.93 35.09 -11.68
N LYS D 119 15.71 36.16 -11.60
CA LYS D 119 16.69 36.43 -12.62
C LYS D 119 17.85 35.50 -12.24
N PHE D 120 18.44 34.82 -13.23
CA PHE D 120 19.55 33.92 -12.93
C PHE D 120 20.78 34.08 -13.82
N LEU D 121 21.97 33.87 -13.25
CA LEU D 121 23.18 33.99 -14.04
C LEU D 121 23.64 32.62 -14.43
N GLU D 122 23.20 32.17 -15.59
CA GLU D 122 23.55 30.86 -16.09
C GLU D 122 24.84 30.91 -16.90
N VAL D 123 25.92 30.41 -16.31
CA VAL D 123 27.20 30.40 -16.98
C VAL D 123 27.80 28.99 -16.92
N PRO D 124 28.07 28.37 -18.09
CA PRO D 124 28.64 27.03 -18.23
C PRO D 124 30.00 26.84 -17.56
N LEU D 125 30.13 25.77 -16.80
CA LEU D 125 31.38 25.46 -16.13
C LEU D 125 32.46 25.30 -17.19
N THR D 126 33.71 25.48 -16.78
CA THR D 126 34.83 25.36 -17.69
C THR D 126 34.95 23.92 -18.16
N LYS D 127 35.90 23.65 -19.04
CA LYS D 127 36.13 22.30 -19.53
C LYS D 127 36.51 21.43 -18.33
N ASP D 128 37.29 22.01 -17.42
CA ASP D 128 37.75 21.31 -16.23
C ASP D 128 36.74 21.30 -15.09
N LEU D 129 35.54 21.80 -15.36
CA LEU D 129 34.45 21.85 -14.38
C LEU D 129 34.68 22.88 -13.29
N ARG D 130 35.60 23.81 -13.51
CA ARG D 130 35.89 24.82 -12.51
C ARG D 130 34.95 26.02 -12.67
N ILE D 131 34.66 26.73 -11.58
CA ILE D 131 33.77 27.87 -11.66
C ILE D 131 34.36 28.93 -12.58
N PRO D 132 33.56 29.38 -13.55
CA PRO D 132 33.96 30.38 -14.54
C PRO D 132 34.04 31.80 -13.99
N GLU D 133 34.61 32.70 -14.77
CA GLU D 133 34.69 34.10 -14.38
C GLU D 133 33.24 34.56 -14.44
N VAL D 134 32.82 35.37 -13.48
CA VAL D 134 31.44 35.80 -13.51
C VAL D 134 31.26 37.16 -12.87
N ASN D 135 30.25 37.89 -13.32
CA ASN D 135 29.92 39.20 -12.75
C ASN D 135 28.86 38.90 -11.70
N VAL D 136 29.31 38.52 -10.52
CA VAL D 136 28.43 38.21 -9.42
C VAL D 136 28.88 39.03 -8.21
N GLY D 137 28.12 38.98 -7.11
CA GLY D 137 28.51 39.74 -5.93
C GLY D 137 27.33 40.02 -5.02
N GLU D 138 27.46 40.99 -4.13
CA GLU D 138 26.36 41.32 -3.24
C GLU D 138 25.09 41.32 -4.08
N GLY D 139 23.98 40.87 -3.51
CA GLY D 139 22.72 40.84 -4.23
C GLY D 139 22.48 39.55 -4.98
N ASP D 140 23.55 38.80 -5.17
CA ASP D 140 23.47 37.54 -5.87
C ASP D 140 23.61 36.34 -4.96
N VAL D 141 23.04 35.23 -5.43
CA VAL D 141 23.11 33.97 -4.72
C VAL D 141 23.65 33.02 -5.76
N VAL D 142 24.76 32.39 -5.42
CA VAL D 142 25.43 31.44 -6.31
C VAL D 142 25.27 30.03 -5.75
N PHE D 143 24.40 29.23 -6.37
CA PHE D 143 24.18 27.86 -5.92
C PHE D 143 25.32 26.98 -6.37
N ILE D 144 26.22 26.69 -5.46
CA ILE D 144 27.34 25.84 -5.79
C ILE D 144 27.12 24.50 -5.14
N PRO D 145 26.68 23.52 -5.93
CA PRO D 145 26.50 22.23 -5.29
C PRO D 145 27.89 21.64 -5.20
N ASN D 146 28.23 21.03 -4.08
CA ASN D 146 29.54 20.46 -3.91
C ASN D 146 29.48 19.31 -2.92
N PRO D 147 29.54 18.07 -3.43
CA PRO D 147 29.66 17.65 -4.82
C PRO D 147 28.58 18.22 -5.74
N ASN D 148 29.04 18.68 -6.89
CA ASN D 148 28.16 19.26 -7.88
C ASN D 148 27.28 18.18 -8.47
N ASN D 149 26.18 18.59 -9.09
CA ASN D 149 25.23 17.66 -9.72
C ASN D 149 25.23 18.04 -11.17
N PRO D 150 25.25 17.08 -12.10
CA PRO D 150 25.45 15.63 -11.94
C PRO D 150 26.88 15.14 -12.09
N THR D 151 27.82 16.08 -12.16
CA THR D 151 29.20 15.68 -12.29
C THR D 151 29.63 14.99 -11.01
N GLY D 152 29.12 15.47 -9.89
CA GLY D 152 29.48 14.88 -8.61
C GLY D 152 30.91 15.18 -8.21
N HIS D 153 31.56 16.11 -8.90
CA HIS D 153 32.94 16.46 -8.55
C HIS D 153 32.91 17.52 -7.49
N VAL D 154 33.98 17.60 -6.71
CA VAL D 154 34.06 18.56 -5.63
C VAL D 154 34.68 19.87 -6.09
N PHE D 155 34.13 20.99 -5.61
CA PHE D 155 34.67 22.28 -5.98
C PHE D 155 35.74 22.63 -4.97
N GLU D 156 36.88 23.14 -5.43
CA GLU D 156 37.97 23.49 -4.53
C GLU D 156 37.70 24.75 -3.68
N ARG D 157 38.11 24.70 -2.42
CA ARG D 157 37.89 25.82 -1.52
C ARG D 157 38.24 27.19 -2.11
N GLU D 158 39.26 27.25 -2.95
CA GLU D 158 39.61 28.54 -3.56
C GLU D 158 38.49 29.00 -4.47
N GLU D 159 37.87 28.07 -5.17
CA GLU D 159 36.77 28.40 -6.05
C GLU D 159 35.64 28.99 -5.22
N ILE D 160 35.14 28.23 -4.26
CA ILE D 160 34.07 28.73 -3.42
C ILE D 160 34.45 30.11 -2.92
N GLU D 161 35.62 30.20 -2.28
CA GLU D 161 36.10 31.48 -1.75
C GLU D 161 36.23 32.61 -2.78
N ARG D 162 36.71 32.30 -3.97
CA ARG D 162 36.84 33.33 -4.98
C ARG D 162 35.48 34.02 -5.14
N ILE D 163 34.42 33.22 -5.18
CA ILE D 163 33.06 33.76 -5.31
C ILE D 163 32.68 34.41 -3.99
N LEU D 164 33.14 33.83 -2.89
CA LEU D 164 32.82 34.35 -1.57
C LEU D 164 33.41 35.75 -1.29
N LYS D 165 34.52 36.08 -1.96
CA LYS D 165 35.15 37.38 -1.78
C LYS D 165 34.47 38.37 -2.70
N THR D 166 33.49 37.87 -3.43
CA THR D 166 32.73 38.68 -4.37
C THR D 166 31.55 39.33 -3.70
N GLY D 167 31.25 38.90 -2.49
CA GLY D 167 30.12 39.45 -1.78
C GLY D 167 28.91 38.61 -2.12
N ALA D 168 28.93 38.07 -3.34
CA ALA D 168 27.83 37.22 -3.78
C ALA D 168 27.64 36.16 -2.69
N PHE D 169 26.40 35.80 -2.43
CA PHE D 169 26.11 34.80 -1.41
C PHE D 169 26.25 33.40 -2.02
N VAL D 170 27.14 32.60 -1.45
CA VAL D 170 27.37 31.26 -1.96
C VAL D 170 26.43 30.26 -1.30
N ALA D 171 25.49 29.74 -2.08
CA ALA D 171 24.56 28.75 -1.60
C ALA D 171 25.22 27.44 -1.97
N LEU D 172 26.04 26.93 -1.06
CA LEU D 172 26.77 25.68 -1.28
C LEU D 172 25.84 24.53 -1.07
N ASP D 173 25.35 23.95 -2.15
CA ASP D 173 24.42 22.82 -2.06
C ASP D 173 25.20 21.56 -1.69
N GLU D 174 25.18 21.20 -0.40
CA GLU D 174 25.87 20.00 0.07
C GLU D 174 24.96 18.78 0.25
N ALA D 175 23.99 18.65 -0.64
CA ALA D 175 23.03 17.56 -0.62
C ALA D 175 23.71 16.20 -0.63
N TYR D 176 24.82 16.11 -1.35
CA TYR D 176 25.54 14.86 -1.46
C TYR D 176 26.72 14.78 -0.50
N TYR D 177 26.71 15.67 0.49
CA TYR D 177 27.77 15.74 1.47
C TYR D 177 28.18 14.41 2.10
N GLU D 178 27.19 13.66 2.58
CA GLU D 178 27.46 12.39 3.24
C GLU D 178 28.31 11.46 2.39
N PHE D 179 28.15 11.52 1.07
CA PHE D 179 28.93 10.64 0.22
C PHE D 179 30.28 11.27 -0.11
N HIS D 180 30.45 12.53 0.22
CA HIS D 180 31.72 13.19 -0.04
C HIS D 180 32.59 13.11 1.20
N GLY D 181 32.04 13.59 2.31
CA GLY D 181 32.75 13.59 3.58
C GLY D 181 33.23 14.95 4.08
N GLU D 182 33.89 15.69 3.21
CA GLU D 182 34.41 17.01 3.56
C GLU D 182 33.35 18.08 3.30
N SER D 183 32.82 18.69 4.36
CA SER D 183 31.81 19.73 4.19
C SER D 183 32.49 21.08 4.17
N TYR D 184 31.70 22.14 4.03
CA TYR D 184 32.25 23.47 4.00
C TYR D 184 31.59 24.35 5.04
N VAL D 185 31.04 23.75 6.08
CA VAL D 185 30.42 24.55 7.11
C VAL D 185 31.45 25.39 7.85
N ASP D 186 32.63 24.82 8.09
CA ASP D 186 33.68 25.54 8.80
C ASP D 186 33.87 26.96 8.25
N PHE D 187 33.81 27.12 6.94
CA PHE D 187 33.97 28.44 6.33
C PHE D 187 33.03 29.47 6.95
N LEU D 188 31.94 29.01 7.56
CA LEU D 188 31.03 29.96 8.18
C LEU D 188 31.72 30.75 9.26
N LYS D 189 32.87 30.25 9.72
CA LYS D 189 33.64 30.92 10.76
C LYS D 189 34.13 32.29 10.33
N LYS D 190 34.48 32.44 9.05
CA LYS D 190 34.97 33.71 8.56
C LYS D 190 33.98 34.39 7.60
N TYR D 191 33.49 33.64 6.62
CA TYR D 191 32.53 34.21 5.68
C TYR D 191 31.12 34.24 6.24
N GLU D 192 30.41 35.31 5.94
CA GLU D 192 29.03 35.46 6.40
C GLU D 192 28.10 35.18 5.25
N ASN D 193 28.51 35.57 4.06
CA ASN D 193 27.68 35.37 2.87
C ASN D 193 27.71 33.93 2.35
N LEU D 194 27.76 32.98 3.27
CA LEU D 194 27.79 31.55 2.95
C LEU D 194 26.66 30.80 3.63
N ALA D 195 26.27 29.69 3.02
CA ALA D 195 25.21 28.84 3.53
C ALA D 195 25.31 27.50 2.83
N VAL D 196 25.06 26.41 3.56
CA VAL D 196 25.14 25.10 2.93
C VAL D 196 23.81 24.40 3.09
N ILE D 197 23.31 23.86 1.98
CA ILE D 197 22.05 23.14 2.02
C ILE D 197 22.39 21.66 2.11
N ARG D 198 21.76 20.98 3.05
CA ARG D 198 22.01 19.56 3.22
C ARG D 198 20.67 18.88 3.27
N THR D 199 20.65 17.59 2.97
CA THR D 199 19.41 16.86 2.96
C THR D 199 19.46 15.51 3.63
N PHE D 200 18.29 14.89 3.68
CA PHE D 200 18.08 13.57 4.24
C PHE D 200 17.56 12.69 3.12
N SER D 201 17.50 13.23 1.90
CA SER D 201 16.97 12.47 0.78
C SER D 201 17.93 11.43 0.28
N LYS D 202 19.19 11.79 0.31
CA LYS D 202 20.23 10.93 -0.20
C LYS D 202 20.71 9.90 0.77
N ALA D 203 21.56 10.32 1.71
CA ALA D 203 22.12 9.40 2.68
C ALA D 203 21.11 8.73 3.62
N PHE D 204 20.14 9.49 4.10
CA PHE D 204 19.16 8.97 5.05
C PHE D 204 17.92 8.34 4.45
N SER D 205 17.89 8.23 3.13
CA SER D 205 16.76 7.62 2.42
C SER D 205 15.42 8.18 2.89
N LEU D 206 15.27 9.50 2.86
CA LEU D 206 14.04 10.12 3.30
C LEU D 206 13.61 11.16 2.28
N ALA D 207 13.92 10.88 1.01
CA ALA D 207 13.59 11.80 -0.07
C ALA D 207 12.11 12.08 -0.09
N ALA D 208 11.31 11.10 0.29
CA ALA D 208 9.88 11.30 0.26
C ALA D 208 9.35 12.04 1.46
N GLN D 209 10.21 12.34 2.43
CA GLN D 209 9.80 13.09 3.63
C GLN D 209 10.26 14.53 3.52
N ARG D 210 10.99 14.81 2.47
CA ARG D 210 11.46 16.15 2.17
C ARG D 210 12.01 16.96 3.34
N VAL D 211 13.13 16.54 3.92
CA VAL D 211 13.71 17.29 5.03
C VAL D 211 15.08 17.73 4.64
N GLY D 212 15.26 19.03 4.58
CA GLY D 212 16.55 19.58 4.21
C GLY D 212 16.96 20.70 5.14
N TYR D 213 18.20 20.66 5.59
CA TYR D 213 18.62 21.71 6.49
C TYR D 213 19.56 22.69 5.84
N VAL D 214 19.43 23.96 6.25
CA VAL D 214 20.26 25.07 5.79
C VAL D 214 21.13 25.40 6.98
N VAL D 215 22.40 25.71 6.72
CA VAL D 215 23.30 26.08 7.79
C VAL D 215 23.96 27.35 7.31
N ALA D 216 23.66 28.45 7.98
CA ALA D 216 24.20 29.74 7.57
C ALA D 216 24.44 30.67 8.73
N SER D 217 24.88 31.88 8.40
CA SER D 217 25.13 32.92 9.38
C SER D 217 23.81 33.16 10.13
N GLU D 218 23.88 33.71 11.33
CA GLU D 218 22.65 33.96 12.08
C GLU D 218 21.71 34.83 11.26
N LYS D 219 22.24 35.93 10.74
CA LYS D 219 21.42 36.84 9.95
C LYS D 219 20.77 36.13 8.80
N PHE D 220 21.48 35.23 8.14
CA PHE D 220 20.86 34.53 7.03
C PHE D 220 19.69 33.67 7.51
N ILE D 221 19.98 32.81 8.48
CA ILE D 221 18.95 31.93 9.02
C ILE D 221 17.71 32.77 9.28
N ASP D 222 17.92 33.94 9.86
CA ASP D 222 16.84 34.86 10.18
C ASP D 222 16.07 35.21 8.91
N ALA D 223 16.78 35.73 7.93
CA ALA D 223 16.16 36.10 6.66
C ALA D 223 15.45 34.91 6.06
N TYR D 224 16.18 33.81 5.93
CA TYR D 224 15.62 32.59 5.38
C TYR D 224 14.31 32.25 6.09
N ASN D 225 14.38 32.20 7.42
CA ASN D 225 13.25 31.84 8.24
C ASN D 225 12.00 32.70 8.11
N ARG D 226 12.13 33.89 7.57
CA ARG D 226 10.93 34.69 7.44
C ARG D 226 10.45 34.79 6.01
N VAL D 227 11.30 34.43 5.07
CA VAL D 227 10.90 34.48 3.66
C VAL D 227 10.34 33.14 3.25
N ARG D 228 10.46 32.15 4.14
CA ARG D 228 9.97 30.79 3.88
C ARG D 228 8.69 30.51 4.66
N LEU D 229 8.06 29.39 4.35
CA LEU D 229 6.85 28.99 5.05
C LEU D 229 7.23 28.62 6.49
N PRO D 230 6.55 29.19 7.48
CA PRO D 230 6.85 28.90 8.89
C PRO D 230 6.83 27.40 9.19
N PHE D 231 6.00 26.68 8.46
CA PHE D 231 5.87 25.24 8.61
C PHE D 231 6.08 24.56 7.26
N ASN D 232 7.29 24.08 7.03
CA ASN D 232 7.57 23.39 5.77
C ASN D 232 7.68 21.91 6.04
N VAL D 233 8.49 21.55 7.02
CA VAL D 233 8.70 20.15 7.37
C VAL D 233 7.62 19.58 8.29
N SER D 234 7.03 18.46 7.88
CA SER D 234 5.98 17.82 8.66
C SER D 234 6.50 17.21 9.94
N TYR D 235 5.59 16.94 10.86
CA TYR D 235 5.92 16.35 12.16
C TYR D 235 6.65 15.04 11.88
N VAL D 236 5.95 14.10 11.26
CA VAL D 236 6.57 12.82 10.95
C VAL D 236 7.89 13.02 10.23
N SER D 237 7.94 13.92 9.25
CA SER D 237 9.18 14.13 8.54
C SER D 237 10.25 14.39 9.58
N GLN D 238 10.17 15.52 10.26
CA GLN D 238 11.15 15.84 11.26
C GLN D 238 11.39 14.62 12.12
N MET D 239 10.32 13.93 12.47
CA MET D 239 10.48 12.74 13.29
C MET D 239 11.37 11.73 12.59
N PHE D 240 11.25 11.67 11.27
CA PHE D 240 12.09 10.76 10.49
C PHE D 240 13.49 11.35 10.52
N ALA D 241 13.55 12.66 10.29
CA ALA D 241 14.82 13.35 10.30
C ALA D 241 15.53 13.11 11.63
N LYS D 242 14.77 13.20 12.73
CA LYS D 242 15.35 13.01 14.06
C LYS D 242 15.81 11.59 14.33
N VAL D 243 14.91 10.60 14.23
CA VAL D 243 15.36 9.25 14.50
C VAL D 243 16.55 8.91 13.61
N ALA D 244 16.51 9.38 12.37
CA ALA D 244 17.59 9.14 11.45
C ALA D 244 18.93 9.55 12.03
N LEU D 245 18.97 10.72 12.66
CA LEU D 245 20.20 11.26 13.23
C LEU D 245 20.72 10.51 14.47
N ASP D 246 19.80 10.01 15.30
CA ASP D 246 20.20 9.28 16.51
C ASP D 246 20.88 7.96 16.12
N HIS D 247 20.32 7.28 15.13
CA HIS D 247 20.87 6.02 14.64
C HIS D 247 21.64 6.27 13.35
N ARG D 248 22.50 7.28 13.34
CA ARG D 248 23.28 7.58 12.15
C ARG D 248 24.15 6.38 11.83
N GLU D 249 24.34 5.53 12.84
CA GLU D 249 25.13 4.32 12.69
C GLU D 249 24.77 3.68 11.36
N ILE D 250 23.52 3.25 11.25
CA ILE D 250 22.99 2.61 10.05
C ILE D 250 23.50 3.27 8.76
N PHE D 251 22.99 4.47 8.53
CA PHE D 251 23.29 5.29 7.37
C PHE D 251 24.73 5.45 7.00
N GLU D 252 25.58 5.73 7.99
CA GLU D 252 27.00 5.90 7.70
C GLU D 252 27.48 4.68 6.93
N GLU D 253 26.91 3.53 7.25
CA GLU D 253 27.27 2.27 6.60
C GLU D 253 26.59 2.14 5.25
N ARG D 254 25.35 2.61 5.12
CA ARG D 254 24.65 2.55 3.86
C ARG D 254 25.49 3.43 2.94
N THR D 255 25.97 4.52 3.52
CA THR D 255 26.79 5.46 2.78
C THR D 255 28.18 4.87 2.53
N LYS D 256 28.66 4.03 3.45
CA LYS D 256 29.99 3.42 3.29
C LYS D 256 29.89 2.55 2.07
N PHE D 257 28.72 1.94 1.92
CA PHE D 257 28.40 1.06 0.83
C PHE D 257 28.28 1.76 -0.53
N ILE D 258 27.48 2.84 -0.58
CA ILE D 258 27.30 3.57 -1.84
C ILE D 258 28.63 4.08 -2.36
N VAL D 259 29.42 4.67 -1.48
CA VAL D 259 30.71 5.19 -1.88
C VAL D 259 31.55 4.02 -2.40
N GLU D 260 31.69 2.97 -1.58
CA GLU D 260 32.46 1.81 -1.99
C GLU D 260 31.88 1.24 -3.27
N GLU D 261 30.58 1.45 -3.46
CA GLU D 261 29.93 0.96 -4.65
C GLU D 261 30.13 1.95 -5.80
N ARG D 262 30.16 3.23 -5.49
CA ARG D 262 30.37 4.24 -6.51
C ARG D 262 31.77 4.07 -7.07
N GLU D 263 32.75 3.90 -6.17
CA GLU D 263 34.13 3.74 -6.61
C GLU D 263 34.31 2.45 -7.40
N ARG D 264 33.55 1.40 -7.03
CA ARG D 264 33.65 0.13 -7.74
C ARG D 264 33.17 0.35 -9.16
N MET D 265 32.01 0.98 -9.28
CA MET D 265 31.42 1.29 -10.57
C MET D 265 32.33 2.21 -11.37
N LYS D 266 32.78 3.27 -10.70
CA LYS D 266 33.67 4.26 -11.28
C LYS D 266 34.96 3.66 -11.84
N SER D 267 35.38 2.54 -11.27
CA SER D 267 36.57 1.85 -11.75
C SER D 267 36.15 0.99 -12.92
N ALA D 268 35.08 0.24 -12.74
CA ALA D 268 34.59 -0.63 -13.79
C ALA D 268 34.31 0.19 -15.04
N LEU D 269 33.92 1.43 -14.84
CA LEU D 269 33.59 2.32 -15.93
C LEU D 269 34.82 2.85 -16.65
N ARG D 270 35.86 3.25 -15.90
CA ARG D 270 37.06 3.74 -16.55
C ARG D 270 37.60 2.60 -17.41
N GLU D 271 37.69 1.43 -16.77
CA GLU D 271 38.18 0.21 -17.42
C GLU D 271 37.44 -0.07 -18.73
N MET D 272 36.17 0.30 -18.79
CA MET D 272 35.39 0.10 -20.00
C MET D 272 35.58 1.26 -20.99
N GLY D 273 36.53 2.14 -20.68
CA GLY D 273 36.82 3.27 -21.56
C GLY D 273 35.87 4.44 -21.44
N TYR D 274 34.96 4.36 -20.48
CA TYR D 274 33.98 5.41 -20.30
C TYR D 274 34.57 6.61 -19.60
N ARG D 275 34.59 7.73 -20.32
CA ARG D 275 35.09 8.98 -19.78
C ARG D 275 34.07 9.43 -18.72
N ILE D 276 34.48 9.50 -17.46
CA ILE D 276 33.58 9.91 -16.39
C ILE D 276 34.18 10.91 -15.40
N THR D 277 33.36 11.37 -14.47
CA THR D 277 33.77 12.35 -13.48
C THR D 277 34.20 11.72 -12.19
N ASP D 278 35.12 12.37 -11.47
CA ASP D 278 35.56 11.86 -10.18
C ASP D 278 34.49 12.37 -9.25
N SER D 279 33.36 11.70 -9.30
CA SER D 279 32.18 12.05 -8.53
C SER D 279 32.16 11.55 -7.08
N ARG D 280 32.15 12.47 -6.12
CA ARG D 280 32.09 12.05 -4.74
C ARG D 280 30.64 12.08 -4.22
N GLY D 281 29.68 11.95 -5.14
CA GLY D 281 28.29 11.91 -4.74
C GLY D 281 27.79 10.48 -4.75
N ASN D 282 26.51 10.25 -4.48
CA ASN D 282 26.02 8.90 -4.49
C ASN D 282 25.56 8.55 -5.89
N PHE D 283 26.45 8.79 -6.85
CA PHE D 283 26.16 8.52 -8.26
C PHE D 283 27.44 8.72 -9.01
N VAL D 284 27.44 8.31 -10.27
CA VAL D 284 28.61 8.48 -11.11
C VAL D 284 28.07 9.10 -12.37
N PHE D 285 28.83 9.99 -13.00
CA PHE D 285 28.39 10.63 -14.23
C PHE D 285 29.23 10.11 -15.39
N VAL D 286 28.54 9.70 -16.45
CA VAL D 286 29.20 9.17 -17.62
C VAL D 286 29.05 10.08 -18.83
N PHE D 287 30.16 10.45 -19.45
CA PHE D 287 30.10 11.34 -20.61
C PHE D 287 29.77 10.58 -21.89
N MET D 288 28.81 11.12 -22.64
CA MET D 288 28.40 10.52 -23.90
C MET D 288 28.09 11.60 -24.93
N GLU D 289 28.05 11.20 -26.19
CA GLU D 289 27.74 12.14 -27.26
C GLU D 289 26.22 12.16 -27.31
N LYS D 290 25.64 13.15 -27.98
CA LYS D 290 24.20 13.24 -28.06
C LYS D 290 23.60 11.97 -28.67
N GLU D 291 23.98 11.65 -29.90
CA GLU D 291 23.48 10.45 -30.56
C GLU D 291 23.81 9.21 -29.76
N GLU D 292 25.03 9.16 -29.24
CA GLU D 292 25.48 8.00 -28.46
C GLU D 292 24.56 7.83 -27.26
N LYS D 293 24.62 8.77 -26.34
CA LYS D 293 23.78 8.72 -25.15
C LYS D 293 22.33 8.41 -25.48
N GLU D 294 21.74 9.19 -26.38
CA GLU D 294 20.36 9.00 -26.73
C GLU D 294 19.96 7.54 -27.00
N ARG D 295 20.80 6.81 -27.72
CA ARG D 295 20.44 5.43 -28.02
C ARG D 295 20.76 4.50 -26.84
N LEU D 296 21.63 4.93 -25.93
CA LEU D 296 21.95 4.11 -24.77
C LEU D 296 20.71 4.10 -23.91
N LEU D 297 20.06 5.24 -23.83
CA LEU D 297 18.84 5.37 -23.04
C LEU D 297 17.74 4.59 -23.72
N GLU D 298 17.83 4.49 -25.04
CA GLU D 298 16.83 3.75 -25.78
C GLU D 298 16.84 2.34 -25.24
N HIS D 299 18.00 1.73 -25.14
CA HIS D 299 17.99 0.37 -24.63
C HIS D 299 18.05 0.17 -23.13
N LEU D 300 18.24 1.24 -22.35
CA LEU D 300 18.24 1.05 -20.91
C LEU D 300 16.77 1.05 -20.45
N ARG D 301 15.90 1.74 -21.19
CA ARG D 301 14.46 1.80 -20.87
C ARG D 301 13.85 0.44 -21.18
N THR D 302 14.45 -0.26 -22.14
CA THR D 302 13.98 -1.57 -22.59
C THR D 302 14.39 -2.63 -21.60
N LYS D 303 15.51 -2.38 -20.92
CA LYS D 303 16.03 -3.30 -19.92
C LYS D 303 15.64 -2.73 -18.54
N ASN D 304 14.55 -1.97 -18.54
CA ASN D 304 14.02 -1.35 -17.34
C ASN D 304 15.03 -0.71 -16.38
N VAL D 305 15.91 0.12 -16.93
CA VAL D 305 16.88 0.83 -16.12
C VAL D 305 16.94 2.28 -16.58
N ALA D 306 16.51 3.19 -15.71
CA ALA D 306 16.48 4.62 -16.00
C ALA D 306 17.70 5.27 -15.39
N VAL D 307 18.22 6.28 -16.06
CA VAL D 307 19.39 6.98 -15.58
C VAL D 307 19.04 8.42 -15.88
N ARG D 308 19.64 9.36 -15.18
CA ARG D 308 19.34 10.77 -15.44
C ARG D 308 20.22 11.28 -16.58
N SER D 309 19.60 11.90 -17.59
CA SER D 309 20.35 12.43 -18.73
C SER D 309 20.53 13.94 -18.77
N PHE D 310 21.77 14.35 -19.04
CA PHE D 310 22.12 15.76 -19.13
C PHE D 310 22.84 15.92 -20.47
N ARG D 311 23.06 17.16 -20.91
CA ARG D 311 23.73 17.43 -22.17
C ARG D 311 25.01 16.61 -22.34
N GLU D 312 25.93 16.79 -21.41
CA GLU D 312 27.20 16.11 -21.48
C GLU D 312 27.13 14.60 -21.30
N GLY D 313 25.94 14.04 -21.12
CA GLY D 313 25.84 12.60 -20.95
C GLY D 313 24.77 12.10 -20.00
N VAL D 314 25.14 11.17 -19.10
CA VAL D 314 24.20 10.58 -18.14
C VAL D 314 24.75 10.41 -16.71
N ARG D 315 23.90 10.71 -15.73
CA ARG D 315 24.26 10.59 -14.32
C ARG D 315 23.57 9.35 -13.73
N ILE D 316 24.36 8.31 -13.58
CA ILE D 316 23.90 7.02 -13.06
C ILE D 316 24.00 6.95 -11.54
N THR D 317 22.86 6.72 -10.91
CA THR D 317 22.77 6.64 -9.46
C THR D 317 23.16 5.28 -8.89
N ILE D 318 23.98 5.29 -7.85
CA ILE D 318 24.40 4.03 -7.23
C ILE D 318 23.18 3.35 -6.62
N GLY D 319 23.05 2.05 -6.82
CA GLY D 319 21.90 1.31 -6.27
C GLY D 319 22.33 0.10 -5.50
N LYS D 320 21.63 -1.01 -5.65
CA LYS D 320 22.03 -2.22 -4.96
C LYS D 320 23.05 -2.96 -5.85
N ARG D 321 23.89 -3.80 -5.25
CA ARG D 321 24.90 -4.52 -6.03
C ARG D 321 24.37 -4.99 -7.36
N GLU D 322 23.20 -5.61 -7.34
CA GLU D 322 22.61 -6.13 -8.56
C GLU D 322 22.29 -4.98 -9.52
N GLU D 323 21.75 -3.89 -8.99
CA GLU D 323 21.40 -2.73 -9.81
C GLU D 323 22.63 -2.14 -10.48
N ASN D 324 23.71 -2.02 -9.73
CA ASN D 324 24.93 -1.48 -10.31
C ASN D 324 25.54 -2.51 -11.24
N ASP D 325 25.59 -3.77 -10.80
CA ASP D 325 26.10 -4.82 -11.66
C ASP D 325 25.26 -4.77 -12.92
N MET D 326 23.98 -4.43 -12.76
CA MET D 326 23.06 -4.31 -13.89
C MET D 326 23.75 -3.36 -14.85
N ILE D 327 23.71 -2.09 -14.49
CA ILE D 327 24.31 -1.04 -15.30
C ILE D 327 25.65 -1.40 -15.88
N LEU D 328 26.64 -1.61 -15.02
CA LEU D 328 27.99 -1.91 -15.50
C LEU D 328 27.96 -2.81 -16.70
N ARG D 329 27.11 -3.82 -16.60
CA ARG D 329 26.94 -4.81 -17.65
C ARG D 329 26.28 -4.26 -18.90
N GLU D 330 25.31 -3.36 -18.73
CA GLU D 330 24.63 -2.78 -19.87
C GLU D 330 25.56 -1.81 -20.55
N LEU D 331 26.58 -1.34 -19.82
CA LEU D 331 27.54 -0.41 -20.42
C LEU D 331 28.69 -1.23 -21.01
N GLU D 332 28.72 -2.50 -20.66
CA GLU D 332 29.72 -3.41 -21.16
C GLU D 332 29.30 -3.88 -22.56
N VAL D 333 28.02 -4.20 -22.70
CA VAL D 333 27.49 -4.66 -23.98
C VAL D 333 27.15 -3.47 -24.88
N PHE D 334 27.43 -2.28 -24.38
CA PHE D 334 27.14 -1.09 -25.15
C PHE D 334 28.33 -0.67 -26.00
N LYS D 335 29.50 -0.68 -25.39
CA LYS D 335 30.74 -0.32 -26.09
C LYS D 335 31.91 -0.91 -25.33
P PO4 E . -10.05 -19.50 9.01
O1 PO4 E . -8.61 -19.18 9.10
O2 PO4 E . -10.63 -18.86 7.81
O3 PO4 E . -10.74 -19.01 10.22
O4 PO4 E . -10.21 -20.97 8.91
P PO4 F . -2.48 -26.22 -10.13
O1 PO4 F . -1.21 -25.46 -10.04
O2 PO4 F . -2.99 -26.17 -11.54
O3 PO4 F . -3.48 -25.61 -9.23
O4 PO4 F . -2.25 -27.63 -9.73
P PO4 G . -2.50 25.00 6.11
O1 PO4 G . -1.46 24.53 5.16
O2 PO4 G . -3.83 24.84 5.48
O3 PO4 G . -2.28 26.44 6.43
O4 PO4 G . -2.41 24.20 7.35
P PO4 H . 15.94 17.24 -1.52
O1 PO4 H . 16.78 18.00 -2.51
O2 PO4 H . 14.62 17.91 -1.39
O3 PO4 H . 16.62 17.23 -0.21
O4 PO4 H . 15.75 15.86 -1.99
#